data_4HGR
#
_entry.id   4HGR
#
_cell.length_a   72.367
_cell.length_b   116.765
_cell.length_c   75.180
_cell.angle_alpha   90.00
_cell.angle_beta   93.09
_cell.angle_gamma   90.00
#
_symmetry.space_group_name_H-M   'P 1 21 1'
#
loop_
_entity.id
_entity.type
_entity.pdbx_description
1 polymer 'Acylneuraminate cytidylyltransferase'
2 non-polymer 'MAGNESIUM ION'
3 water water
#
_entity_poly.entity_id   1
_entity_poly.type   'polypeptide(L)'
_entity_poly.pdbx_seq_one_letter_code
;MKEIKLILTDIDGVWTDGGMFYDQTGNEWKKFNTSDSAGIFWAHNKGIPVGILTGAKTEIVRRRAEALKVDYLFQGVVDK
LSAAEELCNELGINLEQVAYIGDDLNDAKLLKRVGIAGVPASAPFYIRRLSTIFLEKRGGEGVFREFVEKVLGINLEDFI
AVIQ
;
_entity_poly.pdbx_strand_id   A,B,C,D,E,F,G,H
#
loop_
_chem_comp.id
_chem_comp.type
_chem_comp.name
_chem_comp.formula
MG non-polymer 'MAGNESIUM ION' 'Mg 2'
#
# COMPACT_ATOMS: atom_id res chain seq x y z
N MET A 1 -22.22 -17.97 -11.47
CA MET A 1 -22.31 -16.91 -12.48
C MET A 1 -23.47 -17.17 -13.44
N LYS A 2 -24.15 -16.10 -13.85
CA LYS A 2 -25.18 -16.24 -14.88
C LYS A 2 -24.53 -16.61 -16.20
N GLU A 3 -25.35 -17.12 -17.13
CA GLU A 3 -24.86 -17.63 -18.39
C GLU A 3 -24.45 -16.50 -19.34
N ILE A 4 -23.22 -16.60 -19.84
CA ILE A 4 -22.62 -15.61 -20.73
C ILE A 4 -22.24 -16.26 -22.06
N LYS A 5 -22.59 -15.61 -23.18
CA LYS A 5 -22.28 -16.13 -24.51
C LYS A 5 -21.39 -15.18 -25.32
N LEU A 6 -21.12 -14.00 -24.77
CA LEU A 6 -20.25 -13.02 -25.44
C LEU A 6 -19.57 -12.18 -24.39
N ILE A 7 -18.24 -12.09 -24.48
CA ILE A 7 -17.48 -11.18 -23.63
C ILE A 7 -17.05 -9.97 -24.43
N LEU A 8 -17.49 -8.79 -24.00
CA LEU A 8 -17.07 -7.55 -24.65
C LEU A 8 -16.15 -6.76 -23.74
N THR A 9 -15.25 -5.99 -24.33
CA THR A 9 -14.30 -5.24 -23.53
C THR A 9 -13.84 -3.94 -24.18
N ASP A 10 -13.71 -2.91 -23.36
CA ASP A 10 -13.08 -1.66 -23.74
C ASP A 10 -11.57 -1.88 -23.72
N ILE A 11 -10.76 -0.92 -24.20
CA ILE A 11 -9.31 -1.03 -24.11
C ILE A 11 -8.67 -0.13 -23.03
N ASP A 12 -8.61 1.17 -23.29
CA ASP A 12 -7.99 2.11 -22.37
C ASP A 12 -8.66 2.05 -21.00
N GLY A 13 -7.86 1.84 -19.95
CA GLY A 13 -8.41 1.76 -18.61
C GLY A 13 -8.78 0.35 -18.20
N VAL A 14 -8.69 -0.58 -19.14
CA VAL A 14 -8.98 -1.99 -18.87
C VAL A 14 -7.77 -2.88 -19.25
N TRP A 15 -7.42 -2.85 -20.53
CA TRP A 15 -6.25 -3.57 -21.04
C TRP A 15 -4.99 -2.76 -20.80
N THR A 16 -5.18 -1.49 -20.42
CA THR A 16 -4.09 -0.60 -20.05
C THR A 16 -4.51 0.16 -18.80
N ASP A 17 -3.57 0.84 -18.19
CA ASP A 17 -3.85 1.62 -16.99
C ASP A 17 -4.36 3.01 -17.32
N GLY A 18 -4.83 3.19 -18.55
CA GLY A 18 -5.28 4.49 -19.02
C GLY A 18 -4.17 5.29 -19.68
N GLY A 19 -2.95 4.78 -19.57
CA GLY A 19 -1.78 5.46 -20.12
C GLY A 19 -1.79 5.71 -21.63
N MET A 20 -1.53 6.95 -21.99
CA MET A 20 -1.42 7.37 -23.39
C MET A 20 -0.05 7.98 -23.63
N PHE A 21 0.80 7.28 -24.36
CA PHE A 21 2.16 7.74 -24.61
C PHE A 21 2.22 8.55 -25.90
N TYR A 22 2.68 9.80 -25.79
CA TYR A 22 2.86 10.72 -26.92
C TYR A 22 4.33 11.11 -27.02
N ASP A 23 4.89 11.11 -28.24
CA ASP A 23 6.26 11.58 -28.46
C ASP A 23 6.26 12.91 -29.20
N GLN A 24 7.44 13.37 -29.63
CA GLN A 24 7.54 14.67 -30.28
C GLN A 24 7.21 14.62 -31.76
N THR A 25 7.03 13.41 -32.31
CA THR A 25 6.92 13.24 -33.76
C THR A 25 5.53 12.83 -34.24
N GLY A 26 4.58 12.67 -33.33
CA GLY A 26 3.22 12.33 -33.72
C GLY A 26 2.89 10.85 -33.55
N ASN A 27 3.80 10.11 -32.92
CA ASN A 27 3.59 8.69 -32.67
C ASN A 27 2.84 8.53 -31.33
N GLU A 28 2.20 7.38 -31.15
CA GLU A 28 1.51 7.09 -29.89
C GLU A 28 1.74 5.64 -29.48
N TRP A 29 1.70 5.39 -28.17
CA TRP A 29 1.83 4.04 -27.65
C TRP A 29 0.72 3.68 -26.69
N LYS A 30 0.54 2.39 -26.47
CA LYS A 30 -0.24 1.91 -25.33
C LYS A 30 0.56 0.78 -24.70
N LYS A 31 0.40 0.60 -23.41
CA LYS A 31 1.06 -0.48 -22.72
C LYS A 31 0.06 -1.56 -22.33
N PHE A 32 0.14 -2.72 -22.99
CA PHE A 32 -0.69 -3.85 -22.61
C PHE A 32 0.01 -4.73 -21.60
N ASN A 33 -0.69 -5.76 -21.14
CA ASN A 33 -0.15 -6.75 -20.23
C ASN A 33 -0.34 -8.13 -20.84
N THR A 34 0.75 -8.91 -20.90
CA THR A 34 0.69 -10.23 -21.52
C THR A 34 -0.30 -11.10 -20.77
N SER A 35 -0.41 -10.86 -19.47
CA SER A 35 -1.35 -11.54 -18.60
C SER A 35 -2.76 -11.64 -19.20
N ASP A 36 -3.17 -10.60 -19.93
CA ASP A 36 -4.53 -10.54 -20.45
C ASP A 36 -4.76 -11.42 -21.68
N SER A 37 -3.69 -11.86 -22.33
CA SER A 37 -3.86 -12.80 -23.43
C SER A 37 -4.53 -14.10 -22.93
N ALA A 38 -4.29 -14.46 -21.67
CA ALA A 38 -4.89 -15.66 -21.09
C ALA A 38 -6.39 -15.53 -20.89
N GLY A 39 -6.87 -14.29 -20.87
CA GLY A 39 -8.31 -14.07 -20.81
C GLY A 39 -8.95 -14.53 -22.10
N ILE A 40 -8.26 -14.31 -23.22
CA ILE A 40 -8.72 -14.77 -24.53
C ILE A 40 -8.69 -16.29 -24.59
N PHE A 41 -7.56 -16.87 -24.16
CA PHE A 41 -7.42 -18.32 -24.06
C PHE A 41 -8.62 -18.95 -23.35
N TRP A 42 -8.88 -18.53 -22.11
CA TRP A 42 -9.99 -19.08 -21.33
C TRP A 42 -11.35 -18.89 -22.01
N ALA A 43 -11.60 -17.70 -22.56
CA ALA A 43 -12.86 -17.47 -23.26
C ALA A 43 -13.05 -18.48 -24.39
N HIS A 44 -12.03 -18.61 -25.23
CA HIS A 44 -12.07 -19.56 -26.33
C HIS A 44 -12.13 -21.02 -25.84
N ASN A 45 -11.51 -21.26 -24.69
CA ASN A 45 -11.53 -22.55 -24.03
C ASN A 45 -12.95 -22.94 -23.64
N LYS A 46 -13.76 -21.94 -23.31
CA LYS A 46 -15.14 -22.17 -22.87
C LYS A 46 -16.14 -21.91 -24.00
N GLY A 47 -15.64 -21.71 -25.22
CA GLY A 47 -16.50 -21.53 -26.38
C GLY A 47 -17.11 -20.15 -26.51
N ILE A 48 -16.44 -19.16 -25.91
CA ILE A 48 -16.98 -17.81 -25.84
C ILE A 48 -16.19 -16.83 -26.69
N PRO A 49 -16.83 -16.23 -27.70
CA PRO A 49 -16.19 -15.18 -28.50
C PRO A 49 -15.89 -13.91 -27.69
N VAL A 50 -14.84 -13.19 -28.08
CA VAL A 50 -14.48 -11.92 -27.44
C VAL A 50 -14.51 -10.79 -28.46
N GLY A 51 -15.14 -9.68 -28.07
CA GLY A 51 -15.22 -8.51 -28.91
C GLY A 51 -14.65 -7.30 -28.20
N ILE A 52 -14.02 -6.42 -28.98
CA ILE A 52 -13.46 -5.18 -28.47
C ILE A 52 -14.28 -4.02 -29.00
N LEU A 53 -14.71 -3.14 -28.10
CA LEU A 53 -15.28 -1.87 -28.51
C LEU A 53 -14.38 -0.75 -28.03
N THR A 54 -14.06 0.19 -28.89
CA THR A 54 -13.31 1.37 -28.46
C THR A 54 -13.70 2.63 -29.22
N GLY A 55 -13.71 3.76 -28.52
CA GLY A 55 -14.09 5.01 -29.12
C GLY A 55 -13.01 5.50 -30.07
N ALA A 56 -11.76 5.35 -29.66
CA ALA A 56 -10.64 5.73 -30.50
C ALA A 56 -10.52 4.80 -31.69
N LYS A 57 -9.59 5.09 -32.59
CA LYS A 57 -9.32 4.21 -33.72
C LYS A 57 -7.83 4.22 -34.01
N THR A 58 -7.11 3.28 -33.41
CA THR A 58 -5.67 3.24 -33.60
C THR A 58 -5.23 1.94 -34.24
N GLU A 59 -4.12 2.01 -34.95
CA GLU A 59 -3.45 0.82 -35.44
C GLU A 59 -2.90 0.06 -34.22
N ILE A 60 -2.64 0.80 -33.14
CA ILE A 60 -2.19 0.23 -31.87
C ILE A 60 -3.12 -0.90 -31.41
N VAL A 61 -4.42 -0.65 -31.43
CA VAL A 61 -5.40 -1.66 -31.01
C VAL A 61 -5.64 -2.76 -32.05
N ARG A 62 -5.64 -2.37 -33.32
CA ARG A 62 -5.82 -3.33 -34.41
C ARG A 62 -4.76 -4.43 -34.37
N ARG A 63 -3.50 -4.04 -34.30
CA ARG A 63 -2.40 -5.01 -34.24
C ARG A 63 -2.47 -5.91 -33.00
N ARG A 64 -2.70 -5.30 -31.84
CA ARG A 64 -2.80 -6.07 -30.60
C ARG A 64 -3.95 -7.07 -30.71
N ALA A 65 -5.07 -6.63 -31.26
CA ALA A 65 -6.23 -7.48 -31.42
C ALA A 65 -5.91 -8.70 -32.29
N GLU A 66 -5.14 -8.49 -33.35
CA GLU A 66 -4.78 -9.60 -34.23
C GLU A 66 -3.82 -10.56 -33.55
N ALA A 67 -2.86 -10.03 -32.79
CA ALA A 67 -1.92 -10.83 -32.04
C ALA A 67 -2.63 -11.76 -31.07
N LEU A 68 -3.72 -11.26 -30.49
CA LEU A 68 -4.47 -12.03 -29.51
C LEU A 68 -5.65 -12.81 -30.09
N LYS A 69 -5.76 -12.84 -31.41
CA LYS A 69 -6.83 -13.55 -32.11
C LYS A 69 -8.23 -13.21 -31.57
N VAL A 70 -8.46 -11.94 -31.27
CA VAL A 70 -9.78 -11.46 -30.86
C VAL A 70 -10.78 -11.65 -32.02
N ASP A 71 -11.99 -12.11 -31.70
CA ASP A 71 -12.99 -12.45 -32.71
C ASP A 71 -13.61 -11.22 -33.40
N TYR A 72 -13.89 -10.18 -32.62
CA TYR A 72 -14.57 -8.99 -33.13
C TYR A 72 -13.89 -7.73 -32.64
N LEU A 73 -13.70 -6.78 -33.56
CA LEU A 73 -13.02 -5.54 -33.26
C LEU A 73 -13.81 -4.37 -33.84
N PHE A 74 -14.25 -3.47 -32.98
CA PHE A 74 -15.04 -2.31 -33.40
C PHE A 74 -14.42 -1.01 -32.91
N GLN A 75 -13.78 -0.28 -33.81
CA GLN A 75 -13.15 0.98 -33.47
C GLN A 75 -13.94 2.16 -34.03
N GLY A 76 -13.69 3.34 -33.47
CA GLY A 76 -14.41 4.53 -33.87
C GLY A 76 -15.84 4.50 -33.35
N VAL A 77 -16.06 3.71 -32.31
CA VAL A 77 -17.40 3.53 -31.75
C VAL A 77 -17.79 4.70 -30.88
N VAL A 78 -18.85 5.40 -31.25
CA VAL A 78 -19.28 6.54 -30.45
C VAL A 78 -20.37 6.14 -29.45
N ASP A 79 -21.24 5.23 -29.89
CA ASP A 79 -22.28 4.66 -29.03
C ASP A 79 -22.01 3.17 -28.85
N LYS A 80 -21.43 2.80 -27.71
CA LYS A 80 -20.99 1.43 -27.48
C LYS A 80 -22.15 0.49 -27.24
N LEU A 81 -23.21 1.02 -26.64
CA LEU A 81 -24.42 0.22 -26.48
C LEU A 81 -24.97 -0.19 -27.85
N SER A 82 -25.11 0.81 -28.73
CA SER A 82 -25.57 0.55 -30.08
C SER A 82 -24.70 -0.48 -30.81
N ALA A 83 -23.39 -0.43 -30.56
CA ALA A 83 -22.46 -1.39 -31.17
C ALA A 83 -22.70 -2.79 -30.60
N ALA A 84 -22.78 -2.89 -29.27
CA ALA A 84 -23.05 -4.14 -28.61
C ALA A 84 -24.37 -4.77 -29.09
N GLU A 85 -25.38 -3.93 -29.22
CA GLU A 85 -26.72 -4.37 -29.56
C GLU A 85 -26.79 -4.92 -30.97
N GLU A 86 -26.04 -4.33 -31.89
CA GLU A 86 -26.01 -4.82 -33.26
C GLU A 86 -25.22 -6.14 -33.36
N LEU A 87 -24.12 -6.24 -32.63
CA LEU A 87 -23.33 -7.47 -32.67
C LEU A 87 -24.11 -8.62 -32.05
N CYS A 88 -24.90 -8.32 -31.02
CA CYS A 88 -25.75 -9.33 -30.41
C CYS A 88 -26.74 -9.84 -31.43
N ASN A 89 -27.35 -8.91 -32.16
CA ASN A 89 -28.30 -9.26 -33.21
C ASN A 89 -27.70 -10.15 -34.30
N GLU A 90 -26.45 -9.86 -34.71
CA GLU A 90 -25.81 -10.67 -35.72
C GLU A 90 -25.49 -12.06 -35.18
N LEU A 91 -25.23 -12.12 -33.88
CA LEU A 91 -24.92 -13.40 -33.22
C LEU A 91 -26.20 -14.10 -32.79
N GLY A 92 -27.30 -13.36 -32.78
CA GLY A 92 -28.59 -13.89 -32.37
C GLY A 92 -28.60 -14.17 -30.87
N ILE A 93 -27.91 -13.31 -30.13
CA ILE A 93 -27.77 -13.45 -28.69
C ILE A 93 -28.36 -12.21 -28.02
N ASN A 94 -28.66 -12.32 -26.72
CA ASN A 94 -29.23 -11.18 -25.99
C ASN A 94 -28.18 -10.41 -25.17
N LEU A 95 -28.53 -9.20 -24.72
CA LEU A 95 -27.60 -8.38 -23.92
C LEU A 95 -27.39 -8.92 -22.51
N GLU A 96 -28.42 -9.55 -21.95
CA GLU A 96 -28.31 -10.21 -20.64
C GLU A 96 -27.25 -11.33 -20.68
N GLN A 97 -26.93 -11.79 -21.87
CA GLN A 97 -25.98 -12.89 -22.04
C GLN A 97 -24.58 -12.37 -22.35
N VAL A 98 -24.37 -11.07 -22.14
CA VAL A 98 -23.11 -10.42 -22.46
C VAL A 98 -22.38 -10.00 -21.19
N ALA A 99 -21.07 -10.26 -21.16
CA ALA A 99 -20.23 -9.70 -20.11
C ALA A 99 -19.41 -8.56 -20.69
N TYR A 100 -19.58 -7.35 -20.15
CA TYR A 100 -18.79 -6.20 -20.64
C TYR A 100 -17.92 -5.62 -19.54
N ILE A 101 -16.69 -5.29 -19.88
CA ILE A 101 -15.83 -4.58 -18.94
C ILE A 101 -15.38 -3.22 -19.49
N GLY A 102 -15.60 -2.17 -18.70
CA GLY A 102 -15.27 -0.82 -19.10
C GLY A 102 -14.90 0.04 -17.91
N ASP A 103 -14.48 1.27 -18.15
CA ASP A 103 -13.92 2.09 -17.08
C ASP A 103 -14.34 3.56 -17.05
N ASP A 104 -15.03 4.04 -18.09
CA ASP A 104 -15.34 5.47 -18.13
C ASP A 104 -16.75 5.83 -18.60
N LEU A 105 -16.96 7.13 -18.79
CA LEU A 105 -18.27 7.69 -19.11
C LEU A 105 -18.97 6.99 -20.27
N ASN A 106 -18.25 6.81 -21.38
CA ASN A 106 -18.87 6.29 -22.59
C ASN A 106 -19.09 4.79 -22.55
N ASP A 107 -18.88 4.20 -21.38
CA ASP A 107 -19.06 2.76 -21.17
C ASP A 107 -20.29 2.50 -20.30
N ALA A 108 -20.83 3.58 -19.73
CA ALA A 108 -21.80 3.47 -18.64
C ALA A 108 -23.16 2.93 -19.07
N LYS A 109 -23.69 3.39 -20.20
CA LYS A 109 -24.99 2.92 -20.65
C LYS A 109 -24.95 1.40 -20.87
N LEU A 110 -23.85 0.93 -21.45
CA LEU A 110 -23.77 -0.48 -21.82
C LEU A 110 -23.59 -1.32 -20.58
N LEU A 111 -22.79 -0.84 -19.63
CA LEU A 111 -22.59 -1.51 -18.35
C LEU A 111 -23.92 -1.73 -17.64
N LYS A 112 -24.83 -0.77 -17.73
CA LYS A 112 -26.12 -0.89 -17.05
C LYS A 112 -27.04 -1.89 -17.72
N ARG A 113 -26.64 -2.40 -18.88
CA ARG A 113 -27.52 -3.24 -19.69
C ARG A 113 -27.08 -4.70 -19.83
N VAL A 114 -25.78 -4.95 -19.73
CA VAL A 114 -25.25 -6.30 -19.90
C VAL A 114 -25.63 -7.20 -18.73
N GLY A 115 -25.40 -8.50 -18.86
CA GLY A 115 -25.74 -9.44 -17.81
C GLY A 115 -24.76 -9.38 -16.67
N ILE A 116 -23.49 -9.21 -17.02
CA ILE A 116 -22.43 -9.02 -16.03
C ILE A 116 -21.58 -7.82 -16.39
N ALA A 117 -21.57 -6.80 -15.53
CA ALA A 117 -20.74 -5.62 -15.73
C ALA A 117 -19.48 -5.65 -14.86
N GLY A 118 -18.35 -5.37 -15.49
CA GLY A 118 -17.08 -5.34 -14.77
C GLY A 118 -16.44 -3.98 -14.93
N VAL A 119 -15.86 -3.49 -13.83
CA VAL A 119 -15.13 -2.23 -13.81
C VAL A 119 -13.85 -2.38 -12.97
N PRO A 120 -12.70 -1.98 -13.52
CA PRO A 120 -11.43 -2.13 -12.79
C PRO A 120 -11.38 -1.31 -11.50
N ALA A 121 -10.54 -1.74 -10.57
CA ALA A 121 -10.41 -1.06 -9.27
C ALA A 121 -9.91 0.38 -9.40
N SER A 122 -9.34 0.71 -10.56
CA SER A 122 -8.76 2.04 -10.79
C SER A 122 -9.74 3.04 -11.40
N ALA A 123 -10.95 2.59 -11.71
CA ALA A 123 -11.84 3.44 -12.47
C ALA A 123 -12.45 4.52 -11.59
N PRO A 124 -12.86 5.64 -12.20
CA PRO A 124 -13.61 6.67 -11.46
C PRO A 124 -14.75 6.01 -10.70
N PHE A 125 -15.08 6.57 -9.55
CA PHE A 125 -16.04 5.96 -8.66
C PHE A 125 -17.45 5.80 -9.23
N TYR A 126 -17.91 6.82 -9.97
CA TYR A 126 -19.25 6.80 -10.57
C TYR A 126 -19.42 5.67 -11.58
N ILE A 127 -18.32 5.10 -12.03
CA ILE A 127 -18.34 3.97 -12.98
C ILE A 127 -18.10 2.65 -12.25
N ARG A 128 -17.09 2.65 -11.39
CA ARG A 128 -16.77 1.50 -10.54
C ARG A 128 -17.99 0.91 -9.83
N ARG A 129 -18.89 1.79 -9.43
CA ARG A 129 -20.09 1.40 -8.69
C ARG A 129 -21.08 0.65 -9.55
N LEU A 130 -20.82 0.60 -10.86
CA LEU A 130 -21.71 -0.05 -11.82
C LEU A 130 -21.33 -1.53 -11.99
N SER A 131 -20.10 -1.88 -11.65
CA SER A 131 -19.64 -3.27 -11.72
C SER A 131 -20.66 -4.11 -10.96
N THR A 132 -21.01 -5.26 -11.51
CA THR A 132 -21.94 -6.15 -10.84
C THR A 132 -21.15 -7.29 -10.17
N ILE A 133 -19.84 -7.32 -10.41
CA ILE A 133 -18.95 -8.21 -9.68
C ILE A 133 -17.73 -7.46 -9.16
N PHE A 134 -17.12 -8.00 -8.11
CA PHE A 134 -15.97 -7.34 -7.53
C PHE A 134 -14.71 -7.64 -8.34
N LEU A 135 -13.98 -6.58 -8.71
CA LEU A 135 -12.73 -6.73 -9.42
C LEU A 135 -11.62 -6.05 -8.63
N GLU A 136 -10.63 -6.84 -8.22
CA GLU A 136 -9.52 -6.37 -7.41
C GLU A 136 -8.43 -5.65 -8.20
N LYS A 137 -8.16 -6.17 -9.39
CA LYS A 137 -7.11 -5.62 -10.25
C LYS A 137 -7.44 -4.26 -10.82
N ARG A 138 -6.39 -3.52 -11.17
CA ARG A 138 -6.55 -2.24 -11.85
C ARG A 138 -6.32 -2.41 -13.35
N GLY A 139 -6.62 -1.38 -14.14
CA GLY A 139 -6.39 -1.42 -15.57
C GLY A 139 -4.92 -1.65 -15.88
N GLY A 140 -4.65 -2.46 -16.89
CA GLY A 140 -3.27 -2.81 -17.25
C GLY A 140 -2.57 -3.79 -16.32
N GLU A 141 -3.25 -4.20 -15.25
CA GLU A 141 -2.69 -5.12 -14.27
C GLU A 141 -3.14 -6.56 -14.47
N GLY A 142 -3.87 -6.81 -15.55
CA GLY A 142 -4.47 -8.12 -15.76
C GLY A 142 -5.91 -8.19 -15.28
N VAL A 143 -6.59 -7.04 -15.25
CA VAL A 143 -7.99 -7.04 -14.81
C VAL A 143 -8.91 -7.70 -15.84
N PHE A 144 -8.54 -7.64 -17.12
CA PHE A 144 -9.33 -8.35 -18.13
C PHE A 144 -9.27 -9.86 -17.92
N ARG A 145 -8.08 -10.36 -17.61
CA ARG A 145 -7.92 -11.78 -17.32
C ARG A 145 -8.72 -12.14 -16.08
N GLU A 146 -8.71 -11.27 -15.08
CA GLU A 146 -9.44 -11.54 -13.83
C GLU A 146 -10.93 -11.57 -14.10
N PHE A 147 -11.37 -10.67 -14.97
CA PHE A 147 -12.78 -10.57 -15.35
C PHE A 147 -13.28 -11.84 -16.02
N VAL A 148 -12.46 -12.37 -16.94
CA VAL A 148 -12.84 -13.55 -17.71
C VAL A 148 -12.88 -14.81 -16.85
N GLU A 149 -11.91 -14.93 -15.96
CA GLU A 149 -11.82 -16.10 -15.09
C GLU A 149 -12.97 -16.18 -14.10
N LYS A 150 -13.40 -15.03 -13.60
CA LYS A 150 -14.51 -14.96 -12.67
C LYS A 150 -15.82 -15.22 -13.38
N VAL A 151 -16.03 -14.49 -14.48
CA VAL A 151 -17.26 -14.57 -15.25
C VAL A 151 -17.51 -15.98 -15.78
N LEU A 152 -16.43 -16.68 -16.12
CA LEU A 152 -16.54 -18.04 -16.63
C LEU A 152 -16.35 -19.07 -15.53
N GLY A 153 -16.05 -18.61 -14.33
CA GLY A 153 -15.77 -19.49 -13.21
C GLY A 153 -14.64 -20.47 -13.45
N ILE A 154 -13.53 -19.97 -13.99
CA ILE A 154 -12.36 -20.82 -14.22
C ILE A 154 -11.79 -21.25 -12.87
N ASN A 155 -11.60 -22.55 -12.70
CA ASN A 155 -11.07 -23.06 -11.45
C ASN A 155 -9.82 -23.91 -11.61
N LEU A 156 -9.46 -24.60 -10.55
CA LEU A 156 -8.25 -25.40 -10.54
C LEU A 156 -8.36 -26.63 -11.45
N GLU A 157 -9.56 -27.20 -11.56
CA GLU A 157 -9.82 -28.29 -12.49
C GLU A 157 -9.53 -27.89 -13.93
N ASP A 158 -10.02 -26.71 -14.32
CA ASP A 158 -9.77 -26.16 -15.66
C ASP A 158 -8.28 -26.00 -15.89
N PHE A 159 -7.54 -25.75 -14.81
CA PHE A 159 -6.11 -25.53 -14.92
C PHE A 159 -5.38 -26.84 -15.07
N ILE A 160 -5.65 -27.78 -14.17
CA ILE A 160 -5.06 -29.12 -14.26
C ILE A 160 -5.34 -29.76 -15.63
N ALA A 161 -6.49 -29.45 -16.22
CA ALA A 161 -6.89 -30.01 -17.51
C ALA A 161 -6.05 -29.52 -18.69
N VAL A 162 -5.51 -28.30 -18.61
CA VAL A 162 -4.74 -27.76 -19.74
C VAL A 162 -3.24 -28.10 -19.70
N ILE A 163 -2.74 -28.45 -18.53
CA ILE A 163 -1.33 -28.84 -18.40
C ILE A 163 -1.17 -30.31 -18.02
N LYS B 2 -16.88 27.52 -4.11
CA LYS B 2 -16.86 28.89 -4.62
C LYS B 2 -16.87 28.94 -6.16
N GLU B 3 -17.43 30.01 -6.71
CA GLU B 3 -17.73 30.13 -8.15
C GLU B 3 -16.48 30.19 -9.03
N ILE B 4 -16.29 29.17 -9.84
CA ILE B 4 -15.11 29.06 -10.69
C ILE B 4 -15.45 29.38 -12.13
N LYS B 5 -14.64 30.24 -12.75
CA LYS B 5 -14.87 30.67 -14.13
C LYS B 5 -13.76 30.21 -15.08
N LEU B 6 -12.71 29.64 -14.51
CA LEU B 6 -11.57 29.24 -15.31
C LEU B 6 -10.77 28.19 -14.55
N ILE B 7 -10.42 27.10 -15.23
CA ILE B 7 -9.57 26.09 -14.65
C ILE B 7 -8.20 26.15 -15.31
N LEU B 8 -7.16 26.29 -14.50
CA LEU B 8 -5.81 26.27 -15.03
C LEU B 8 -5.09 25.05 -14.48
N THR B 9 -4.07 24.58 -15.20
CA THR B 9 -3.38 23.37 -14.80
C THR B 9 -1.95 23.26 -15.31
N ASP B 10 -1.09 22.71 -14.46
CA ASP B 10 0.26 22.29 -14.84
C ASP B 10 0.15 20.92 -15.52
N ILE B 11 1.21 20.51 -16.23
CA ILE B 11 1.24 19.21 -16.93
C ILE B 11 2.09 18.17 -16.20
N ASP B 12 3.40 18.35 -16.19
CA ASP B 12 4.29 17.37 -15.59
C ASP B 12 4.06 17.30 -14.08
N GLY B 13 3.71 16.11 -13.60
CA GLY B 13 3.48 15.92 -12.18
C GLY B 13 2.02 16.02 -11.81
N VAL B 14 1.20 16.40 -12.78
CA VAL B 14 -0.25 16.51 -12.60
C VAL B 14 -0.94 15.58 -13.62
N TRP B 15 -0.78 15.89 -14.90
CA TRP B 15 -1.31 15.05 -15.96
C TRP B 15 -0.44 13.84 -16.17
N THR B 16 0.78 13.89 -15.63
CA THR B 16 1.68 12.75 -15.62
C THR B 16 2.23 12.58 -14.19
N ASP B 17 2.94 11.47 -13.99
CA ASP B 17 3.58 11.18 -12.71
C ASP B 17 4.95 11.83 -12.60
N GLY B 18 5.21 12.80 -13.47
CA GLY B 18 6.49 13.48 -13.49
C GLY B 18 7.44 12.81 -14.46
N GLY B 19 6.98 11.69 -15.02
CA GLY B 19 7.80 10.91 -15.94
C GLY B 19 8.19 11.65 -17.20
N MET B 20 9.49 11.68 -17.48
CA MET B 20 9.99 12.25 -18.71
C MET B 20 10.90 11.25 -19.41
N PHE B 21 10.39 10.60 -20.45
CA PHE B 21 11.12 9.53 -21.15
C PHE B 21 11.98 10.12 -22.28
N TYR B 22 13.29 9.91 -22.21
CA TYR B 22 14.21 10.38 -23.25
C TYR B 22 14.77 9.16 -23.96
N ASP B 23 14.95 9.23 -25.28
CA ASP B 23 15.72 8.22 -26.02
C ASP B 23 17.09 8.78 -26.37
N GLN B 24 17.76 8.16 -27.34
CA GLN B 24 19.12 8.53 -27.69
C GLN B 24 19.22 9.52 -28.83
N THR B 25 18.08 9.90 -29.40
CA THR B 25 18.09 10.64 -30.65
C THR B 25 17.53 12.05 -30.52
N GLY B 26 17.08 12.40 -29.32
CA GLY B 26 16.51 13.71 -29.07
C GLY B 26 15.01 13.68 -28.87
N ASN B 27 14.41 12.50 -29.03
CA ASN B 27 12.97 12.35 -28.82
C ASN B 27 12.64 12.23 -27.33
N GLU B 28 11.36 12.42 -27.03
CA GLU B 28 10.87 12.43 -25.66
C GLU B 28 9.49 11.77 -25.65
N TRP B 29 9.11 11.18 -24.52
CA TRP B 29 7.71 10.81 -24.27
C TRP B 29 7.13 11.56 -23.10
N LYS B 30 5.80 11.67 -23.11
CA LYS B 30 5.04 11.83 -21.88
C LYS B 30 3.90 10.81 -21.88
N LYS B 31 3.52 10.35 -20.70
CA LYS B 31 2.43 9.41 -20.57
C LYS B 31 1.23 10.08 -19.88
N PHE B 32 0.21 10.44 -20.66
CA PHE B 32 -0.99 11.02 -20.07
C PHE B 32 -1.94 9.91 -19.68
N ASN B 33 -2.98 10.26 -18.93
CA ASN B 33 -4.02 9.32 -18.52
C ASN B 33 -5.33 9.72 -19.16
N THR B 34 -5.98 8.77 -19.82
CA THR B 34 -7.22 9.03 -20.54
C THR B 34 -8.38 9.50 -19.66
N SER B 35 -8.36 9.12 -18.39
CA SER B 35 -9.45 9.50 -17.48
C SER B 35 -9.40 11.00 -17.14
N ASP B 36 -8.28 11.64 -17.43
CA ASP B 36 -8.14 13.07 -17.24
C ASP B 36 -8.89 13.87 -18.30
N SER B 37 -9.12 13.27 -19.46
CA SER B 37 -9.83 13.98 -20.52
C SER B 37 -11.26 14.32 -20.09
N ALA B 38 -11.83 13.54 -19.17
CA ALA B 38 -13.14 13.86 -18.63
C ALA B 38 -13.15 15.19 -17.85
N GLY B 39 -12.01 15.54 -17.27
CA GLY B 39 -11.87 16.79 -16.54
C GLY B 39 -12.18 17.99 -17.43
N ILE B 40 -11.66 17.95 -18.66
CA ILE B 40 -11.96 18.93 -19.69
C ILE B 40 -13.45 18.89 -20.02
N PHE B 41 -13.98 17.69 -20.17
CA PHE B 41 -15.39 17.52 -20.49
C PHE B 41 -16.31 18.14 -19.43
N TRP B 42 -16.04 17.87 -18.15
CA TRP B 42 -16.84 18.42 -17.05
C TRP B 42 -16.81 19.94 -17.11
N ALA B 43 -15.63 20.48 -17.37
CA ALA B 43 -15.45 21.93 -17.45
C ALA B 43 -16.25 22.54 -18.60
N HIS B 44 -16.10 22.00 -19.81
CA HIS B 44 -16.81 22.48 -20.99
C HIS B 44 -18.32 22.27 -20.92
N ASN B 45 -18.74 21.21 -20.21
CA ASN B 45 -20.15 20.94 -20.03
C ASN B 45 -20.81 22.04 -19.22
N LYS B 46 -20.00 22.76 -18.45
CA LYS B 46 -20.48 23.85 -17.60
C LYS B 46 -20.25 25.23 -18.22
N GLY B 47 -19.50 25.27 -19.31
CA GLY B 47 -19.20 26.52 -19.99
C GLY B 47 -17.97 27.21 -19.43
N ILE B 48 -17.07 26.42 -18.85
CA ILE B 48 -15.84 26.97 -18.26
C ILE B 48 -14.65 26.51 -19.10
N PRO B 49 -13.77 27.45 -19.45
CA PRO B 49 -12.60 27.09 -20.25
C PRO B 49 -11.50 26.51 -19.36
N VAL B 50 -10.58 25.80 -19.99
CA VAL B 50 -9.41 25.25 -19.30
C VAL B 50 -8.14 25.70 -20.03
N GLY B 51 -7.15 26.10 -19.25
CA GLY B 51 -5.88 26.51 -19.80
C GLY B 51 -4.74 25.70 -19.22
N ILE B 52 -3.63 25.65 -19.94
CA ILE B 52 -2.45 24.93 -19.47
C ILE B 52 -1.29 25.88 -19.24
N LEU B 53 -0.68 25.80 -18.06
CA LEU B 53 0.51 26.59 -17.78
C LEU B 53 1.69 25.66 -17.54
N THR B 54 2.60 25.59 -18.50
CA THR B 54 3.77 24.71 -18.32
C THR B 54 5.09 25.43 -18.65
N GLY B 55 6.14 25.09 -17.90
CA GLY B 55 7.46 25.69 -18.10
C GLY B 55 8.29 24.99 -19.15
N ALA B 56 7.83 23.81 -19.58
CA ALA B 56 8.46 23.11 -20.67
C ALA B 56 7.81 23.57 -21.97
N LYS B 57 8.46 23.29 -23.10
CA LYS B 57 7.84 23.51 -24.39
C LYS B 57 8.09 22.31 -25.29
N THR B 58 7.03 21.58 -25.60
CA THR B 58 7.13 20.34 -26.36
C THR B 58 6.03 20.23 -27.41
N GLU B 59 6.31 19.48 -28.48
CA GLU B 59 5.24 19.18 -29.43
C GLU B 59 4.30 18.16 -28.79
N ILE B 60 4.79 17.47 -27.77
CA ILE B 60 3.99 16.50 -27.04
C ILE B 60 2.73 17.14 -26.44
N VAL B 61 2.91 18.28 -25.79
CA VAL B 61 1.83 18.95 -25.07
C VAL B 61 0.91 19.68 -26.03
N ARG B 62 1.53 20.23 -27.08
CA ARG B 62 0.79 20.86 -28.17
C ARG B 62 -0.19 19.88 -28.78
N ARG B 63 0.30 18.68 -29.11
CA ARG B 63 -0.55 17.62 -29.66
C ARG B 63 -1.68 17.20 -28.73
N ARG B 64 -1.31 16.91 -27.48
CA ARG B 64 -2.28 16.45 -26.48
C ARG B 64 -3.36 17.49 -26.19
N ALA B 65 -2.95 18.76 -26.13
CA ALA B 65 -3.88 19.87 -25.93
C ALA B 65 -4.84 20.02 -27.10
N GLU B 66 -4.36 19.76 -28.31
CA GLU B 66 -5.20 19.81 -29.50
C GLU B 66 -6.21 18.69 -29.49
N ALA B 67 -5.75 17.49 -29.14
CA ALA B 67 -6.59 16.31 -29.12
C ALA B 67 -7.69 16.49 -28.10
N LEU B 68 -7.36 17.20 -27.01
CA LEU B 68 -8.28 17.41 -25.91
C LEU B 68 -9.12 18.69 -26.04
N LYS B 69 -8.83 19.49 -27.06
CA LYS B 69 -9.56 20.74 -27.31
C LYS B 69 -9.48 21.72 -26.15
N VAL B 70 -8.33 21.73 -25.47
CA VAL B 70 -8.07 22.70 -24.41
C VAL B 70 -8.16 24.12 -24.98
N ASP B 71 -8.75 25.02 -24.21
CA ASP B 71 -8.97 26.39 -24.68
C ASP B 71 -7.71 27.23 -24.80
N TYR B 72 -6.85 27.16 -23.79
CA TYR B 72 -5.67 28.00 -23.71
C TYR B 72 -4.42 27.19 -23.41
N LEU B 73 -3.36 27.42 -24.17
CA LEU B 73 -2.10 26.73 -23.93
C LEU B 73 -0.99 27.75 -23.84
N PHE B 74 -0.28 27.75 -22.71
CA PHE B 74 0.91 28.57 -22.55
C PHE B 74 2.06 27.65 -22.21
N GLN B 75 3.12 27.68 -23.03
CA GLN B 75 4.31 26.89 -22.75
C GLN B 75 5.56 27.77 -22.60
N GLY B 76 6.62 27.19 -22.06
CA GLY B 76 7.82 27.96 -21.77
C GLY B 76 7.57 29.06 -20.76
N VAL B 77 6.66 28.81 -19.82
CA VAL B 77 6.32 29.81 -18.83
C VAL B 77 7.22 29.67 -17.60
N VAL B 78 7.93 30.73 -17.23
CA VAL B 78 8.73 30.69 -16.01
C VAL B 78 8.01 31.43 -14.87
N ASP B 79 7.09 32.31 -15.26
CA ASP B 79 6.37 33.16 -14.32
C ASP B 79 4.89 32.86 -14.42
N LYS B 80 4.46 31.77 -13.79
CA LYS B 80 3.09 31.29 -13.98
C LYS B 80 2.02 32.22 -13.41
N LEU B 81 2.37 32.93 -12.34
CA LEU B 81 1.42 33.84 -11.68
C LEU B 81 1.09 35.04 -12.56
N SER B 82 2.11 35.58 -13.23
CA SER B 82 1.91 36.67 -14.17
C SER B 82 1.09 36.23 -15.38
N ALA B 83 1.46 35.08 -15.93
CA ALA B 83 0.79 34.57 -17.12
C ALA B 83 -0.68 34.34 -16.84
N ALA B 84 -0.99 33.91 -15.63
CA ALA B 84 -2.37 33.63 -15.27
C ALA B 84 -3.18 34.91 -15.16
N GLU B 85 -2.59 35.93 -14.53
CA GLU B 85 -3.27 37.22 -14.34
C GLU B 85 -3.56 37.90 -15.65
N GLU B 86 -2.63 37.76 -16.60
CA GLU B 86 -2.77 38.34 -17.93
C GLU B 86 -3.97 37.73 -18.63
N LEU B 87 -4.06 36.40 -18.58
CA LEU B 87 -5.22 35.70 -19.13
C LEU B 87 -6.50 36.19 -18.45
N CYS B 88 -6.49 36.22 -17.12
CA CYS B 88 -7.64 36.65 -16.32
C CYS B 88 -8.12 38.04 -16.69
N ASN B 89 -7.17 38.95 -16.89
CA ASN B 89 -7.49 40.29 -17.34
C ASN B 89 -8.22 40.27 -18.66
N GLU B 90 -7.76 39.41 -19.57
CA GLU B 90 -8.35 39.30 -20.89
C GLU B 90 -9.72 38.63 -20.83
N LEU B 91 -9.98 37.90 -19.75
CA LEU B 91 -11.23 37.17 -19.60
C LEU B 91 -12.24 37.92 -18.74
N GLY B 92 -11.78 38.94 -18.01
CA GLY B 92 -12.67 39.71 -17.18
C GLY B 92 -13.02 38.97 -15.89
N ILE B 93 -12.04 38.24 -15.36
CA ILE B 93 -12.18 37.57 -14.08
C ILE B 93 -10.96 37.84 -13.20
N ASN B 94 -11.09 37.63 -11.90
CA ASN B 94 -9.91 37.65 -11.03
C ASN B 94 -9.48 36.24 -10.62
N LEU B 95 -8.37 36.14 -9.90
CA LEU B 95 -7.76 34.85 -9.63
C LEU B 95 -8.52 34.08 -8.56
N GLU B 96 -9.36 34.80 -7.83
CA GLU B 96 -10.21 34.20 -6.81
C GLU B 96 -11.27 33.29 -7.47
N GLN B 97 -11.49 33.48 -8.78
CA GLN B 97 -12.42 32.67 -9.55
C GLN B 97 -11.70 31.58 -10.36
N VAL B 98 -10.41 31.42 -10.11
CA VAL B 98 -9.61 30.44 -10.83
C VAL B 98 -9.29 29.25 -9.96
N ALA B 99 -9.43 28.05 -10.52
CA ALA B 99 -8.88 26.86 -9.88
C ALA B 99 -7.58 26.41 -10.56
N TYR B 100 -6.50 26.31 -9.80
CA TYR B 100 -5.22 25.92 -10.37
C TYR B 100 -4.63 24.68 -9.71
N ILE B 101 -4.20 23.73 -10.52
CA ILE B 101 -3.52 22.56 -9.99
C ILE B 101 -2.09 22.51 -10.50
N GLY B 102 -1.15 22.43 -9.56
CA GLY B 102 0.27 22.38 -9.88
C GLY B 102 0.99 21.51 -8.87
N ASP B 103 2.27 21.24 -9.11
CA ASP B 103 2.98 20.28 -8.27
C ASP B 103 4.37 20.73 -7.80
N ASP B 104 4.94 21.75 -8.41
CA ASP B 104 6.33 22.11 -8.10
C ASP B 104 6.55 23.59 -7.76
N LEU B 105 7.82 23.98 -7.66
CA LEU B 105 8.19 25.32 -7.19
C LEU B 105 7.71 26.42 -8.12
N ASN B 106 7.82 26.19 -9.43
CA ASN B 106 7.34 27.19 -10.37
C ASN B 106 5.81 27.39 -10.31
N ASP B 107 5.14 26.60 -9.46
CA ASP B 107 3.69 26.71 -9.26
C ASP B 107 3.30 27.39 -7.96
N ALA B 108 4.28 27.60 -7.08
CA ALA B 108 4.02 28.03 -5.71
C ALA B 108 3.31 29.37 -5.63
N LYS B 109 3.79 30.35 -6.40
CA LYS B 109 3.21 31.69 -6.34
C LYS B 109 1.74 31.70 -6.80
N LEU B 110 1.46 30.96 -7.87
CA LEU B 110 0.10 30.93 -8.42
C LEU B 110 -0.86 30.17 -7.50
N LEU B 111 -0.37 29.11 -6.86
CA LEU B 111 -1.19 28.31 -5.96
C LEU B 111 -1.64 29.11 -4.74
N LYS B 112 -0.74 29.94 -4.21
CA LYS B 112 -1.06 30.73 -3.03
C LYS B 112 -2.09 31.82 -3.32
N ARG B 113 -2.42 32.03 -4.58
CA ARG B 113 -3.21 33.18 -4.95
C ARG B 113 -4.55 32.91 -5.63
N VAL B 114 -4.77 31.67 -6.09
CA VAL B 114 -6.04 31.37 -6.73
C VAL B 114 -7.16 31.07 -5.74
N GLY B 115 -8.40 31.12 -6.24
CA GLY B 115 -9.56 30.81 -5.41
C GLY B 115 -9.53 29.41 -4.87
N ILE B 116 -9.16 28.45 -5.71
CA ILE B 116 -9.03 27.07 -5.27
C ILE B 116 -7.75 26.50 -5.84
N ALA B 117 -6.85 26.06 -4.96
CA ALA B 117 -5.57 25.48 -5.36
C ALA B 117 -5.55 23.99 -5.07
N GLY B 118 -5.06 23.20 -6.02
CA GLY B 118 -4.97 21.76 -5.86
C GLY B 118 -3.56 21.27 -6.09
N VAL B 119 -3.14 20.30 -5.26
CA VAL B 119 -1.80 19.70 -5.40
C VAL B 119 -1.88 18.17 -5.19
N PRO B 120 -1.40 17.39 -6.17
CA PRO B 120 -1.47 15.91 -6.10
C PRO B 120 -0.77 15.31 -4.85
N ALA B 121 -1.23 14.12 -4.47
CA ALA B 121 -0.69 13.41 -3.31
C ALA B 121 0.79 13.08 -3.44
N SER B 122 1.29 13.07 -4.68
CA SER B 122 2.70 12.72 -4.92
C SER B 122 3.65 13.87 -4.64
N ALA B 123 3.10 15.07 -4.49
CA ALA B 123 3.89 16.30 -4.55
C ALA B 123 4.78 16.57 -3.34
N PRO B 124 5.86 17.35 -3.54
CA PRO B 124 6.75 17.73 -2.42
C PRO B 124 5.94 18.41 -1.35
N PHE B 125 6.28 18.14 -0.11
CA PHE B 125 5.49 18.62 1.01
C PHE B 125 5.26 20.13 1.01
N TYR B 126 6.31 20.89 0.72
CA TYR B 126 6.21 22.34 0.77
C TYR B 126 5.23 22.90 -0.26
N ILE B 127 4.94 22.10 -1.29
CA ILE B 127 3.97 22.51 -2.32
C ILE B 127 2.61 21.91 -2.00
N ARG B 128 2.63 20.67 -1.51
CA ARG B 128 1.42 19.98 -1.12
C ARG B 128 0.61 20.76 -0.07
N ARG B 129 1.29 21.42 0.86
CA ARG B 129 0.60 22.18 1.91
C ARG B 129 -0.10 23.44 1.39
N LEU B 130 0.17 23.80 0.14
CA LEU B 130 -0.44 24.97 -0.45
C LEU B 130 -1.85 24.65 -0.95
N SER B 131 -2.12 23.36 -1.12
CA SER B 131 -3.43 22.94 -1.63
C SER B 131 -4.53 23.42 -0.69
N THR B 132 -5.62 23.96 -1.22
CA THR B 132 -6.74 24.37 -0.38
C THR B 132 -7.87 23.32 -0.38
N ILE B 133 -7.69 22.28 -1.18
CA ILE B 133 -8.61 21.14 -1.12
C ILE B 133 -7.80 19.85 -1.03
N PHE B 134 -8.31 18.86 -0.30
CA PHE B 134 -7.65 17.56 -0.26
C PHE B 134 -7.79 16.85 -1.62
N LEU B 135 -6.68 16.35 -2.15
CA LEU B 135 -6.68 15.49 -3.31
C LEU B 135 -6.01 14.15 -2.98
N GLU B 136 -6.71 13.05 -3.25
CA GLU B 136 -6.20 11.71 -2.93
C GLU B 136 -5.24 11.18 -3.98
N LYS B 137 -5.48 11.52 -5.23
CA LYS B 137 -4.71 10.91 -6.30
C LYS B 137 -3.37 11.58 -6.54
N ARG B 138 -2.44 10.80 -7.06
CA ARG B 138 -1.11 11.28 -7.35
C ARG B 138 -1.03 11.68 -8.82
N GLY B 139 0.10 12.27 -9.19
CA GLY B 139 0.33 12.64 -10.58
C GLY B 139 0.16 11.46 -11.51
N GLY B 140 -0.61 11.66 -12.57
CA GLY B 140 -0.79 10.62 -13.57
C GLY B 140 -1.88 9.61 -13.29
N GLU B 141 -2.57 9.75 -12.17
CA GLU B 141 -3.60 8.78 -11.78
C GLU B 141 -5.02 9.30 -11.93
N GLY B 142 -5.20 10.41 -12.65
CA GLY B 142 -6.53 11.01 -12.75
C GLY B 142 -6.75 12.11 -11.73
N VAL B 143 -5.67 12.72 -11.29
CA VAL B 143 -5.78 13.76 -10.27
C VAL B 143 -6.35 15.07 -10.86
N PHE B 144 -6.17 15.28 -12.17
CA PHE B 144 -6.78 16.43 -12.82
C PHE B 144 -8.29 16.28 -12.87
N ARG B 145 -8.75 15.09 -13.27
CA ARG B 145 -10.17 14.79 -13.24
C ARG B 145 -10.71 14.96 -11.82
N GLU B 146 -10.02 14.38 -10.84
CA GLU B 146 -10.44 14.52 -9.45
C GLU B 146 -10.59 15.99 -9.04
N PHE B 147 -9.61 16.79 -9.42
CA PHE B 147 -9.59 18.22 -9.09
C PHE B 147 -10.80 18.93 -9.70
N VAL B 148 -10.97 18.77 -11.01
CA VAL B 148 -12.10 19.37 -11.73
C VAL B 148 -13.44 18.97 -11.12
N GLU B 149 -13.60 17.69 -10.78
CA GLU B 149 -14.87 17.22 -10.25
C GLU B 149 -15.24 17.82 -8.90
N LYS B 150 -14.24 17.99 -8.04
CA LYS B 150 -14.42 18.61 -6.74
C LYS B 150 -14.66 20.11 -6.90
N VAL B 151 -13.85 20.72 -7.77
CA VAL B 151 -13.88 22.17 -7.91
C VAL B 151 -15.23 22.59 -8.50
N LEU B 152 -15.80 21.74 -9.33
CA LEU B 152 -17.05 22.06 -10.01
C LEU B 152 -18.26 21.43 -9.35
N GLY B 153 -18.05 20.81 -8.19
CA GLY B 153 -19.13 20.12 -7.49
C GLY B 153 -19.82 19.10 -8.37
N ILE B 154 -19.02 18.28 -9.05
CA ILE B 154 -19.55 17.24 -9.93
C ILE B 154 -20.05 16.08 -9.08
N ASN B 155 -21.37 15.94 -9.04
CA ASN B 155 -22.01 14.93 -8.21
C ASN B 155 -22.64 13.81 -9.03
N LEU B 156 -23.13 12.79 -8.33
CA LEU B 156 -23.73 11.63 -8.97
C LEU B 156 -24.85 12.07 -9.89
N GLU B 157 -25.58 13.09 -9.44
CA GLU B 157 -26.63 13.75 -10.20
C GLU B 157 -26.13 14.35 -11.53
N ASP B 158 -24.93 14.92 -11.49
CA ASP B 158 -24.36 15.52 -12.69
C ASP B 158 -23.98 14.40 -13.65
N PHE B 159 -23.59 13.27 -13.07
CA PHE B 159 -23.08 12.13 -13.82
C PHE B 159 -24.17 11.46 -14.65
N ILE B 160 -25.31 11.22 -14.02
CA ILE B 160 -26.46 10.62 -14.69
C ILE B 160 -26.87 11.45 -15.91
N ALA B 161 -26.73 12.76 -15.78
CA ALA B 161 -27.10 13.71 -16.83
C ALA B 161 -26.30 13.54 -18.14
N VAL B 162 -24.98 13.41 -18.04
CA VAL B 162 -24.15 13.39 -19.24
C VAL B 162 -24.16 12.02 -19.93
N ILE B 163 -24.57 10.98 -19.20
CA ILE B 163 -24.64 9.64 -19.78
C ILE B 163 -26.05 9.31 -20.27
N GLN B 164 -26.91 10.33 -20.35
CA GLN B 164 -28.28 10.14 -20.77
C GLN B 164 -28.39 9.53 -22.16
N MET C 1 19.44 -26.57 1.39
CA MET C 1 19.37 -25.90 0.09
C MET C 1 20.00 -26.72 -1.03
N LYS C 2 19.22 -27.00 -2.07
CA LYS C 2 19.59 -27.94 -3.13
C LYS C 2 20.86 -27.58 -3.88
N GLU C 3 21.32 -28.52 -4.71
CA GLU C 3 22.44 -28.27 -5.60
C GLU C 3 21.89 -27.79 -6.94
N ILE C 4 22.20 -26.55 -7.31
CA ILE C 4 21.72 -25.98 -8.57
C ILE C 4 22.88 -25.74 -9.54
N LYS C 5 22.78 -26.32 -10.72
CA LYS C 5 23.84 -26.24 -11.71
C LYS C 5 23.38 -25.43 -12.92
N LEU C 6 22.12 -25.10 -12.95
CA LEU C 6 21.61 -24.24 -14.00
C LEU C 6 20.47 -23.40 -13.44
N ILE C 7 20.45 -22.12 -13.84
CA ILE C 7 19.35 -21.22 -13.52
C ILE C 7 18.67 -20.78 -14.82
N LEU C 8 17.37 -21.07 -14.96
CA LEU C 8 16.61 -20.72 -16.17
C LEU C 8 15.51 -19.72 -15.84
N THR C 9 15.11 -18.90 -16.81
CA THR C 9 14.10 -17.88 -16.55
C THR C 9 13.24 -17.57 -17.77
N ASP C 10 11.97 -17.31 -17.51
CA ASP C 10 11.07 -16.74 -18.51
C ASP C 10 11.36 -15.23 -18.52
N ILE C 11 10.85 -14.51 -19.52
CA ILE C 11 11.11 -13.08 -19.60
C ILE C 11 9.90 -12.23 -19.19
N ASP C 12 8.84 -12.28 -20.00
CA ASP C 12 7.69 -11.43 -19.73
C ASP C 12 6.95 -11.89 -18.49
N GLY C 13 6.78 -10.98 -17.53
CA GLY C 13 6.07 -11.29 -16.31
C GLY C 13 7.03 -11.62 -15.18
N VAL C 14 8.30 -11.76 -15.52
CA VAL C 14 9.37 -12.01 -14.55
C VAL C 14 10.42 -10.89 -14.58
N TRP C 15 11.03 -10.67 -15.74
CA TRP C 15 12.00 -9.59 -15.93
C TRP C 15 11.27 -8.28 -16.24
N THR C 16 9.99 -8.40 -16.59
CA THR C 16 9.11 -7.26 -16.79
C THR C 16 7.84 -7.43 -15.96
N ASP C 17 7.03 -6.38 -15.91
CA ASP C 17 5.75 -6.49 -15.22
C ASP C 17 4.67 -7.10 -16.10
N GLY C 18 5.07 -7.63 -17.26
CA GLY C 18 4.14 -8.13 -18.26
C GLY C 18 3.81 -7.07 -19.29
N GLY C 19 4.41 -5.89 -19.12
CA GLY C 19 4.17 -4.78 -20.01
C GLY C 19 4.62 -5.05 -21.44
N MET C 20 3.74 -4.77 -22.39
CA MET C 20 4.05 -4.88 -23.81
C MET C 20 3.55 -3.64 -24.56
N PHE C 21 4.48 -2.74 -24.85
CA PHE C 21 4.16 -1.48 -25.48
C PHE C 21 4.01 -1.67 -27.00
N TYR C 22 3.05 -0.99 -27.60
CA TYR C 22 2.86 -1.04 -29.04
C TYR C 22 2.69 0.38 -29.54
N ASP C 23 3.36 0.76 -30.62
CA ASP C 23 3.10 2.07 -31.22
C ASP C 23 2.20 1.97 -32.45
N GLN C 24 1.88 3.11 -33.06
CA GLN C 24 0.93 3.16 -34.17
C GLN C 24 1.37 2.36 -35.38
N THR C 25 2.58 1.82 -35.35
CA THR C 25 3.10 1.06 -36.48
C THR C 25 3.25 -0.42 -36.12
N GLY C 26 3.01 -0.73 -34.84
CA GLY C 26 3.11 -2.09 -34.36
C GLY C 26 4.49 -2.48 -33.85
N ASN C 27 5.38 -1.50 -33.68
CA ASN C 27 6.68 -1.76 -33.06
C ASN C 27 6.50 -1.98 -31.56
N GLU C 28 7.39 -2.75 -30.94
CA GLU C 28 7.22 -3.10 -29.53
C GLU C 28 8.40 -2.72 -28.64
N TRP C 29 8.05 -2.31 -27.41
CA TRP C 29 9.01 -2.01 -26.36
C TRP C 29 8.81 -2.97 -25.19
N LYS C 30 9.85 -3.16 -24.39
CA LYS C 30 9.74 -3.85 -23.10
C LYS C 30 10.56 -3.05 -22.09
N LYS C 31 10.23 -3.20 -20.82
CA LYS C 31 10.92 -2.51 -19.74
C LYS C 31 11.53 -3.50 -18.76
N PHE C 32 12.85 -3.57 -18.76
CA PHE C 32 13.54 -4.39 -17.80
C PHE C 32 13.93 -3.54 -16.60
N ASN C 33 14.41 -4.22 -15.57
CA ASN C 33 14.90 -3.58 -14.35
C ASN C 33 16.39 -3.84 -14.20
N THR C 34 17.20 -2.78 -14.08
CA THR C 34 18.65 -2.96 -13.98
C THR C 34 19.07 -3.82 -12.79
N SER C 35 18.19 -3.94 -11.81
CA SER C 35 18.46 -4.73 -10.62
C SER C 35 18.65 -6.21 -10.96
N ASP C 36 17.98 -6.65 -12.02
CA ASP C 36 17.99 -8.04 -12.41
C ASP C 36 19.34 -8.53 -12.93
N SER C 37 20.13 -7.61 -13.50
CA SER C 37 21.46 -7.96 -14.03
C SER C 37 22.37 -8.52 -12.93
N ALA C 38 22.11 -8.15 -11.69
CA ALA C 38 22.88 -8.69 -10.57
C ALA C 38 22.60 -10.17 -10.35
N GLY C 39 21.42 -10.63 -10.79
CA GLY C 39 21.10 -12.04 -10.77
C GLY C 39 22.13 -12.84 -11.56
N ILE C 40 22.48 -12.34 -12.75
CA ILE C 40 23.50 -12.95 -13.61
C ILE C 40 24.84 -12.95 -12.89
N PHE C 41 25.17 -11.82 -12.28
CA PHE C 41 26.43 -11.67 -11.55
C PHE C 41 26.64 -12.71 -10.44
N TRP C 42 25.62 -12.87 -9.60
CA TRP C 42 25.72 -13.80 -8.48
C TRP C 42 25.82 -15.23 -8.99
N ALA C 43 25.09 -15.50 -10.07
CA ALA C 43 25.11 -16.80 -10.69
C ALA C 43 26.53 -17.12 -11.13
N HIS C 44 27.10 -16.22 -11.94
CA HIS C 44 28.44 -16.42 -12.46
C HIS C 44 29.48 -16.44 -11.34
N ASN C 45 29.20 -15.72 -10.26
CA ASN C 45 30.10 -15.69 -9.11
C ASN C 45 30.21 -17.08 -8.46
N LYS C 46 29.10 -17.82 -8.47
CA LYS C 46 29.05 -19.15 -7.88
C LYS C 46 29.32 -20.24 -8.92
N GLY C 47 29.63 -19.83 -10.14
CA GLY C 47 29.99 -20.74 -11.20
C GLY C 47 28.79 -21.44 -11.82
N ILE C 48 27.68 -20.71 -11.98
CA ILE C 48 26.45 -21.31 -12.50
C ILE C 48 25.99 -20.54 -13.75
N PRO C 49 25.69 -21.27 -14.83
CA PRO C 49 25.16 -20.66 -16.06
C PRO C 49 23.67 -20.27 -15.93
N VAL C 50 23.27 -19.33 -16.76
CA VAL C 50 21.90 -18.80 -16.78
C VAL C 50 21.30 -18.92 -18.17
N GLY C 51 20.11 -19.52 -18.27
CA GLY C 51 19.46 -19.61 -19.55
C GLY C 51 18.14 -18.89 -19.60
N ILE C 52 17.78 -18.42 -20.78
CA ILE C 52 16.49 -17.78 -20.99
C ILE C 52 15.65 -18.61 -21.95
N LEU C 53 14.41 -18.90 -21.57
CA LEU C 53 13.45 -19.54 -22.46
C LEU C 53 12.31 -18.57 -22.69
N THR C 54 12.02 -18.27 -23.95
CA THR C 54 10.89 -17.39 -24.25
C THR C 54 10.13 -17.90 -25.46
N GLY C 55 8.81 -17.71 -25.45
CA GLY C 55 7.98 -18.09 -26.57
C GLY C 55 8.13 -17.14 -27.75
N ALA C 56 8.41 -15.88 -27.45
CA ALA C 56 8.58 -14.88 -28.49
C ALA C 56 9.95 -14.96 -29.15
N LYS C 57 10.13 -14.19 -30.21
CA LYS C 57 11.43 -14.03 -30.84
C LYS C 57 11.67 -12.55 -31.13
N THR C 58 12.41 -11.90 -30.25
CA THR C 58 12.64 -10.46 -30.38
C THR C 58 14.11 -10.13 -30.22
N GLU C 59 14.52 -9.07 -30.90
CA GLU C 59 15.84 -8.50 -30.76
C GLU C 59 15.99 -7.88 -29.37
N ILE C 60 14.87 -7.44 -28.80
CA ILE C 60 14.84 -6.91 -27.44
C ILE C 60 15.52 -7.87 -26.46
N VAL C 61 15.02 -9.10 -26.42
CA VAL C 61 15.57 -10.11 -25.51
C VAL C 61 16.97 -10.56 -25.92
N ARG C 62 17.20 -10.72 -27.22
CA ARG C 62 18.52 -11.11 -27.72
C ARG C 62 19.57 -10.10 -27.27
N ARG C 63 19.24 -8.82 -27.40
CA ARG C 63 20.17 -7.75 -27.04
C ARG C 63 20.39 -7.67 -25.53
N ARG C 64 19.29 -7.74 -24.79
CA ARG C 64 19.34 -7.67 -23.34
C ARG C 64 20.13 -8.85 -22.79
N ALA C 65 19.92 -10.03 -23.37
CA ALA C 65 20.67 -11.21 -22.97
C ALA C 65 22.14 -11.02 -23.30
N GLU C 66 22.40 -10.36 -24.43
CA GLU C 66 23.76 -10.03 -24.83
C GLU C 66 24.39 -9.02 -23.87
N ALA C 67 23.65 -7.99 -23.53
CA ALA C 67 24.12 -6.98 -22.58
C ALA C 67 24.59 -7.63 -21.27
N LEU C 68 23.84 -8.61 -20.80
CA LEU C 68 24.04 -9.18 -19.47
C LEU C 68 24.89 -10.46 -19.42
N LYS C 69 25.46 -10.87 -20.56
CA LYS C 69 26.30 -12.07 -20.63
C LYS C 69 25.56 -13.36 -20.29
N VAL C 70 24.31 -13.46 -20.72
CA VAL C 70 23.53 -14.66 -20.45
C VAL C 70 24.10 -15.79 -21.28
N ASP C 71 24.22 -16.97 -20.65
CA ASP C 71 24.92 -18.11 -21.24
C ASP C 71 24.12 -18.81 -22.33
N TYR C 72 22.82 -18.94 -22.12
CA TYR C 72 21.98 -19.65 -23.09
C TYR C 72 20.67 -18.90 -23.33
N LEU C 73 20.29 -18.81 -24.60
CA LEU C 73 19.05 -18.16 -24.97
C LEU C 73 18.26 -19.05 -25.92
N PHE C 74 17.03 -19.36 -25.55
CA PHE C 74 16.11 -20.08 -26.43
C PHE C 74 14.89 -19.21 -26.70
N GLN C 75 14.77 -18.73 -27.94
CA GLN C 75 13.57 -17.97 -28.33
C GLN C 75 12.71 -18.79 -29.27
N GLY C 76 11.44 -18.42 -29.38
CA GLY C 76 10.51 -19.14 -30.22
C GLY C 76 10.18 -20.50 -29.66
N VAL C 77 10.19 -20.61 -28.33
CA VAL C 77 9.96 -21.89 -27.67
C VAL C 77 8.48 -22.23 -27.66
N VAL C 78 8.14 -23.37 -28.26
CA VAL C 78 6.75 -23.82 -28.26
C VAL C 78 6.45 -24.64 -27.01
N ASP C 79 7.48 -25.27 -26.44
CA ASP C 79 7.30 -26.11 -25.25
C ASP C 79 8.47 -25.88 -24.32
N LYS C 80 8.27 -25.08 -23.28
CA LYS C 80 9.38 -24.73 -22.40
C LYS C 80 10.00 -25.94 -21.71
N LEU C 81 9.17 -26.92 -21.38
CA LEU C 81 9.69 -28.14 -20.78
C LEU C 81 10.65 -28.81 -21.76
N SER C 82 10.24 -28.97 -23.01
CA SER C 82 11.14 -29.50 -24.06
C SER C 82 12.44 -28.72 -24.14
N ALA C 83 12.33 -27.39 -24.11
CA ALA C 83 13.51 -26.53 -24.16
C ALA C 83 14.48 -26.83 -23.01
N ALA C 84 13.96 -26.95 -21.80
CA ALA C 84 14.81 -27.22 -20.65
C ALA C 84 15.45 -28.61 -20.68
N GLU C 85 14.73 -29.61 -21.19
CA GLU C 85 15.27 -30.97 -21.32
C GLU C 85 16.51 -30.96 -22.18
N GLU C 86 16.30 -30.50 -23.41
CA GLU C 86 17.33 -30.35 -24.43
C GLU C 86 18.59 -29.72 -23.85
N LEU C 87 18.41 -28.60 -23.16
CA LEU C 87 19.53 -27.88 -22.59
C LEU C 87 20.17 -28.66 -21.45
N CYS C 88 19.36 -29.26 -20.59
CA CYS C 88 19.89 -30.08 -19.49
C CYS C 88 20.75 -31.21 -20.02
N ASN C 89 20.19 -31.98 -20.96
CA ASN C 89 20.90 -33.08 -21.61
C ASN C 89 22.23 -32.63 -22.20
N GLU C 90 22.22 -31.47 -22.85
CA GLU C 90 23.43 -30.92 -23.43
C GLU C 90 24.44 -30.54 -22.33
N LEU C 91 23.93 -30.06 -21.20
CA LEU C 91 24.78 -29.68 -20.08
C LEU C 91 25.15 -30.88 -19.22
N GLY C 92 24.42 -31.97 -19.37
CA GLY C 92 24.70 -33.19 -18.62
C GLY C 92 24.18 -33.12 -17.20
N ILE C 93 23.09 -32.39 -17.02
CA ILE C 93 22.45 -32.25 -15.72
C ILE C 93 20.99 -32.67 -15.86
N ASN C 94 20.37 -32.96 -14.72
CA ASN C 94 18.97 -33.34 -14.70
C ASN C 94 18.08 -32.16 -14.32
N LEU C 95 16.78 -32.30 -14.57
CA LEU C 95 15.82 -31.24 -14.19
C LEU C 95 15.85 -30.93 -12.69
N GLU C 96 16.26 -31.90 -11.89
CA GLU C 96 16.29 -31.72 -10.43
C GLU C 96 17.32 -30.66 -10.03
N GLN C 97 18.29 -30.43 -10.90
CA GLN C 97 19.37 -29.50 -10.61
C GLN C 97 19.12 -28.11 -11.23
N VAL C 98 17.88 -27.86 -11.64
CA VAL C 98 17.48 -26.59 -12.25
C VAL C 98 16.61 -25.74 -11.33
N ALA C 99 16.92 -24.45 -11.23
CA ALA C 99 16.02 -23.50 -10.61
C ALA C 99 15.42 -22.66 -11.73
N TYR C 100 14.12 -22.76 -11.91
CA TYR C 100 13.47 -22.05 -13.00
C TYR C 100 12.45 -21.04 -12.46
N ILE C 101 12.36 -19.88 -13.08
CA ILE C 101 11.31 -18.91 -12.70
C ILE C 101 10.42 -18.54 -13.88
N GLY C 102 9.10 -18.74 -13.72
CA GLY C 102 8.14 -18.44 -14.77
C GLY C 102 6.88 -17.84 -14.16
N ASP C 103 5.95 -17.36 -14.97
CA ASP C 103 4.80 -16.63 -14.40
C ASP C 103 3.41 -16.96 -14.98
N ASP C 104 3.34 -17.80 -16.01
CA ASP C 104 2.05 -18.05 -16.65
C ASP C 104 1.87 -19.48 -17.07
N LEU C 105 0.76 -19.74 -17.75
CA LEU C 105 0.32 -21.08 -18.12
C LEU C 105 1.41 -21.90 -18.82
N ASN C 106 2.10 -21.30 -19.78
CA ASN C 106 3.14 -22.03 -20.51
C ASN C 106 4.42 -22.33 -19.71
N ASP C 107 4.41 -21.93 -18.43
CA ASP C 107 5.51 -22.18 -17.51
C ASP C 107 5.20 -23.32 -16.53
N ALA C 108 3.95 -23.76 -16.51
CA ALA C 108 3.48 -24.72 -15.50
C ALA C 108 4.21 -26.06 -15.50
N LYS C 109 4.29 -26.70 -16.66
CA LYS C 109 4.87 -28.04 -16.74
C LYS C 109 6.29 -28.03 -16.23
N LEU C 110 7.06 -27.08 -16.72
CA LEU C 110 8.44 -26.93 -16.32
C LEU C 110 8.56 -26.57 -14.84
N LEU C 111 7.66 -25.72 -14.35
CA LEU C 111 7.70 -25.32 -12.94
C LEU C 111 7.43 -26.48 -12.00
N LYS C 112 6.56 -27.40 -12.42
CA LYS C 112 6.23 -28.55 -11.57
C LYS C 112 7.34 -29.59 -11.53
N ARG C 113 8.34 -29.44 -12.41
CA ARG C 113 9.38 -30.45 -12.63
C ARG C 113 10.82 -30.04 -12.27
N VAL C 114 11.04 -28.78 -11.91
CA VAL C 114 12.40 -28.33 -11.63
C VAL C 114 12.79 -28.57 -10.17
N GLY C 115 14.07 -28.42 -9.85
CA GLY C 115 14.54 -28.58 -8.49
C GLY C 115 14.02 -27.47 -7.59
N ILE C 116 14.09 -26.23 -8.06
CA ILE C 116 13.47 -25.10 -7.37
C ILE C 116 12.62 -24.31 -8.35
N ALA C 117 11.36 -24.06 -8.00
CA ALA C 117 10.50 -23.19 -8.81
C ALA C 117 10.22 -21.88 -8.08
N GLY C 118 10.36 -20.77 -8.80
CA GLY C 118 9.99 -19.46 -8.29
C GLY C 118 8.91 -18.90 -9.18
N VAL C 119 7.97 -18.15 -8.62
CA VAL C 119 6.95 -17.44 -9.41
C VAL C 119 6.74 -16.06 -8.78
N PRO C 120 6.72 -14.98 -9.58
CA PRO C 120 6.60 -13.67 -8.93
C PRO C 120 5.27 -13.46 -8.20
N ALA C 121 5.20 -12.43 -7.35
CA ALA C 121 4.01 -12.21 -6.54
C ALA C 121 2.85 -11.68 -7.38
N SER C 122 3.16 -11.21 -8.58
CA SER C 122 2.14 -10.70 -9.50
C SER C 122 1.33 -11.78 -10.23
N ALA C 123 1.86 -13.00 -10.26
CA ALA C 123 1.39 -14.02 -11.18
C ALA C 123 0.02 -14.58 -10.78
N PRO C 124 -0.69 -15.20 -11.74
CA PRO C 124 -1.94 -15.91 -11.42
C PRO C 124 -1.77 -16.91 -10.29
N PHE C 125 -2.80 -17.03 -9.47
CA PHE C 125 -2.83 -17.90 -8.31
C PHE C 125 -2.42 -19.36 -8.56
N TYR C 126 -2.95 -19.96 -9.63
CA TYR C 126 -2.69 -21.38 -9.87
C TYR C 126 -1.27 -21.59 -10.38
N ILE C 127 -0.63 -20.53 -10.86
CA ILE C 127 0.79 -20.60 -11.18
C ILE C 127 1.61 -20.31 -9.92
N ARG C 128 1.23 -19.25 -9.21
CA ARG C 128 1.79 -18.89 -7.91
C ARG C 128 2.00 -20.10 -6.99
N ARG C 129 0.98 -20.95 -6.96
CA ARG C 129 0.95 -22.02 -5.97
C ARG C 129 1.93 -23.14 -6.33
N LEU C 130 2.54 -23.03 -7.51
CA LEU C 130 3.55 -23.99 -7.94
C LEU C 130 4.93 -23.62 -7.44
N SER C 131 5.07 -22.40 -6.91
CA SER C 131 6.35 -21.90 -6.44
C SER C 131 6.77 -22.70 -5.22
N THR C 132 8.00 -23.20 -5.22
CA THR C 132 8.49 -23.95 -4.08
C THR C 132 9.28 -23.05 -3.12
N ILE C 133 9.39 -21.77 -3.47
CA ILE C 133 9.99 -20.78 -2.59
C ILE C 133 9.15 -19.50 -2.54
N PHE C 134 9.22 -18.81 -1.42
CA PHE C 134 8.50 -17.55 -1.29
C PHE C 134 9.27 -16.40 -1.94
N LEU C 135 8.68 -15.82 -2.98
CA LEU C 135 9.21 -14.58 -3.56
C LEU C 135 8.25 -13.45 -3.19
N GLU C 136 8.79 -12.32 -2.73
CA GLU C 136 7.95 -11.20 -2.36
C GLU C 136 7.73 -10.23 -3.51
N LYS C 137 8.69 -10.17 -4.43
CA LYS C 137 8.67 -9.19 -5.51
C LYS C 137 7.74 -9.55 -6.67
N ARG C 138 7.18 -8.53 -7.29
CA ARG C 138 6.35 -8.70 -8.48
C ARG C 138 7.23 -8.67 -9.71
N GLY C 139 6.68 -9.09 -10.85
CA GLY C 139 7.38 -9.08 -12.12
C GLY C 139 7.92 -7.71 -12.47
N GLY C 140 9.20 -7.65 -12.85
CA GLY C 140 9.83 -6.37 -13.16
C GLY C 140 10.25 -5.54 -11.96
N GLU C 141 9.97 -6.04 -10.75
CA GLU C 141 10.43 -5.36 -9.55
C GLU C 141 11.82 -5.80 -9.11
N GLY C 142 12.41 -6.76 -9.82
CA GLY C 142 13.70 -7.29 -9.44
C GLY C 142 13.58 -8.70 -8.91
N VAL C 143 12.54 -9.41 -9.34
CA VAL C 143 12.25 -10.74 -8.78
C VAL C 143 13.19 -11.83 -9.28
N PHE C 144 13.78 -11.62 -10.46
CA PHE C 144 14.78 -12.56 -10.91
C PHE C 144 15.99 -12.44 -10.01
N ARG C 145 16.32 -11.20 -9.64
CA ARG C 145 17.39 -10.97 -8.69
C ARG C 145 17.05 -11.61 -7.34
N GLU C 146 15.84 -11.38 -6.83
CA GLU C 146 15.42 -12.03 -5.58
C GLU C 146 15.53 -13.56 -5.68
N PHE C 147 15.04 -14.10 -6.79
CA PHE C 147 15.07 -15.55 -7.05
C PHE C 147 16.48 -16.12 -6.92
N VAL C 148 17.43 -15.54 -7.66
CA VAL C 148 18.80 -16.03 -7.65
C VAL C 148 19.47 -15.91 -6.28
N GLU C 149 19.27 -14.79 -5.60
CA GLU C 149 19.87 -14.59 -4.28
C GLU C 149 19.42 -15.65 -3.27
N LYS C 150 18.14 -16.02 -3.32
CA LYS C 150 17.58 -16.99 -2.39
C LYS C 150 18.02 -18.41 -2.72
N VAL C 151 17.94 -18.76 -4.00
CA VAL C 151 18.40 -20.05 -4.51
C VAL C 151 19.87 -20.30 -4.18
N LEU C 152 20.69 -19.28 -4.38
CA LEU C 152 22.12 -19.40 -4.14
C LEU C 152 22.58 -19.13 -2.70
N GLY C 153 21.67 -18.65 -1.84
CA GLY C 153 21.97 -18.46 -0.43
C GLY C 153 22.86 -17.26 -0.17
N ILE C 154 22.76 -16.26 -1.05
CA ILE C 154 23.55 -15.04 -0.97
C ILE C 154 23.31 -14.32 0.35
N ASN C 155 24.34 -14.28 1.20
CA ASN C 155 24.25 -13.61 2.50
C ASN C 155 25.08 -12.32 2.54
N LEU C 156 25.25 -11.76 3.74
CA LEU C 156 25.96 -10.50 3.86
C LEU C 156 27.41 -10.68 3.44
N GLU C 157 28.02 -11.79 3.88
CA GLU C 157 29.42 -12.05 3.56
C GLU C 157 29.65 -12.20 2.07
N ASP C 158 28.63 -12.69 1.37
CA ASP C 158 28.70 -12.80 -0.09
C ASP C 158 28.81 -11.42 -0.70
N PHE C 159 27.99 -10.52 -0.19
CA PHE C 159 27.97 -9.15 -0.68
C PHE C 159 29.29 -8.43 -0.42
N ILE C 160 29.76 -8.51 0.82
CA ILE C 160 31.03 -7.88 1.21
C ILE C 160 32.14 -8.31 0.26
N ALA C 161 32.21 -9.62 0.00
CA ALA C 161 33.25 -10.26 -0.80
C ALA C 161 33.40 -9.77 -2.24
N VAL C 162 32.35 -9.19 -2.80
CA VAL C 162 32.38 -8.81 -4.20
C VAL C 162 32.44 -7.29 -4.39
N LYS D 2 28.09 18.21 9.02
CA LYS D 2 28.88 17.75 7.87
C LYS D 2 28.69 18.71 6.70
N GLU D 3 29.74 19.44 6.37
CA GLU D 3 29.71 20.38 5.24
C GLU D 3 30.06 19.69 3.92
N ILE D 4 29.22 19.90 2.92
CA ILE D 4 29.38 19.22 1.65
C ILE D 4 29.78 20.20 0.57
N LYS D 5 30.80 19.83 -0.22
CA LYS D 5 31.26 20.70 -1.30
C LYS D 5 30.95 20.14 -2.69
N LEU D 6 30.54 18.88 -2.75
CA LEU D 6 30.13 18.24 -4.00
C LEU D 6 29.04 17.21 -3.75
N ILE D 7 28.02 17.18 -4.61
CA ILE D 7 27.06 16.10 -4.56
C ILE D 7 27.23 15.20 -5.78
N LEU D 8 27.48 13.90 -5.57
CA LEU D 8 27.54 12.97 -6.69
C LEU D 8 26.33 12.03 -6.70
N THR D 9 25.91 11.63 -7.90
CA THR D 9 24.75 10.77 -8.03
C THR D 9 24.90 9.73 -9.13
N ASP D 10 24.28 8.57 -8.92
CA ASP D 10 24.17 7.49 -9.89
C ASP D 10 22.93 7.83 -10.70
N ILE D 11 22.69 7.13 -11.80
CA ILE D 11 21.48 7.36 -12.58
C ILE D 11 20.42 6.27 -12.39
N ASP D 12 20.63 5.13 -13.03
CA ASP D 12 19.63 4.08 -13.02
C ASP D 12 19.43 3.59 -11.59
N GLY D 13 18.18 3.67 -11.09
CA GLY D 13 17.88 3.24 -9.74
C GLY D 13 17.81 4.41 -8.78
N VAL D 14 18.31 5.55 -9.22
CA VAL D 14 18.21 6.77 -8.45
C VAL D 14 17.31 7.76 -9.19
N TRP D 15 17.80 8.28 -10.30
CA TRP D 15 17.00 9.13 -11.18
C TRP D 15 15.93 8.33 -11.90
N THR D 16 16.03 7.01 -11.87
CA THR D 16 15.00 6.17 -12.46
C THR D 16 14.60 5.07 -11.47
N ASP D 17 13.49 4.40 -11.75
CA ASP D 17 13.10 3.22 -10.98
C ASP D 17 13.89 1.99 -11.40
N GLY D 18 15.00 2.20 -12.10
CA GLY D 18 15.80 1.11 -12.59
C GLY D 18 15.33 0.56 -13.92
N GLY D 19 14.29 1.19 -14.46
CA GLY D 19 13.76 0.73 -15.73
C GLY D 19 14.67 1.02 -16.90
N MET D 20 14.93 -0.02 -17.66
CA MET D 20 15.64 0.12 -18.93
C MET D 20 14.72 -0.27 -20.08
N PHE D 21 14.19 0.73 -20.79
CA PHE D 21 13.28 0.47 -21.90
C PHE D 21 14.06 0.10 -23.17
N TYR D 22 13.64 -0.97 -23.83
CA TYR D 22 14.27 -1.37 -25.09
C TYR D 22 13.22 -1.38 -26.17
N ASP D 23 13.47 -0.67 -27.27
CA ASP D 23 12.56 -0.72 -28.41
C ASP D 23 12.77 -1.96 -29.28
N GLN D 24 12.01 -2.03 -30.35
CA GLN D 24 11.98 -3.21 -31.23
C GLN D 24 13.36 -3.61 -31.74
N THR D 25 14.23 -2.63 -31.91
CA THR D 25 15.59 -2.90 -32.38
C THR D 25 16.62 -2.82 -31.25
N GLY D 26 16.14 -2.72 -30.02
CA GLY D 26 17.02 -2.71 -28.87
C GLY D 26 17.57 -1.36 -28.43
N ASN D 27 17.12 -0.26 -29.04
CA ASN D 27 17.52 1.07 -28.56
C ASN D 27 16.88 1.43 -27.23
N GLU D 28 17.63 2.13 -26.38
CA GLU D 28 17.20 2.37 -25.00
C GLU D 28 16.46 3.69 -24.75
N TRP D 29 15.49 3.65 -23.84
CA TRP D 29 14.89 4.84 -23.28
C TRP D 29 15.05 4.74 -21.76
N LYS D 30 15.06 5.89 -21.08
CA LYS D 30 14.96 5.92 -19.61
C LYS D 30 13.87 6.91 -19.21
N LYS D 31 13.23 6.65 -18.08
CA LYS D 31 12.23 7.55 -17.54
C LYS D 31 12.82 8.32 -16.35
N PHE D 32 12.94 9.64 -16.49
CA PHE D 32 13.38 10.48 -15.40
C PHE D 32 12.17 11.12 -14.73
N ASN D 33 12.37 11.71 -13.56
CA ASN D 33 11.28 12.41 -12.92
C ASN D 33 11.60 13.90 -12.90
N THR D 34 10.62 14.71 -13.27
CA THR D 34 10.76 16.16 -13.30
C THR D 34 11.07 16.74 -11.92
N SER D 35 10.69 16.00 -10.87
CA SER D 35 10.86 16.47 -9.49
C SER D 35 12.33 16.58 -9.08
N ASP D 36 13.15 15.70 -9.63
CA ASP D 36 14.58 15.68 -9.32
C ASP D 36 15.37 16.91 -9.75
N SER D 37 14.88 17.63 -10.75
CA SER D 37 15.58 18.83 -11.21
C SER D 37 15.67 19.85 -10.08
N ALA D 38 14.70 19.82 -9.17
CA ALA D 38 14.71 20.72 -8.01
C ALA D 38 15.89 20.42 -7.09
N GLY D 39 16.37 19.18 -7.13
CA GLY D 39 17.59 18.84 -6.44
C GLY D 39 18.77 19.60 -7.00
N ILE D 40 18.84 19.71 -8.32
CA ILE D 40 19.89 20.53 -8.94
C ILE D 40 19.73 21.98 -8.48
N PHE D 41 18.50 22.49 -8.56
CA PHE D 41 18.19 23.86 -8.16
C PHE D 41 18.58 24.20 -6.72
N TRP D 42 18.32 23.29 -5.79
CA TRP D 42 18.71 23.50 -4.40
C TRP D 42 20.23 23.47 -4.24
N ALA D 43 20.88 22.56 -4.97
CA ALA D 43 22.33 22.47 -4.91
C ALA D 43 22.92 23.81 -5.31
N HIS D 44 22.51 24.29 -6.47
CA HIS D 44 23.07 25.54 -6.99
C HIS D 44 22.69 26.73 -6.12
N ASN D 45 21.44 26.75 -5.63
CA ASN D 45 21.01 27.76 -4.65
C ASN D 45 21.98 27.85 -3.46
N LYS D 46 22.46 26.70 -3.01
CA LYS D 46 23.39 26.65 -1.91
C LYS D 46 24.84 26.68 -2.37
N GLY D 47 25.04 26.89 -3.67
CA GLY D 47 26.38 26.98 -4.22
C GLY D 47 27.17 25.68 -4.26
N ILE D 48 26.46 24.59 -4.53
CA ILE D 48 27.09 23.27 -4.57
C ILE D 48 27.00 22.63 -5.96
N PRO D 49 28.14 22.24 -6.54
CA PRO D 49 28.12 21.59 -7.85
C PRO D 49 27.58 20.16 -7.74
N VAL D 50 27.03 19.66 -8.85
CA VAL D 50 26.47 18.32 -8.93
C VAL D 50 27.21 17.49 -9.98
N GLY D 51 27.57 16.25 -9.64
CA GLY D 51 28.19 15.36 -10.60
C GLY D 51 27.44 14.06 -10.83
N ILE D 52 27.53 13.53 -12.04
CA ILE D 52 26.89 12.26 -12.40
C ILE D 52 27.95 11.23 -12.73
N LEU D 53 27.91 10.09 -12.05
CA LEU D 53 28.75 8.94 -12.37
C LEU D 53 27.88 7.80 -12.89
N THR D 54 28.33 7.16 -13.96
CA THR D 54 27.59 6.01 -14.47
C THR D 54 28.46 5.04 -15.26
N GLY D 55 28.14 3.76 -15.16
CA GLY D 55 28.85 2.73 -15.88
C GLY D 55 28.44 2.70 -17.35
N ALA D 56 27.18 3.01 -17.59
CA ALA D 56 26.68 3.04 -18.96
C ALA D 56 27.17 4.29 -19.64
N LYS D 57 27.05 4.30 -20.97
CA LYS D 57 27.30 5.50 -21.74
C LYS D 57 26.18 5.69 -22.77
N THR D 58 25.34 6.68 -22.53
CA THR D 58 24.22 6.96 -23.42
C THR D 58 24.10 8.43 -23.72
N GLU D 59 23.47 8.74 -24.85
CA GLU D 59 23.08 10.09 -25.19
C GLU D 59 21.88 10.50 -24.33
N ILE D 60 21.21 9.50 -23.77
CA ILE D 60 20.07 9.74 -22.91
C ILE D 60 20.51 10.55 -21.70
N VAL D 61 21.56 10.09 -21.03
CA VAL D 61 22.07 10.76 -19.84
C VAL D 61 22.70 12.12 -20.15
N ARG D 62 23.47 12.19 -21.24
CA ARG D 62 24.08 13.45 -21.67
C ARG D 62 23.04 14.54 -21.92
N ARG D 63 21.95 14.20 -22.60
CA ARG D 63 20.90 15.19 -22.86
C ARG D 63 20.24 15.66 -21.56
N ARG D 64 19.94 14.74 -20.66
CA ARG D 64 19.26 15.10 -19.42
C ARG D 64 20.17 15.99 -18.58
N ALA D 65 21.43 15.55 -18.41
CA ALA D 65 22.45 16.30 -17.67
C ALA D 65 22.56 17.73 -18.19
N GLU D 66 22.59 17.86 -19.50
CA GLU D 66 22.67 19.16 -20.16
C GLU D 66 21.44 19.99 -19.84
N ALA D 67 20.28 19.34 -19.89
CA ALA D 67 19.00 19.98 -19.62
C ALA D 67 18.88 20.49 -18.19
N LEU D 68 19.57 19.82 -17.27
CA LEU D 68 19.46 20.14 -15.87
C LEU D 68 20.65 20.96 -15.40
N LYS D 69 21.56 21.25 -16.33
CA LYS D 69 22.75 22.05 -16.05
C LYS D 69 23.62 21.41 -14.98
N VAL D 70 23.77 20.10 -15.07
CA VAL D 70 24.66 19.39 -14.17
C VAL D 70 26.10 19.81 -14.46
N ASP D 71 26.89 19.99 -13.40
CA ASP D 71 28.24 20.54 -13.52
C ASP D 71 29.25 19.52 -14.06
N TYR D 72 29.09 18.26 -13.68
CA TYR D 72 30.06 17.23 -14.05
C TYR D 72 29.36 15.96 -14.51
N LEU D 73 29.95 15.29 -15.51
CA LEU D 73 29.34 14.12 -16.11
C LEU D 73 30.41 13.12 -16.55
N PHE D 74 30.45 11.99 -15.87
CA PHE D 74 31.38 10.93 -16.24
C PHE D 74 30.57 9.70 -16.61
N GLN D 75 30.81 9.20 -17.82
CA GLN D 75 30.08 8.05 -18.34
C GLN D 75 31.07 7.00 -18.73
N GLY D 76 30.63 5.74 -18.77
CA GLY D 76 31.52 4.64 -19.12
C GLY D 76 32.51 4.40 -18.00
N VAL D 77 32.14 4.86 -16.80
CA VAL D 77 32.96 4.70 -15.62
C VAL D 77 33.03 3.22 -15.24
N VAL D 78 34.22 2.66 -15.19
CA VAL D 78 34.36 1.25 -14.88
C VAL D 78 34.42 1.02 -13.36
N ASP D 79 34.98 1.99 -12.63
CA ASP D 79 35.02 1.96 -11.18
C ASP D 79 34.58 3.34 -10.68
N LYS D 80 33.42 3.39 -10.03
CA LYS D 80 32.87 4.67 -9.60
C LYS D 80 33.69 5.36 -8.54
N LEU D 81 34.30 4.59 -7.65
CA LEU D 81 35.11 5.19 -6.60
C LEU D 81 36.33 5.95 -7.17
N SER D 82 37.03 5.35 -8.11
CA SER D 82 38.26 5.96 -8.64
C SER D 82 37.94 7.17 -9.50
N ALA D 83 36.86 7.10 -10.26
CA ALA D 83 36.36 8.27 -10.96
C ALA D 83 36.06 9.38 -9.96
N ALA D 84 35.48 9.00 -8.83
CA ALA D 84 35.13 9.96 -7.80
C ALA D 84 36.40 10.51 -7.17
N GLU D 85 37.34 9.61 -6.91
CA GLU D 85 38.65 9.99 -6.41
C GLU D 85 39.34 10.95 -7.38
N GLU D 86 39.23 10.64 -8.67
CA GLU D 86 39.88 11.42 -9.71
C GLU D 86 39.35 12.84 -9.80
N LEU D 87 38.03 13.00 -9.64
CA LEU D 87 37.41 14.31 -9.70
C LEU D 87 37.74 15.12 -8.46
N CYS D 88 37.64 14.49 -7.30
CA CYS D 88 37.98 15.13 -6.03
C CYS D 88 39.45 15.58 -5.99
N ASN D 89 40.32 14.81 -6.62
CA ASN D 89 41.72 15.23 -6.69
C ASN D 89 41.86 16.49 -7.53
N GLU D 90 41.07 16.58 -8.60
CA GLU D 90 41.15 17.70 -9.54
C GLU D 90 40.54 18.95 -8.92
N LEU D 91 39.56 18.74 -8.05
CA LEU D 91 38.87 19.84 -7.39
C LEU D 91 39.51 20.11 -6.05
N GLY D 92 40.36 19.20 -5.61
CA GLY D 92 41.14 19.39 -4.40
C GLY D 92 40.34 19.16 -3.14
N ILE D 93 39.26 18.39 -3.24
CA ILE D 93 38.46 18.08 -2.07
C ILE D 93 38.61 16.63 -1.66
N ASN D 94 38.07 16.31 -0.50
CA ASN D 94 38.17 14.98 0.05
C ASN D 94 36.81 14.30 -0.12
N LEU D 95 36.80 12.97 -0.19
CA LEU D 95 35.56 12.22 -0.27
C LEU D 95 34.65 12.48 0.94
N GLU D 96 35.28 12.88 2.05
CA GLU D 96 34.55 13.20 3.27
C GLU D 96 33.66 14.44 3.08
N GLN D 97 34.01 15.29 2.11
CA GLN D 97 33.27 16.52 1.82
C GLN D 97 32.27 16.30 0.70
N VAL D 98 31.97 15.04 0.41
CA VAL D 98 31.11 14.68 -0.71
C VAL D 98 29.87 13.94 -0.19
N ALA D 99 28.74 14.16 -0.85
CA ALA D 99 27.54 13.37 -0.63
C ALA D 99 27.25 12.58 -1.91
N TYR D 100 26.96 11.29 -1.76
CA TYR D 100 26.73 10.40 -2.90
C TYR D 100 25.48 9.57 -2.71
N ILE D 101 24.68 9.45 -3.77
CA ILE D 101 23.55 8.53 -3.79
C ILE D 101 23.62 7.54 -4.96
N GLY D 102 23.56 6.25 -4.63
CA GLY D 102 23.59 5.17 -5.60
C GLY D 102 22.74 4.02 -5.08
N ASP D 103 22.67 2.89 -5.81
CA ASP D 103 21.67 1.89 -5.45
C ASP D 103 22.06 0.43 -5.65
N ASP D 104 23.23 0.15 -6.19
CA ASP D 104 23.56 -1.25 -6.43
C ASP D 104 24.99 -1.58 -6.07
N LEU D 105 25.43 -2.78 -6.48
CA LEU D 105 26.73 -3.30 -6.08
C LEU D 105 27.90 -2.36 -6.40
N ASN D 106 27.91 -1.80 -7.61
CA ASN D 106 29.06 -1.00 -8.02
C ASN D 106 29.09 0.39 -7.39
N ASP D 107 28.09 0.68 -6.56
CA ASP D 107 28.09 1.92 -5.80
C ASP D 107 28.62 1.71 -4.39
N ALA D 108 28.65 0.44 -3.95
CA ALA D 108 28.92 0.13 -2.53
C ALA D 108 30.23 0.74 -2.01
N LYS D 109 31.31 0.57 -2.77
CA LYS D 109 32.62 1.03 -2.33
C LYS D 109 32.67 2.55 -2.20
N LEU D 110 31.96 3.24 -3.08
CA LEU D 110 31.94 4.69 -2.99
C LEU D 110 31.06 5.16 -1.83
N LEU D 111 29.93 4.49 -1.62
CA LEU D 111 28.99 4.80 -0.56
C LEU D 111 29.64 4.79 0.83
N LYS D 112 30.66 3.97 0.96
CA LYS D 112 31.34 3.80 2.24
C LYS D 112 32.43 4.82 2.43
N ARG D 113 32.73 5.58 1.38
CA ARG D 113 33.83 6.54 1.44
C ARG D 113 33.37 7.98 1.65
N VAL D 114 32.17 8.31 1.17
CA VAL D 114 31.69 9.69 1.19
C VAL D 114 31.25 10.13 2.58
N GLY D 115 31.16 11.44 2.77
CA GLY D 115 30.74 12.00 4.04
C GLY D 115 29.30 11.70 4.34
N ILE D 116 28.44 11.80 3.31
CA ILE D 116 27.04 11.45 3.44
C ILE D 116 26.66 10.49 2.31
N ALA D 117 26.23 9.30 2.67
CA ALA D 117 25.76 8.33 1.69
C ALA D 117 24.24 8.20 1.75
N GLY D 118 23.59 8.24 0.60
CA GLY D 118 22.18 7.89 0.51
C GLY D 118 21.96 6.68 -0.38
N VAL D 119 20.87 5.97 -0.12
CA VAL D 119 20.45 4.82 -0.93
C VAL D 119 18.92 4.82 -0.89
N PRO D 120 18.26 4.74 -2.05
CA PRO D 120 16.80 4.90 -2.15
C PRO D 120 16.05 3.73 -1.51
N ALA D 121 14.80 3.93 -1.11
CA ALA D 121 14.03 2.86 -0.43
C ALA D 121 13.79 1.63 -1.31
N SER D 122 14.05 1.76 -2.61
CA SER D 122 13.78 0.69 -3.55
C SER D 122 14.95 -0.30 -3.62
N ALA D 123 16.08 0.10 -3.06
CA ALA D 123 17.34 -0.62 -3.24
C ALA D 123 17.43 -1.95 -2.49
N PRO D 124 18.27 -2.87 -3.00
CA PRO D 124 18.62 -4.12 -2.31
C PRO D 124 19.06 -3.87 -0.88
N PHE D 125 18.54 -4.68 0.04
CA PHE D 125 18.92 -4.62 1.45
C PHE D 125 20.43 -4.39 1.74
N TYR D 126 21.31 -5.14 1.09
CA TYR D 126 22.74 -5.05 1.39
C TYR D 126 23.31 -3.66 1.05
N ILE D 127 22.65 -2.95 0.14
CA ILE D 127 23.09 -1.63 -0.26
C ILE D 127 22.39 -0.58 0.60
N ARG D 128 21.09 -0.77 0.81
CA ARG D 128 20.33 0.15 1.63
C ARG D 128 20.97 0.41 2.99
N ARG D 129 21.50 -0.63 3.62
CA ARG D 129 22.09 -0.46 4.94
C ARG D 129 23.32 0.47 4.93
N LEU D 130 23.93 0.63 3.76
CA LEU D 130 25.09 1.52 3.62
C LEU D 130 24.71 2.99 3.73
N SER D 131 23.43 3.32 3.49
CA SER D 131 22.96 4.70 3.57
C SER D 131 23.19 5.25 4.98
N THR D 132 23.52 6.53 5.09
CA THR D 132 23.74 7.13 6.40
C THR D 132 22.57 8.02 6.84
N ILE D 133 21.69 8.36 5.89
CA ILE D 133 20.44 9.04 6.22
C ILE D 133 19.26 8.29 5.63
N PHE D 134 18.11 8.42 6.27
CA PHE D 134 16.92 7.72 5.82
C PHE D 134 16.29 8.40 4.60
N LEU D 135 16.06 7.63 3.54
CA LEU D 135 15.38 8.13 2.34
C LEU D 135 14.11 7.30 2.14
N GLU D 136 12.97 7.99 2.13
CA GLU D 136 11.65 7.35 2.09
C GLU D 136 11.26 7.01 0.67
N LYS D 137 11.80 7.76 -0.28
CA LYS D 137 11.39 7.60 -1.66
C LYS D 137 12.19 6.53 -2.41
N ARG D 138 11.56 5.89 -3.38
CA ARG D 138 12.20 4.92 -4.24
C ARG D 138 12.87 5.63 -5.42
N GLY D 139 13.68 4.90 -6.17
CA GLY D 139 14.29 5.43 -7.38
C GLY D 139 13.19 5.79 -8.34
N GLY D 140 13.36 6.90 -9.06
CA GLY D 140 12.33 7.39 -9.96
C GLY D 140 11.21 8.19 -9.30
N GLU D 141 11.16 8.16 -7.97
CA GLU D 141 10.08 8.83 -7.24
C GLU D 141 10.44 10.24 -6.82
N GLY D 142 11.63 10.70 -7.22
CA GLY D 142 12.13 11.99 -6.78
C GLY D 142 13.04 11.81 -5.59
N VAL D 143 13.77 10.71 -5.55
CA VAL D 143 14.65 10.41 -4.42
C VAL D 143 15.97 11.20 -4.49
N PHE D 144 16.39 11.60 -5.69
CA PHE D 144 17.56 12.47 -5.79
C PHE D 144 17.24 13.80 -5.13
N ARG D 145 16.06 14.33 -5.44
CA ARG D 145 15.59 15.56 -4.82
C ARG D 145 15.52 15.43 -3.29
N GLU D 146 14.86 14.37 -2.82
CA GLU D 146 14.79 14.08 -1.38
C GLU D 146 16.18 14.10 -0.76
N PHE D 147 17.12 13.41 -1.40
CA PHE D 147 18.49 13.32 -0.90
C PHE D 147 19.14 14.68 -0.71
N VAL D 148 19.06 15.53 -1.73
CA VAL D 148 19.68 16.86 -1.69
C VAL D 148 19.05 17.80 -0.64
N GLU D 149 17.74 17.72 -0.48
CA GLU D 149 17.05 18.55 0.50
C GLU D 149 17.43 18.18 1.94
N LYS D 150 17.63 16.90 2.20
CA LYS D 150 18.09 16.46 3.52
C LYS D 150 19.54 16.81 3.76
N VAL D 151 20.40 16.50 2.79
CA VAL D 151 21.81 16.86 2.86
C VAL D 151 22.04 18.37 3.11
N LEU D 152 21.32 19.21 2.39
CA LEU D 152 21.49 20.64 2.50
C LEU D 152 20.67 21.25 3.62
N GLY D 153 19.81 20.45 4.23
CA GLY D 153 18.96 20.91 5.32
C GLY D 153 17.95 21.95 4.86
N ILE D 154 17.38 21.73 3.68
CA ILE D 154 16.40 22.65 3.10
C ILE D 154 15.13 22.72 3.96
N ASN D 155 14.88 23.89 4.53
CA ASN D 155 13.78 24.13 5.45
C ASN D 155 12.64 24.91 4.79
N LEU D 156 11.53 25.09 5.50
CA LEU D 156 10.44 25.90 4.96
C LEU D 156 10.93 27.33 4.78
N GLU D 157 11.85 27.74 5.65
CA GLU D 157 12.50 29.03 5.55
C GLU D 157 13.19 29.22 4.20
N ASP D 158 13.94 28.21 3.76
CA ASP D 158 14.59 28.25 2.47
C ASP D 158 13.58 28.29 1.32
N PHE D 159 12.48 27.58 1.47
CA PHE D 159 11.44 27.55 0.46
C PHE D 159 10.78 28.91 0.34
N ILE D 160 10.43 29.50 1.47
CA ILE D 160 9.78 30.81 1.49
C ILE D 160 10.70 31.87 0.86
N ALA D 161 12.00 31.76 1.14
CA ALA D 161 12.99 32.68 0.57
C ALA D 161 12.97 32.73 -0.96
N VAL D 162 12.85 31.57 -1.60
CA VAL D 162 12.96 31.51 -3.07
C VAL D 162 11.68 31.83 -3.84
N ILE D 163 10.53 31.87 -3.18
CA ILE D 163 9.27 32.22 -3.86
C ILE D 163 8.77 33.64 -3.50
N GLN D 164 9.65 34.63 -3.65
CA GLN D 164 9.31 36.00 -3.33
C GLN D 164 9.38 36.91 -4.56
N MET E 1 -17.79 -24.13 -9.37
CA MET E 1 -17.92 -24.44 -7.95
C MET E 1 -18.63 -25.77 -7.71
N LYS E 2 -17.89 -26.75 -7.18
CA LYS E 2 -18.43 -28.08 -6.95
C LYS E 2 -19.50 -28.07 -5.86
N GLU E 3 -20.07 -29.23 -5.55
CA GLU E 3 -21.16 -29.28 -4.60
C GLU E 3 -20.67 -29.48 -3.16
N ILE E 4 -20.83 -28.44 -2.37
CA ILE E 4 -20.38 -28.46 -0.99
C ILE E 4 -21.58 -28.64 -0.06
N LYS E 5 -21.43 -29.53 0.91
CA LYS E 5 -22.52 -29.81 1.85
C LYS E 5 -22.19 -29.41 3.29
N LEU E 6 -20.98 -28.90 3.49
CA LEU E 6 -20.49 -28.49 4.82
C LEU E 6 -19.30 -27.56 4.70
N ILE E 7 -19.32 -26.47 5.47
CA ILE E 7 -18.21 -25.53 5.49
C ILE E 7 -17.54 -25.56 6.86
N LEU E 8 -16.23 -25.77 6.86
CA LEU E 8 -15.48 -25.82 8.10
C LEU E 8 -14.45 -24.71 8.14
N THR E 9 -14.07 -24.27 9.34
CA THR E 9 -13.17 -23.14 9.46
C THR E 9 -12.32 -23.15 10.74
N ASP E 10 -11.07 -22.72 10.60
CA ASP E 10 -10.17 -22.44 11.73
C ASP E 10 -10.59 -21.07 12.27
N ILE E 11 -10.05 -20.65 13.41
CA ILE E 11 -10.35 -19.33 13.97
C ILE E 11 -9.16 -18.36 13.85
N ASP E 12 -8.09 -18.63 14.58
CA ASP E 12 -6.93 -17.75 14.61
C ASP E 12 -6.24 -17.68 13.27
N GLY E 13 -6.14 -16.48 12.72
CA GLY E 13 -5.54 -16.31 11.41
C GLY E 13 -6.57 -16.44 10.30
N VAL E 14 -7.79 -16.78 10.66
CA VAL E 14 -8.90 -16.75 9.72
C VAL E 14 -9.95 -15.75 10.17
N TRP E 15 -10.50 -15.97 11.36
CA TRP E 15 -11.49 -15.04 11.90
C TRP E 15 -10.82 -13.83 12.54
N THR E 16 -9.53 -13.97 12.82
CA THR E 16 -8.75 -12.92 13.44
C THR E 16 -7.49 -12.79 12.61
N ASP E 17 -6.67 -11.78 12.86
CA ASP E 17 -5.39 -11.67 12.16
C ASP E 17 -4.28 -12.52 12.82
N GLY E 18 -4.66 -13.42 13.72
CA GLY E 18 -3.69 -14.22 14.46
C GLY E 18 -3.25 -13.55 15.76
N GLY E 19 -3.81 -12.37 16.01
CA GLY E 19 -3.49 -11.58 17.18
C GLY E 19 -4.17 -12.08 18.44
N MET E 20 -3.37 -12.25 19.48
CA MET E 20 -3.85 -12.67 20.78
C MET E 20 -3.42 -11.66 21.85
N PHE E 21 -4.40 -10.95 22.43
CA PHE E 21 -4.12 -9.94 23.43
C PHE E 21 -4.01 -10.54 24.83
N TYR E 22 -2.99 -10.11 25.57
CA TYR E 22 -2.77 -10.55 26.96
C TYR E 22 -2.68 -9.37 27.91
N ASP E 23 -3.36 -9.45 29.05
CA ASP E 23 -3.20 -8.42 30.06
C ASP E 23 -2.36 -8.94 31.23
N GLN E 24 -2.29 -8.15 32.30
CA GLN E 24 -1.45 -8.45 33.46
C GLN E 24 -2.14 -9.38 34.46
N THR E 25 -3.44 -9.58 34.28
CA THR E 25 -4.21 -10.31 35.26
C THR E 25 -4.59 -11.71 34.80
N GLY E 26 -4.04 -12.12 33.66
CA GLY E 26 -4.35 -13.44 33.13
C GLY E 26 -5.51 -13.49 32.15
N ASN E 27 -6.11 -12.34 31.84
CA ASN E 27 -7.19 -12.31 30.86
C ASN E 27 -6.66 -12.35 29.42
N GLU E 28 -7.55 -12.65 28.48
CA GLU E 28 -7.12 -12.81 27.11
C GLU E 28 -8.21 -12.36 26.15
N TRP E 29 -7.80 -11.81 25.01
CA TRP E 29 -8.73 -11.33 23.99
C TRP E 29 -8.35 -11.80 22.59
N LYS E 30 -9.35 -11.81 21.70
CA LYS E 30 -9.13 -11.98 20.27
C LYS E 30 -10.00 -10.94 19.59
N LYS E 31 -9.54 -10.40 18.47
CA LYS E 31 -10.34 -9.46 17.69
C LYS E 31 -11.04 -10.17 16.54
N PHE E 32 -12.37 -10.16 16.56
CA PHE E 32 -13.16 -10.68 15.46
C PHE E 32 -13.63 -9.55 14.56
N ASN E 33 -14.07 -9.90 13.36
CA ASN E 33 -14.56 -8.90 12.44
C ASN E 33 -16.03 -9.15 12.21
N THR E 34 -16.82 -8.10 12.36
CA THR E 34 -18.27 -8.22 12.23
C THR E 34 -18.65 -8.68 10.82
N SER E 35 -17.79 -8.35 9.85
CA SER E 35 -18.04 -8.69 8.46
C SER E 35 -18.23 -10.18 8.29
N ASP E 36 -17.59 -10.96 9.15
CA ASP E 36 -17.62 -12.43 9.03
C ASP E 36 -18.97 -13.06 9.36
N SER E 37 -19.82 -12.34 10.08
CA SER E 37 -21.14 -12.87 10.48
C SER E 37 -21.95 -13.25 9.25
N ALA E 38 -21.75 -12.50 8.18
CA ALA E 38 -22.47 -12.71 6.93
C ALA E 38 -22.16 -14.07 6.32
N GLY E 39 -20.94 -14.54 6.53
CA GLY E 39 -20.56 -15.87 6.08
C GLY E 39 -21.47 -16.94 6.67
N ILE E 40 -21.80 -16.79 7.94
CA ILE E 40 -22.74 -17.70 8.59
C ILE E 40 -24.12 -17.55 7.96
N PHE E 41 -24.51 -16.29 7.75
CA PHE E 41 -25.81 -15.98 7.17
C PHE E 41 -26.00 -16.58 5.77
N TRP E 42 -24.97 -16.50 4.94
CA TRP E 42 -25.05 -16.99 3.58
C TRP E 42 -25.17 -18.50 3.56
N ALA E 43 -24.41 -19.16 4.42
CA ALA E 43 -24.40 -20.62 4.47
C ALA E 43 -25.71 -21.20 4.97
N HIS E 44 -26.27 -20.61 6.03
CA HIS E 44 -27.55 -21.06 6.55
C HIS E 44 -28.65 -20.75 5.54
N ASN E 45 -28.52 -19.60 4.89
CA ASN E 45 -29.42 -19.22 3.80
C ASN E 45 -29.46 -20.25 2.68
N LYS E 46 -28.32 -20.89 2.40
CA LYS E 46 -28.29 -21.94 1.39
C LYS E 46 -28.56 -23.29 2.03
N GLY E 47 -28.93 -23.28 3.31
CA GLY E 47 -29.21 -24.50 4.03
C GLY E 47 -27.98 -25.39 4.16
N ILE E 48 -26.82 -24.78 4.33
CA ILE E 48 -25.57 -25.51 4.54
C ILE E 48 -25.03 -25.18 5.92
N PRO E 49 -24.62 -26.22 6.67
CA PRO E 49 -24.11 -26.01 8.03
C PRO E 49 -22.66 -25.54 8.07
N VAL E 50 -22.29 -24.82 9.13
CA VAL E 50 -20.92 -24.34 9.33
C VAL E 50 -20.33 -25.01 10.57
N GLY E 51 -19.05 -25.36 10.52
CA GLY E 51 -18.39 -25.97 11.66
C GLY E 51 -17.05 -25.34 11.98
N ILE E 52 -16.73 -25.23 13.26
CA ILE E 52 -15.46 -24.65 13.67
C ILE E 52 -14.49 -25.68 14.25
N LEU E 53 -13.28 -25.72 13.68
CA LEU E 53 -12.23 -26.61 14.16
C LEU E 53 -11.03 -25.81 14.66
N THR E 54 -10.67 -26.00 15.93
CA THR E 54 -9.53 -25.30 16.52
C THR E 54 -8.75 -26.22 17.47
N GLY E 55 -7.44 -26.25 17.31
CA GLY E 55 -6.56 -27.04 18.16
C GLY E 55 -6.46 -26.43 19.56
N ALA E 56 -6.48 -25.10 19.60
CA ALA E 56 -6.56 -24.37 20.85
C ALA E 56 -7.97 -24.49 21.40
N LYS E 57 -8.16 -24.04 22.64
CA LYS E 57 -9.45 -24.14 23.32
C LYS E 57 -9.64 -22.94 24.24
N THR E 58 -10.62 -22.10 23.93
CA THR E 58 -10.90 -20.90 24.71
C THR E 58 -12.39 -20.61 24.81
N GLU E 59 -12.78 -20.00 25.92
CA GLU E 59 -14.14 -19.53 26.07
C GLU E 59 -14.42 -18.37 25.11
N ILE E 60 -13.39 -17.57 24.82
CA ILE E 60 -13.49 -16.50 23.82
C ILE E 60 -14.18 -17.01 22.55
N VAL E 61 -13.73 -18.18 22.09
CA VAL E 61 -14.25 -18.79 20.86
C VAL E 61 -15.64 -19.41 21.03
N ARG E 62 -15.88 -20.02 22.19
CA ARG E 62 -17.19 -20.60 22.49
C ARG E 62 -18.28 -19.53 22.51
N ARG E 63 -18.00 -18.42 23.20
CA ARG E 63 -18.88 -17.25 23.22
C ARG E 63 -19.20 -16.78 21.81
N ARG E 64 -18.16 -16.52 21.03
CA ARG E 64 -18.33 -15.98 19.68
C ARG E 64 -19.10 -16.94 18.77
N ALA E 65 -18.79 -18.23 18.90
CA ALA E 65 -19.48 -19.28 18.14
C ALA E 65 -20.94 -19.34 18.54
N GLU E 66 -21.19 -19.14 19.82
CA GLU E 66 -22.54 -19.17 20.37
C GLU E 66 -23.40 -18.08 19.72
N ALA E 67 -22.89 -16.85 19.72
CA ALA E 67 -23.64 -15.71 19.20
C ALA E 67 -24.00 -15.87 17.72
N LEU E 68 -23.03 -16.25 16.90
CA LEU E 68 -23.23 -16.36 15.47
C LEU E 68 -24.07 -17.58 15.05
N LYS E 69 -24.46 -18.39 16.02
CA LYS E 69 -25.24 -19.62 15.77
C LYS E 69 -24.53 -20.61 14.83
N VAL E 70 -23.24 -20.80 15.04
CA VAL E 70 -22.48 -21.80 14.29
C VAL E 70 -23.04 -23.18 14.61
N ASP E 71 -23.13 -24.05 13.59
CA ASP E 71 -23.73 -25.37 13.80
C ASP E 71 -22.89 -26.28 14.69
N TYR E 72 -21.60 -26.38 14.39
CA TYR E 72 -20.72 -27.31 15.11
C TYR E 72 -19.48 -26.65 15.68
N LEU E 73 -19.13 -27.03 16.91
CA LEU E 73 -17.93 -26.52 17.54
C LEU E 73 -17.11 -27.63 18.13
N PHE E 74 -15.93 -27.84 17.57
CA PHE E 74 -15.00 -28.81 18.10
C PHE E 74 -13.71 -28.10 18.47
N GLN E 75 -13.52 -27.85 19.76
CA GLN E 75 -12.33 -27.17 20.26
C GLN E 75 -11.32 -28.19 20.78
N GLY E 76 -10.08 -27.75 20.96
CA GLY E 76 -9.04 -28.59 21.51
C GLY E 76 -8.72 -29.83 20.67
N VAL E 77 -8.93 -29.74 19.37
CA VAL E 77 -8.70 -30.88 18.48
C VAL E 77 -7.20 -31.10 18.21
N VAL E 78 -6.76 -32.34 18.37
CA VAL E 78 -5.35 -32.66 18.16
C VAL E 78 -5.10 -33.11 16.72
N ASP E 79 -6.18 -33.42 16.00
CA ASP E 79 -6.10 -33.89 14.62
C ASP E 79 -7.31 -33.41 13.85
N LYS E 80 -7.16 -32.29 13.13
CA LYS E 80 -8.26 -31.68 12.39
C LYS E 80 -8.76 -32.56 11.27
N LEU E 81 -7.86 -33.30 10.64
CA LEU E 81 -8.26 -34.21 9.56
C LEU E 81 -9.14 -35.34 10.10
N SER E 82 -8.76 -35.91 11.24
CA SER E 82 -9.52 -36.99 11.86
C SER E 82 -10.86 -36.50 12.36
N ALA E 83 -10.92 -35.23 12.76
CA ALA E 83 -12.14 -34.63 13.26
C ALA E 83 -13.14 -34.43 12.13
N ALA E 84 -12.66 -33.87 11.02
CA ALA E 84 -13.51 -33.62 9.88
C ALA E 84 -14.05 -34.92 9.30
N GLU E 85 -13.18 -35.94 9.28
CA GLU E 85 -13.57 -37.27 8.79
C GLU E 85 -14.72 -37.85 9.60
N GLU E 86 -14.58 -37.87 10.93
CA GLU E 86 -15.64 -38.36 11.78
C GLU E 86 -16.94 -37.59 11.55
N LEU E 87 -16.82 -36.28 11.34
CA LEU E 87 -17.99 -35.42 11.18
C LEU E 87 -18.69 -35.67 9.85
N CYS E 88 -17.91 -36.01 8.84
CA CYS E 88 -18.49 -36.29 7.52
C CYS E 88 -19.23 -37.61 7.53
N ASN E 89 -18.71 -38.56 8.33
CA ASN E 89 -19.38 -39.83 8.53
C ASN E 89 -20.63 -39.61 9.38
N GLU E 90 -20.56 -38.59 10.23
CA GLU E 90 -21.69 -38.18 11.07
C GLU E 90 -22.76 -37.43 10.28
N LEU E 91 -22.59 -37.38 8.96
CA LEU E 91 -23.49 -36.62 8.11
C LEU E 91 -23.76 -37.37 6.81
N GLY E 92 -22.99 -38.42 6.57
CA GLY E 92 -23.13 -39.19 5.34
C GLY E 92 -22.53 -38.43 4.17
N ILE E 93 -21.49 -37.67 4.48
CA ILE E 93 -20.90 -36.73 3.54
C ILE E 93 -19.47 -37.14 3.20
N ASN E 94 -19.02 -36.85 1.98
CA ASN E 94 -17.61 -37.05 1.61
C ASN E 94 -16.77 -35.80 1.91
N LEU E 95 -15.49 -36.00 2.17
CA LEU E 95 -14.55 -34.89 2.37
C LEU E 95 -14.48 -34.02 1.13
N GLU E 96 -14.71 -34.65 -0.02
CA GLU E 96 -14.77 -33.95 -1.30
C GLU E 96 -15.96 -32.98 -1.36
N GLN E 97 -16.90 -33.13 -0.44
CA GLN E 97 -18.07 -32.26 -0.37
C GLN E 97 -17.96 -31.19 0.72
N VAL E 98 -16.75 -31.03 1.24
CA VAL E 98 -16.50 -30.10 2.33
C VAL E 98 -15.57 -28.97 1.89
N ALA E 99 -15.86 -27.74 2.34
CA ALA E 99 -14.96 -26.63 2.12
C ALA E 99 -14.33 -26.23 3.46
N TYR E 100 -12.99 -26.20 3.50
CA TYR E 100 -12.27 -25.88 4.72
C TYR E 100 -11.35 -24.68 4.51
N ILE E 101 -11.39 -23.74 5.46
CA ILE E 101 -10.44 -22.63 5.46
C ILE E 101 -9.54 -22.65 6.71
N GLY E 102 -8.23 -22.66 6.48
CA GLY E 102 -7.27 -22.65 7.57
C GLY E 102 -6.06 -21.82 7.21
N ASP E 103 -5.10 -21.69 8.12
CA ASP E 103 -4.01 -20.75 7.91
C ASP E 103 -2.62 -21.25 8.29
N ASP E 104 -2.53 -22.37 9.01
CA ASP E 104 -1.21 -22.80 9.47
C ASP E 104 -0.98 -24.32 9.46
N LEU E 105 0.16 -24.71 10.03
CA LEU E 105 0.68 -26.07 9.96
C LEU E 105 -0.32 -27.17 10.34
N ASN E 106 -1.12 -26.92 11.38
CA ASN E 106 -2.11 -27.89 11.85
C ASN E 106 -3.34 -28.00 10.96
N ASP E 107 -3.43 -27.10 9.99
CA ASP E 107 -4.55 -27.11 9.05
C ASP E 107 -4.19 -27.86 7.77
N ALA E 108 -2.89 -28.05 7.56
CA ALA E 108 -2.36 -28.57 6.29
C ALA E 108 -2.96 -29.89 5.79
N LYS E 109 -2.93 -30.92 6.63
CA LYS E 109 -3.43 -32.24 6.23
C LYS E 109 -4.87 -32.22 5.74
N LEU E 110 -5.73 -31.51 6.46
CA LEU E 110 -7.13 -31.37 6.11
C LEU E 110 -7.31 -30.58 4.81
N LEU E 111 -6.55 -29.49 4.68
CA LEU E 111 -6.56 -28.65 3.48
C LEU E 111 -6.28 -29.45 2.21
N LYS E 112 -5.38 -30.42 2.31
CA LYS E 112 -5.01 -31.23 1.16
C LYS E 112 -6.06 -32.28 0.80
N ARG E 113 -7.05 -32.44 1.67
CA ARG E 113 -8.02 -33.53 1.52
C ARG E 113 -9.41 -33.07 1.11
N VAL E 114 -9.72 -31.79 1.33
CA VAL E 114 -11.08 -31.30 1.12
C VAL E 114 -11.42 -31.01 -0.34
N GLY E 115 -12.71 -30.81 -0.61
CA GLY E 115 -13.17 -30.40 -1.93
C GLY E 115 -12.67 -29.01 -2.28
N ILE E 116 -12.92 -28.06 -1.38
CA ILE E 116 -12.43 -26.70 -1.57
C ILE E 116 -11.62 -26.28 -0.36
N ALA E 117 -10.37 -25.91 -0.61
CA ALA E 117 -9.48 -25.51 0.46
C ALA E 117 -9.14 -24.05 0.28
N GLY E 118 -9.48 -23.24 1.29
CA GLY E 118 -9.14 -21.83 1.29
C GLY E 118 -8.08 -21.47 2.31
N VAL E 119 -7.24 -20.50 1.96
CA VAL E 119 -6.20 -19.99 2.86
C VAL E 119 -6.07 -18.47 2.71
N PRO E 120 -6.23 -17.70 3.80
CA PRO E 120 -6.13 -16.24 3.70
C PRO E 120 -4.77 -15.73 3.18
N ALA E 121 -4.77 -14.52 2.60
CA ALA E 121 -3.56 -13.95 2.00
C ALA E 121 -2.44 -13.68 3.01
N SER E 122 -2.78 -13.69 4.29
CA SER E 122 -1.83 -13.35 5.34
C SER E 122 -0.99 -14.55 5.81
N ALA E 123 -1.41 -15.76 5.43
CA ALA E 123 -0.84 -16.99 5.98
C ALA E 123 0.53 -17.33 5.39
N PRO E 124 1.31 -18.17 6.11
CA PRO E 124 2.60 -18.62 5.58
C PRO E 124 2.46 -19.19 4.17
N PHE E 125 3.41 -18.84 3.31
CA PHE E 125 3.39 -19.26 1.91
C PHE E 125 3.21 -20.77 1.70
N TYR E 126 3.89 -21.57 2.53
CA TYR E 126 3.79 -23.02 2.48
C TYR E 126 2.35 -23.52 2.74
N ILE E 127 1.53 -22.68 3.36
CA ILE E 127 0.13 -23.04 3.58
C ILE E 127 -0.74 -22.46 2.47
N ARG E 128 -0.48 -21.20 2.13
CA ARG E 128 -1.23 -20.50 1.08
C ARG E 128 -1.23 -21.29 -0.23
N ARG E 129 -0.12 -21.97 -0.50
CA ARG E 129 0.03 -22.71 -1.75
C ARG E 129 -0.90 -23.94 -1.84
N LEU E 130 -1.44 -24.37 -0.71
CA LEU E 130 -2.39 -25.50 -0.69
C LEU E 130 -3.81 -25.09 -1.11
N SER E 131 -4.13 -23.82 -0.93
CA SER E 131 -5.44 -23.29 -1.27
C SER E 131 -5.79 -23.64 -2.71
N THR E 132 -7.06 -23.98 -2.96
CA THR E 132 -7.47 -24.32 -4.33
C THR E 132 -8.26 -23.18 -4.96
N ILE E 133 -8.52 -22.14 -4.17
CA ILE E 133 -9.15 -20.94 -4.71
C ILE E 133 -8.40 -19.71 -4.22
N PHE E 134 -8.41 -18.64 -5.02
CA PHE E 134 -7.70 -17.43 -4.61
C PHE E 134 -8.51 -16.62 -3.60
N LEU E 135 -7.89 -16.28 -2.48
CA LEU E 135 -8.51 -15.38 -1.51
C LEU E 135 -7.66 -14.14 -1.33
N GLU E 136 -8.28 -12.98 -1.57
CA GLU E 136 -7.58 -11.70 -1.43
C GLU E 136 -7.49 -11.21 0.01
N LYS E 137 -8.51 -11.50 0.81
CA LYS E 137 -8.58 -10.96 2.17
C LYS E 137 -7.59 -11.65 3.09
N ARG E 138 -7.11 -10.90 4.08
CA ARG E 138 -6.18 -11.44 5.07
C ARG E 138 -6.98 -11.97 6.27
N GLY E 139 -6.29 -12.62 7.19
CA GLY E 139 -6.93 -13.09 8.40
C GLY E 139 -7.51 -11.93 9.18
N GLY E 140 -8.74 -12.10 9.66
CA GLY E 140 -9.39 -11.06 10.43
C GLY E 140 -9.94 -9.88 9.66
N GLU E 141 -9.82 -9.91 8.33
CA GLU E 141 -10.30 -8.82 7.46
C GLU E 141 -11.69 -9.10 6.88
N GLY E 142 -12.29 -10.22 7.25
CA GLY E 142 -13.52 -10.65 6.62
C GLY E 142 -13.27 -11.71 5.55
N VAL E 143 -12.20 -12.47 5.72
CA VAL E 143 -11.84 -13.49 4.75
C VAL E 143 -12.76 -14.72 4.84
N PHE E 144 -13.44 -14.89 5.97
CA PHE E 144 -14.38 -16.00 6.08
C PHE E 144 -15.63 -15.69 5.26
N ARG E 145 -16.13 -14.46 5.38
CA ARG E 145 -17.20 -14.00 4.50
C ARG E 145 -16.81 -14.22 3.04
N GLU E 146 -15.59 -13.80 2.69
CA GLU E 146 -15.05 -14.00 1.34
C GLU E 146 -15.08 -15.46 0.90
N PHE E 147 -14.50 -16.33 1.71
CA PHE E 147 -14.48 -17.78 1.44
C PHE E 147 -15.87 -18.33 1.15
N VAL E 148 -16.78 -18.13 2.09
CA VAL E 148 -18.15 -18.60 1.96
C VAL E 148 -18.86 -18.07 0.71
N GLU E 149 -18.76 -16.77 0.47
CA GLU E 149 -19.39 -16.16 -0.69
C GLU E 149 -18.86 -16.73 -2.02
N LYS E 150 -17.59 -17.11 -2.05
CA LYS E 150 -17.04 -17.70 -3.27
C LYS E 150 -17.45 -19.17 -3.38
N VAL E 151 -17.33 -19.89 -2.28
CA VAL E 151 -17.68 -21.31 -2.25
C VAL E 151 -19.15 -21.55 -2.56
N LEU E 152 -20.00 -20.63 -2.13
CA LEU E 152 -21.44 -20.75 -2.36
C LEU E 152 -21.92 -20.08 -3.63
N GLY E 153 -21.00 -19.43 -4.34
CA GLY E 153 -21.33 -18.74 -5.57
C GLY E 153 -22.33 -17.61 -5.38
N ILE E 154 -22.22 -16.90 -4.25
CA ILE E 154 -23.08 -15.77 -3.97
C ILE E 154 -22.85 -14.68 -5.01
N ASN E 155 -23.94 -14.14 -5.56
CA ASN E 155 -23.84 -13.10 -6.58
C ASN E 155 -24.77 -11.93 -6.29
N LEU E 156 -24.74 -10.90 -7.13
CA LEU E 156 -25.57 -9.72 -6.91
C LEU E 156 -27.05 -10.09 -6.84
N GLU E 157 -27.43 -11.10 -7.61
CA GLU E 157 -28.79 -11.61 -7.61
C GLU E 157 -29.21 -12.15 -6.24
N ASP E 158 -28.26 -12.80 -5.55
CA ASP E 158 -28.52 -13.31 -4.19
C ASP E 158 -28.73 -12.18 -3.21
N PHE E 159 -27.93 -11.13 -3.36
CA PHE E 159 -27.95 -9.97 -2.48
C PHE E 159 -29.26 -9.20 -2.59
N ILE E 160 -29.66 -8.92 -3.82
CA ILE E 160 -30.89 -8.21 -4.08
C ILE E 160 -32.08 -8.96 -3.52
N ALA E 161 -32.03 -10.29 -3.62
CA ALA E 161 -33.07 -11.16 -3.09
C ALA E 161 -33.24 -11.02 -1.58
N VAL E 162 -32.13 -10.83 -0.86
CA VAL E 162 -32.22 -10.84 0.61
C VAL E 162 -32.48 -9.46 1.21
N ILE E 163 -32.46 -8.43 0.38
CA ILE E 163 -32.73 -7.08 0.85
C ILE E 163 -34.03 -6.56 0.26
N GLN E 164 -34.89 -7.48 -0.16
CA GLN E 164 -36.16 -7.11 -0.79
C GLN E 164 -37.22 -6.93 0.27
N LYS F 2 24.79 -19.28 8.67
CA LYS F 2 25.86 -19.79 9.52
C LYS F 2 25.34 -20.68 10.66
N GLU F 3 26.24 -21.05 11.59
CA GLU F 3 25.93 -22.00 12.66
C GLU F 3 25.55 -21.29 13.96
N ILE F 4 24.30 -21.49 14.38
CA ILE F 4 23.76 -20.83 15.57
C ILE F 4 23.37 -21.87 16.60
N LYS F 5 23.63 -21.57 17.88
CA LYS F 5 23.29 -22.49 18.95
C LYS F 5 22.27 -21.89 19.91
N LEU F 6 21.83 -20.67 19.60
CA LEU F 6 20.94 -19.93 20.49
C LEU F 6 20.24 -18.81 19.74
N ILE F 7 18.93 -18.72 19.91
CA ILE F 7 18.19 -17.59 19.36
C ILE F 7 17.69 -16.72 20.50
N LEU F 8 18.08 -15.45 20.51
CA LEU F 8 17.62 -14.49 21.50
C LEU F 8 16.71 -13.46 20.83
N THR F 9 15.83 -12.82 21.61
CA THR F 9 14.84 -11.92 21.03
C THR F 9 14.30 -10.88 22.04
N ASP F 10 14.05 -9.67 21.54
CA ASP F 10 13.40 -8.61 22.32
C ASP F 10 11.90 -8.86 22.17
N ILE F 11 11.08 -8.21 22.99
CA ILE F 11 9.63 -8.40 22.90
C ILE F 11 8.90 -7.27 22.15
N ASP F 12 8.92 -6.06 22.69
CA ASP F 12 8.15 -4.97 22.10
C ASP F 12 8.81 -4.48 20.81
N GLY F 13 8.06 -4.49 19.71
CA GLY F 13 8.61 -4.09 18.43
C GLY F 13 9.05 -5.25 17.57
N VAL F 14 9.10 -6.43 18.15
CA VAL F 14 9.49 -7.66 17.45
C VAL F 14 8.33 -8.67 17.50
N TRP F 15 7.97 -9.07 18.72
CA TRP F 15 6.86 -9.95 18.95
C TRP F 15 5.56 -9.17 18.93
N THR F 16 5.68 -7.84 19.08
CA THR F 16 4.55 -6.93 18.95
C THR F 16 4.87 -5.79 17.98
N ASP F 17 3.88 -4.99 17.64
CA ASP F 17 4.08 -3.86 16.72
C ASP F 17 4.63 -2.62 17.43
N GLY F 18 5.02 -2.80 18.69
CA GLY F 18 5.46 -1.72 19.54
C GLY F 18 4.33 -1.18 20.38
N GLY F 19 3.13 -1.71 20.15
CA GLY F 19 1.93 -1.21 20.81
C GLY F 19 1.88 -1.50 22.30
N MET F 20 1.65 -0.47 23.09
CA MET F 20 1.51 -0.62 24.54
C MET F 20 0.21 0.01 25.03
N PHE F 21 -0.78 -0.84 25.24
CA PHE F 21 -2.10 -0.43 25.66
C PHE F 21 -2.16 -0.17 27.15
N TYR F 22 -2.56 1.04 27.52
CA TYR F 22 -2.83 1.39 28.93
C TYR F 22 -4.31 1.64 29.16
N ASP F 23 -4.84 1.19 30.29
CA ASP F 23 -6.18 1.61 30.69
C ASP F 23 -6.08 2.62 31.82
N GLN F 24 -7.19 2.84 32.52
CA GLN F 24 -7.25 3.86 33.55
C GLN F 24 -6.96 3.33 34.96
N THR F 25 -6.58 2.05 35.04
CA THR F 25 -6.46 1.35 36.33
C THR F 25 -5.09 0.71 36.61
N GLY F 26 -4.11 0.96 35.76
CA GLY F 26 -2.80 0.34 35.92
C GLY F 26 -2.62 -0.97 35.15
N ASN F 27 -3.58 -1.31 34.31
CA ASN F 27 -3.47 -2.56 33.55
C ASN F 27 -2.84 -2.27 32.17
N GLU F 28 -2.39 -3.32 31.50
CA GLU F 28 -1.82 -3.16 30.16
C GLU F 28 -2.17 -4.34 29.24
N TRP F 29 -2.10 -4.13 27.94
CA TRP F 29 -2.12 -5.24 27.00
C TRP F 29 -0.83 -5.25 26.23
N LYS F 30 -0.43 -6.43 25.77
CA LYS F 30 0.39 -6.56 24.58
C LYS F 30 -0.35 -7.49 23.63
N LYS F 31 -0.28 -7.18 22.34
CA LYS F 31 -0.87 -7.99 21.28
C LYS F 31 0.21 -8.83 20.61
N PHE F 32 0.12 -10.13 20.76
CA PHE F 32 1.08 -11.05 20.14
C PHE F 32 0.50 -11.66 18.88
N ASN F 33 1.35 -12.31 18.08
CA ASN F 33 0.86 -13.08 16.96
C ASN F 33 1.10 -14.58 17.16
N THR F 34 0.07 -15.38 16.92
CA THR F 34 0.17 -16.83 17.07
C THR F 34 1.25 -17.42 16.17
N SER F 35 1.50 -16.75 15.03
CA SER F 35 2.52 -17.15 14.06
C SER F 35 3.89 -17.31 14.72
N ASP F 36 4.23 -16.35 15.57
CA ASP F 36 5.53 -16.32 16.23
C ASP F 36 5.80 -17.54 17.10
N SER F 37 4.74 -18.25 17.48
CA SER F 37 4.91 -19.49 18.20
C SER F 37 5.55 -20.54 17.30
N ALA F 38 5.31 -20.45 15.99
CA ALA F 38 5.89 -21.39 15.05
C ALA F 38 7.40 -21.20 14.93
N GLY F 39 7.87 -19.99 15.23
CA GLY F 39 9.30 -19.73 15.30
C GLY F 39 9.93 -20.53 16.42
N ILE F 40 9.14 -20.80 17.46
CA ILE F 40 9.60 -21.58 18.61
C ILE F 40 9.65 -23.05 18.24
N PHE F 41 8.61 -23.51 17.54
CA PHE F 41 8.56 -24.88 17.04
C PHE F 41 9.77 -25.21 16.18
N TRP F 42 10.05 -24.37 15.20
CA TRP F 42 11.14 -24.59 14.28
C TRP F 42 12.47 -24.67 15.01
N ALA F 43 12.66 -23.76 15.96
CA ALA F 43 13.90 -23.73 16.74
C ALA F 43 14.11 -25.03 17.50
N HIS F 44 13.08 -25.44 18.25
CA HIS F 44 13.17 -26.63 19.08
C HIS F 44 13.29 -27.88 18.21
N ASN F 45 12.69 -27.84 17.03
CA ASN F 45 12.76 -28.93 16.06
C ASN F 45 14.17 -29.15 15.53
N LYS F 46 14.97 -28.07 15.50
CA LYS F 46 16.37 -28.15 15.08
C LYS F 46 17.26 -28.33 16.30
N GLY F 47 16.65 -28.33 17.47
CA GLY F 47 17.37 -28.57 18.72
C GLY F 47 17.99 -27.32 19.33
N ILE F 48 17.44 -26.16 18.97
CA ILE F 48 18.04 -24.91 19.43
C ILE F 48 17.14 -24.22 20.45
N PRO F 49 17.72 -23.76 21.58
CA PRO F 49 16.93 -23.06 22.60
C PRO F 49 16.68 -21.61 22.22
N VAL F 50 15.57 -21.07 22.72
CA VAL F 50 15.16 -19.70 22.48
C VAL F 50 15.18 -18.96 23.81
N GLY F 51 15.47 -17.66 23.80
CA GLY F 51 15.49 -16.85 25.01
C GLY F 51 14.97 -15.44 24.77
N ILE F 52 14.40 -14.84 25.82
CA ILE F 52 13.81 -13.49 25.72
C ILE F 52 14.57 -12.48 26.57
N LEU F 53 14.97 -11.38 25.95
CA LEU F 53 15.59 -10.27 26.65
C LEU F 53 14.67 -9.05 26.58
N THR F 54 14.32 -8.49 27.72
CA THR F 54 13.47 -7.30 27.75
C THR F 54 13.77 -6.41 28.94
N GLY F 55 13.79 -5.10 28.69
CA GLY F 55 14.03 -4.11 29.73
C GLY F 55 12.84 -3.91 30.63
N ALA F 56 11.65 -4.22 30.11
CA ALA F 56 10.42 -4.21 30.91
C ALA F 56 10.28 -5.50 31.73
N LYS F 57 9.28 -5.51 32.62
CA LYS F 57 9.05 -6.65 33.48
C LYS F 57 7.57 -6.78 33.77
N THR F 58 6.90 -7.69 33.06
CA THR F 58 5.45 -7.76 33.12
C THR F 58 4.96 -9.20 33.20
N GLU F 59 3.85 -9.38 33.90
CA GLU F 59 3.18 -10.67 33.95
C GLU F 59 2.74 -11.07 32.55
N ILE F 60 2.37 -10.07 31.74
CA ILE F 60 2.06 -10.30 30.33
C ILE F 60 3.11 -11.20 29.67
N VAL F 61 4.37 -10.78 29.74
CA VAL F 61 5.45 -11.53 29.10
C VAL F 61 5.75 -12.88 29.77
N ARG F 62 5.76 -12.90 31.10
CA ARG F 62 5.94 -14.15 31.84
C ARG F 62 4.95 -15.22 31.39
N ARG F 63 3.69 -14.83 31.34
CA ARG F 63 2.60 -15.74 31.01
C ARG F 63 2.65 -16.18 29.53
N ARG F 64 3.24 -15.36 28.66
CA ARG F 64 3.29 -15.70 27.24
C ARG F 64 4.47 -16.61 26.95
N ALA F 65 5.59 -16.34 27.61
CA ALA F 65 6.79 -17.18 27.50
C ALA F 65 6.45 -18.60 27.91
N GLU F 66 5.89 -18.73 29.10
CA GLU F 66 5.49 -20.02 29.64
C GLU F 66 4.59 -20.77 28.68
N ALA F 67 3.59 -20.07 28.14
CA ALA F 67 2.67 -20.63 27.17
C ALA F 67 3.43 -21.21 25.99
N LEU F 68 4.35 -20.42 25.45
CA LEU F 68 5.12 -20.80 24.28
C LEU F 68 6.35 -21.64 24.62
N LYS F 69 6.48 -22.00 25.89
CA LYS F 69 7.53 -22.91 26.34
C LYS F 69 8.95 -22.43 26.03
N VAL F 70 9.18 -21.14 26.23
CA VAL F 70 10.49 -20.54 25.98
C VAL F 70 11.54 -21.04 26.99
N ASP F 71 12.76 -21.25 26.50
CA ASP F 71 13.84 -21.81 27.29
C ASP F 71 14.40 -20.85 28.36
N TYR F 72 14.57 -19.58 28.01
CA TYR F 72 15.12 -18.59 28.92
C TYR F 72 14.29 -17.31 28.91
N LEU F 73 14.17 -16.66 30.06
CA LEU F 73 13.46 -15.39 30.13
C LEU F 73 14.14 -14.45 31.11
N PHE F 74 14.58 -13.30 30.60
CA PHE F 74 15.22 -12.28 31.42
C PHE F 74 14.44 -10.99 31.25
N GLN F 75 13.83 -10.52 32.32
CA GLN F 75 13.08 -9.27 32.28
C GLN F 75 13.79 -8.22 33.12
N GLY F 76 13.32 -6.97 33.02
CA GLY F 76 13.97 -5.87 33.72
C GLY F 76 15.47 -5.76 33.46
N VAL F 77 15.86 -5.95 32.21
CA VAL F 77 17.29 -5.91 31.87
C VAL F 77 17.70 -4.49 31.49
N VAL F 78 18.77 -4.01 32.11
CA VAL F 78 19.26 -2.66 31.83
C VAL F 78 20.38 -2.69 30.79
N ASP F 79 21.01 -3.85 30.64
CA ASP F 79 22.07 -4.02 29.66
C ASP F 79 21.91 -5.36 28.96
N LYS F 80 21.32 -5.33 27.77
CA LYS F 80 21.07 -6.53 27.00
C LYS F 80 22.37 -7.23 26.58
N LEU F 81 23.42 -6.44 26.34
CA LEU F 81 24.72 -7.00 26.00
C LEU F 81 25.36 -7.76 27.17
N SER F 82 25.37 -7.14 28.34
CA SER F 82 25.84 -7.78 29.58
C SER F 82 25.07 -9.07 29.83
N ALA F 83 23.75 -8.97 29.81
CA ALA F 83 22.88 -10.11 30.06
C ALA F 83 23.14 -11.25 29.09
N ALA F 84 23.29 -10.92 27.81
CA ALA F 84 23.45 -11.93 26.76
C ALA F 84 24.78 -12.65 26.82
N GLU F 85 25.84 -11.92 27.16
CA GLU F 85 27.18 -12.52 27.26
C GLU F 85 27.27 -13.48 28.44
N GLU F 86 26.63 -13.10 29.56
CA GLU F 86 26.59 -13.92 30.77
C GLU F 86 25.91 -15.26 30.51
N LEU F 87 24.81 -15.23 29.79
CA LEU F 87 24.11 -16.44 29.41
C LEU F 87 24.96 -17.24 28.40
N CYS F 88 25.69 -16.52 27.57
CA CYS F 88 26.46 -17.13 26.49
C CYS F 88 27.59 -18.03 27.00
N ASN F 89 28.32 -17.57 28.00
CA ASN F 89 29.40 -18.39 28.54
C ASN F 89 28.87 -19.54 29.41
N GLU F 90 27.70 -19.33 30.02
CA GLU F 90 27.04 -20.40 30.77
C GLU F 90 26.70 -21.56 29.84
N LEU F 91 26.44 -21.24 28.59
CA LEU F 91 26.06 -22.25 27.59
C LEU F 91 27.29 -22.82 26.89
N GLY F 92 28.43 -22.17 27.06
CA GLY F 92 29.67 -22.63 26.46
C GLY F 92 29.93 -22.13 25.05
N ILE F 93 29.19 -21.10 24.63
CA ILE F 93 29.35 -20.54 23.30
C ILE F 93 29.66 -19.06 23.39
N ASN F 94 30.02 -18.46 22.27
CA ASN F 94 30.23 -17.01 22.27
C ASN F 94 29.15 -16.26 21.48
N LEU F 95 29.12 -14.95 21.66
CA LEU F 95 28.05 -14.11 21.12
C LEU F 95 27.82 -14.27 19.61
N GLU F 96 28.88 -14.56 18.86
CA GLU F 96 28.77 -14.73 17.42
C GLU F 96 28.25 -16.13 17.04
N GLN F 97 27.65 -16.81 18.00
CA GLN F 97 26.93 -18.04 17.70
C GLN F 97 25.45 -17.87 18.03
N VAL F 98 25.06 -16.63 18.29
CA VAL F 98 23.69 -16.29 18.60
C VAL F 98 22.99 -15.62 17.41
N ALA F 99 21.69 -15.91 17.24
CA ALA F 99 20.87 -15.13 16.32
C ALA F 99 19.91 -14.29 17.15
N TYR F 100 20.21 -12.99 17.26
CA TYR F 100 19.38 -12.08 18.05
C TYR F 100 18.56 -11.13 17.19
N ILE F 101 17.34 -10.85 17.61
CA ILE F 101 16.48 -9.92 16.89
C ILE F 101 15.93 -8.84 17.81
N GLY F 102 16.10 -7.58 17.41
CA GLY F 102 15.68 -6.44 18.22
C GLY F 102 15.23 -5.27 17.37
N ASP F 103 14.78 -4.19 17.99
CA ASP F 103 14.19 -3.11 17.19
C ASP F 103 14.54 -1.67 17.58
N ASP F 104 15.24 -1.48 18.70
CA ASP F 104 15.44 -0.12 19.21
C ASP F 104 16.84 0.12 19.78
N LEU F 105 17.00 1.27 20.42
CA LEU F 105 18.29 1.79 20.90
C LEU F 105 18.98 0.89 21.90
N ASN F 106 18.25 0.40 22.89
CA ASN F 106 18.85 -0.50 23.88
C ASN F 106 19.24 -1.87 23.33
N ASP F 107 18.92 -2.12 22.06
CA ASP F 107 19.26 -3.37 21.39
C ASP F 107 20.55 -3.25 20.58
N ALA F 108 20.96 -2.02 20.31
CA ALA F 108 22.02 -1.72 19.34
C ALA F 108 23.36 -2.42 19.61
N LYS F 109 23.88 -2.28 20.83
CA LYS F 109 25.18 -2.86 21.14
C LYS F 109 25.16 -4.38 20.96
N LEU F 110 24.09 -5.03 21.41
CA LEU F 110 23.95 -6.47 21.26
C LEU F 110 23.86 -6.88 19.79
N LEU F 111 23.04 -6.15 19.02
CA LEU F 111 22.92 -6.41 17.59
C LEU F 111 24.25 -6.38 16.84
N LYS F 112 25.18 -5.52 17.27
CA LYS F 112 26.47 -5.42 16.57
C LYS F 112 27.44 -6.54 16.95
N ARG F 113 27.12 -7.28 18.00
CA ARG F 113 28.01 -8.30 18.56
C ARG F 113 27.61 -9.75 18.25
N VAL F 114 26.38 -9.95 17.79
CA VAL F 114 25.91 -11.31 17.50
C VAL F 114 26.33 -11.78 16.12
N GLY F 115 26.21 -13.09 15.88
CA GLY F 115 26.59 -13.65 14.59
C GLY F 115 25.53 -13.38 13.53
N ILE F 116 24.28 -13.34 13.95
CA ILE F 116 23.21 -12.97 13.04
C ILE F 116 22.29 -11.94 13.70
N ALA F 117 22.35 -10.69 13.22
CA ALA F 117 21.54 -9.60 13.78
C ALA F 117 20.26 -9.38 12.97
N GLY F 118 19.11 -9.50 13.63
CA GLY F 118 17.83 -9.32 12.98
C GLY F 118 17.07 -8.10 13.45
N VAL F 119 16.46 -7.35 12.52
CA VAL F 119 15.70 -6.15 12.85
C VAL F 119 14.48 -6.03 11.93
N PRO F 120 13.27 -5.86 12.49
CA PRO F 120 12.05 -5.80 11.66
C PRO F 120 11.98 -4.58 10.77
N ALA F 121 11.15 -4.65 9.74
CA ALA F 121 10.98 -3.57 8.76
C ALA F 121 10.44 -2.26 9.38
N SER F 122 9.71 -2.38 10.48
CA SER F 122 9.06 -1.21 11.11
C SER F 122 10.00 -0.38 11.98
N ALA F 123 11.17 -0.92 12.26
CA ALA F 123 12.09 -0.33 13.22
C ALA F 123 12.72 0.96 12.71
N PRO F 124 13.18 1.84 13.63
CA PRO F 124 13.89 3.08 13.28
C PRO F 124 15.10 2.83 12.39
N PHE F 125 15.30 3.66 11.37
CA PHE F 125 16.35 3.48 10.37
C PHE F 125 17.73 3.16 10.93
N TYR F 126 18.15 3.86 11.98
CA TYR F 126 19.50 3.66 12.55
C TYR F 126 19.71 2.24 13.11
N ILE F 127 18.61 1.59 13.45
CA ILE F 127 18.68 0.24 13.99
C ILE F 127 18.49 -0.75 12.86
N ARG F 128 17.61 -0.39 11.93
CA ARG F 128 17.30 -1.26 10.79
C ARG F 128 18.53 -1.52 9.93
N ARG F 129 19.45 -0.56 9.88
CA ARG F 129 20.67 -0.73 9.10
C ARG F 129 21.69 -1.64 9.78
N LEU F 130 21.42 -2.03 11.03
CA LEU F 130 22.30 -2.94 11.76
C LEU F 130 21.99 -4.40 11.45
N SER F 131 20.79 -4.63 10.92
CA SER F 131 20.34 -5.97 10.60
C SER F 131 21.28 -6.59 9.58
N THR F 132 21.57 -7.87 9.73
CA THR F 132 22.50 -8.54 8.83
C THR F 132 21.78 -9.42 7.81
N ILE F 133 20.46 -9.54 7.96
CA ILE F 133 19.63 -10.26 6.99
C ILE F 133 18.39 -9.44 6.66
N PHE F 134 17.87 -9.59 5.45
CA PHE F 134 16.66 -8.87 5.09
C PHE F 134 15.45 -9.54 5.69
N LEU F 135 14.69 -8.78 6.48
CA LEU F 135 13.42 -9.26 6.99
C LEU F 135 12.30 -8.40 6.39
N GLU F 136 11.36 -9.05 5.72
CA GLU F 136 10.26 -8.34 5.08
C GLU F 136 9.21 -7.88 6.08
N LYS F 137 8.98 -8.69 7.10
CA LYS F 137 7.88 -8.43 8.01
C LYS F 137 8.19 -7.39 9.06
N ARG F 138 7.13 -6.86 9.65
CA ARG F 138 7.22 -5.84 10.66
C ARG F 138 6.97 -6.46 12.02
N GLY F 139 7.16 -5.66 13.07
CA GLY F 139 6.90 -6.13 14.41
C GLY F 139 5.42 -6.47 14.53
N GLY F 140 5.13 -7.65 15.08
CA GLY F 140 3.77 -8.06 15.33
C GLY F 140 3.16 -8.86 14.19
N GLU F 141 3.84 -8.87 13.05
CA GLU F 141 3.36 -9.58 11.85
C GLU F 141 3.89 -11.01 11.80
N GLY F 142 4.69 -11.39 12.78
CA GLY F 142 5.29 -12.69 12.75
C GLY F 142 6.69 -12.63 12.15
N VAL F 143 7.42 -11.56 12.48
CA VAL F 143 8.78 -11.39 11.99
C VAL F 143 9.74 -12.25 12.80
N PHE F 144 9.31 -12.65 13.99
CA PHE F 144 10.10 -13.58 14.78
C PHE F 144 10.16 -14.92 14.06
N ARG F 145 9.00 -15.40 13.63
CA ARG F 145 8.91 -16.61 12.81
C ARG F 145 9.74 -16.47 11.53
N GLU F 146 9.54 -15.36 10.80
CA GLU F 146 10.31 -15.08 9.60
C GLU F 146 11.79 -15.13 9.90
N PHE F 147 12.16 -14.55 11.03
CA PHE F 147 13.54 -14.54 11.48
C PHE F 147 14.11 -15.93 11.72
N VAL F 148 13.43 -16.72 12.54
CA VAL F 148 13.86 -18.09 12.82
C VAL F 148 13.94 -18.98 11.57
N GLU F 149 12.92 -18.92 10.72
CA GLU F 149 12.89 -19.73 9.50
C GLU F 149 14.06 -19.43 8.57
N LYS F 150 14.38 -18.15 8.40
CA LYS F 150 15.51 -17.74 7.57
C LYS F 150 16.85 -18.11 8.22
N VAL F 151 16.91 -17.97 9.54
CA VAL F 151 18.11 -18.30 10.30
C VAL F 151 18.39 -19.80 10.32
N LEU F 152 17.34 -20.61 10.43
CA LEU F 152 17.51 -22.06 10.46
C LEU F 152 17.49 -22.69 9.08
N GLY F 153 17.30 -21.88 8.03
CA GLY F 153 17.21 -22.40 6.68
C GLY F 153 16.05 -23.35 6.50
N ILE F 154 14.89 -22.97 7.05
CA ILE F 154 13.68 -23.76 6.92
C ILE F 154 13.09 -23.58 5.53
N ASN F 155 13.00 -24.68 4.77
CA ASN F 155 12.40 -24.64 3.44
C ASN F 155 11.13 -25.48 3.32
N LEU F 156 10.58 -25.53 2.11
CA LEU F 156 9.37 -26.30 1.82
C LEU F 156 9.56 -27.78 2.17
N GLU F 157 10.80 -28.22 2.15
CA GLU F 157 11.13 -29.60 2.47
C GLU F 157 10.92 -29.87 3.96
N ASP F 158 11.31 -28.91 4.80
CA ASP F 158 11.08 -28.99 6.23
C ASP F 158 9.60 -28.96 6.52
N PHE F 159 8.88 -28.13 5.79
CA PHE F 159 7.45 -28.02 5.94
C PHE F 159 6.76 -29.35 5.69
N ILE F 160 7.05 -29.95 4.54
CA ILE F 160 6.53 -31.28 4.22
C ILE F 160 6.85 -32.27 5.33
N ALA F 161 8.12 -32.29 5.74
CA ALA F 161 8.60 -33.23 6.76
C ALA F 161 7.85 -33.18 8.11
N VAL F 162 7.29 -32.02 8.45
CA VAL F 162 6.66 -31.85 9.77
C VAL F 162 5.15 -32.15 9.81
N ILE F 163 4.53 -32.28 8.64
CA ILE F 163 3.11 -32.65 8.58
C ILE F 163 2.92 -34.06 8.04
N MET G 1 -24.04 20.64 -3.07
CA MET G 1 -24.55 19.30 -2.80
C MET G 1 -26.00 19.35 -2.37
N LYS G 2 -26.74 18.26 -2.60
CA LYS G 2 -28.15 18.16 -2.25
C LYS G 2 -28.41 18.61 -0.82
N GLU G 3 -29.52 19.30 -0.63
CA GLU G 3 -29.95 19.75 0.70
C GLU G 3 -30.15 18.56 1.64
N ILE G 4 -29.49 18.62 2.79
CA ILE G 4 -29.59 17.58 3.81
C ILE G 4 -30.06 18.20 5.13
N LYS G 5 -31.00 17.55 5.79
CA LYS G 5 -31.56 18.08 7.02
C LYS G 5 -31.33 17.12 8.19
N LEU G 6 -30.78 15.95 7.88
CA LEU G 6 -30.54 14.97 8.91
C LEU G 6 -29.40 14.06 8.48
N ILE G 7 -28.44 13.84 9.38
CA ILE G 7 -27.40 12.87 9.12
C ILE G 7 -27.52 11.65 10.02
N LEU G 8 -27.71 10.48 9.40
CA LEU G 8 -27.86 9.24 10.14
C LEU G 8 -26.65 8.34 9.90
N THR G 9 -26.26 7.57 10.92
CA THR G 9 -25.05 6.75 10.83
C THR G 9 -25.13 5.42 11.57
N ASP G 10 -24.56 4.40 10.96
CA ASP G 10 -24.36 3.10 11.61
C ASP G 10 -23.07 3.20 12.45
N ILE G 11 -22.91 2.32 13.44
CA ILE G 11 -21.71 2.35 14.27
C ILE G 11 -20.63 1.35 13.82
N ASP G 12 -20.88 0.05 13.98
CA ASP G 12 -19.92 -0.97 13.57
C ASP G 12 -19.60 -0.91 12.07
N GLY G 13 -18.32 -0.79 11.73
CA GLY G 13 -17.91 -0.77 10.33
C GLY G 13 -17.88 0.63 9.74
N VAL G 14 -18.37 1.58 10.51
CA VAL G 14 -18.31 2.98 10.14
C VAL G 14 -17.44 3.71 11.15
N TRP G 15 -17.87 3.73 12.41
CA TRP G 15 -17.11 4.39 13.47
C TRP G 15 -15.99 3.49 13.99
N THR G 16 -16.06 2.23 13.59
CA THR G 16 -15.00 1.27 13.88
C THR G 16 -14.68 0.57 12.56
N ASP G 17 -13.61 -0.22 12.54
CA ASP G 17 -13.28 -1.01 11.35
C ASP G 17 -14.05 -2.31 11.33
N GLY G 18 -15.09 -2.41 12.14
CA GLY G 18 -15.86 -3.63 12.24
C GLY G 18 -15.25 -4.61 13.22
N GLY G 19 -14.21 -4.17 13.94
CA GLY G 19 -13.56 -5.01 14.92
C GLY G 19 -14.39 -5.23 16.18
N MET G 20 -14.41 -6.46 16.65
CA MET G 20 -15.09 -6.77 17.91
C MET G 20 -14.18 -7.60 18.79
N PHE G 21 -13.67 -6.97 19.85
CA PHE G 21 -12.72 -7.60 20.75
C PHE G 21 -13.44 -8.30 21.88
N TYR G 22 -13.26 -9.61 21.97
CA TYR G 22 -13.94 -10.44 22.96
C TYR G 22 -12.93 -11.05 23.91
N ASP G 23 -13.28 -11.14 25.19
CA ASP G 23 -12.41 -11.80 26.15
C ASP G 23 -12.92 -13.19 26.53
N GLN G 24 -12.29 -13.77 27.55
CA GLN G 24 -12.62 -15.11 28.01
C GLN G 24 -14.05 -15.28 28.52
N THR G 25 -14.58 -14.29 29.22
CA THR G 25 -15.99 -14.40 29.62
C THR G 25 -16.89 -13.75 28.57
N GLY G 26 -16.31 -13.39 27.44
CA GLY G 26 -17.08 -12.83 26.33
C GLY G 26 -17.47 -11.37 26.45
N ASN G 27 -16.80 -10.60 27.32
CA ASN G 27 -17.00 -9.15 27.34
C ASN G 27 -16.52 -8.54 26.02
N GLU G 28 -17.03 -7.38 25.64
CA GLU G 28 -16.71 -6.82 24.33
C GLU G 28 -16.08 -5.43 24.38
N TRP G 29 -15.05 -5.23 23.55
CA TRP G 29 -14.43 -3.93 23.36
C TRP G 29 -14.68 -3.45 21.92
N LYS G 30 -14.82 -2.13 21.74
CA LYS G 30 -14.78 -1.52 20.41
C LYS G 30 -13.64 -0.51 20.33
N LYS G 31 -13.18 -0.20 19.12
CA LYS G 31 -12.16 0.83 18.90
C LYS G 31 -12.70 1.96 18.04
N PHE G 32 -12.90 3.14 18.63
CA PHE G 32 -13.37 4.29 17.87
C PHE G 32 -12.19 5.16 17.41
N ASN G 33 -12.45 6.10 16.51
CA ASN G 33 -11.45 7.08 16.12
C ASN G 33 -11.87 8.47 16.59
N THR G 34 -10.97 9.16 17.29
CA THR G 34 -11.28 10.50 17.80
C THR G 34 -11.57 11.50 16.67
N SER G 35 -11.10 11.20 15.47
CA SER G 35 -11.30 12.07 14.32
C SER G 35 -12.78 12.24 13.98
N ASP G 36 -13.56 11.22 14.32
CA ASP G 36 -14.96 11.17 13.94
C ASP G 36 -15.85 12.18 14.67
N SER G 37 -15.49 12.51 15.90
CA SER G 37 -16.31 13.42 16.71
C SER G 37 -16.38 14.80 16.07
N ALA G 38 -15.39 15.12 15.25
CA ALA G 38 -15.43 16.36 14.47
C ALA G 38 -16.60 16.36 13.50
N GLY G 39 -17.07 15.16 13.14
CA GLY G 39 -18.24 15.03 12.29
C GLY G 39 -19.47 15.62 12.96
N ILE G 40 -19.61 15.39 14.26
CA ILE G 40 -20.69 15.95 15.04
C ILE G 40 -20.54 17.47 15.15
N PHE G 41 -19.33 17.94 15.42
CA PHE G 41 -19.10 19.38 15.49
C PHE G 41 -19.53 20.11 14.21
N TRP G 42 -19.12 19.59 13.06
CA TRP G 42 -19.46 20.20 11.77
C TRP G 42 -20.96 20.22 11.50
N ALA G 43 -21.65 19.15 11.85
CA ALA G 43 -23.10 19.11 11.62
C ALA G 43 -23.82 20.15 12.49
N HIS G 44 -23.47 20.17 13.76
CA HIS G 44 -24.07 21.14 14.68
C HIS G 44 -23.70 22.57 14.27
N ASN G 45 -22.49 22.72 13.73
CA ASN G 45 -22.05 24.00 13.20
C ASN G 45 -23.00 24.54 12.12
N LYS G 46 -23.48 23.66 11.26
CA LYS G 46 -24.38 24.04 10.19
C LYS G 46 -25.85 23.94 10.57
N GLY G 47 -26.13 23.53 11.81
CA GLY G 47 -27.49 23.41 12.29
C GLY G 47 -28.24 22.16 11.82
N ILE G 48 -27.50 21.09 11.58
CA ILE G 48 -28.10 19.81 11.15
C ILE G 48 -28.01 18.77 12.27
N PRO G 49 -29.13 18.07 12.55
CA PRO G 49 -29.07 17.02 13.58
C PRO G 49 -28.43 15.71 13.10
N VAL G 50 -27.85 14.99 14.03
CA VAL G 50 -27.27 13.69 13.74
C VAL G 50 -28.02 12.63 14.53
N GLY G 51 -28.39 11.55 13.86
CA GLY G 51 -28.95 10.41 14.56
C GLY G 51 -28.12 9.16 14.34
N ILE G 52 -28.02 8.32 15.37
CA ILE G 52 -27.33 7.05 15.25
C ILE G 52 -28.36 5.94 15.17
N LEU G 53 -28.14 4.97 14.28
CA LEU G 53 -28.97 3.77 14.25
C LEU G 53 -28.10 2.53 14.36
N THR G 54 -28.40 1.66 15.32
CA THR G 54 -27.62 0.43 15.44
C THR G 54 -28.47 -0.76 15.81
N GLY G 55 -28.10 -1.93 15.29
CA GLY G 55 -28.79 -3.17 15.62
C GLY G 55 -28.52 -3.64 17.04
N ALA G 56 -27.30 -3.39 17.53
CA ALA G 56 -26.93 -3.81 18.86
C ALA G 56 -27.32 -2.75 19.90
N LYS G 57 -27.22 -3.12 21.17
CA LYS G 57 -27.51 -2.20 22.25
C LYS G 57 -26.33 -2.25 23.21
N THR G 58 -25.37 -1.36 23.03
CA THR G 58 -24.20 -1.33 23.90
C THR G 58 -24.12 -0.06 24.71
N GLU G 59 -23.38 -0.13 25.80
CA GLU G 59 -23.15 1.03 26.64
C GLU G 59 -22.15 1.93 25.95
N ILE G 60 -21.24 1.30 25.23
CA ILE G 60 -20.20 2.02 24.48
C ILE G 60 -20.82 3.11 23.60
N VAL G 61 -21.71 2.70 22.72
CA VAL G 61 -22.43 3.64 21.85
C VAL G 61 -23.24 4.65 22.67
N ARG G 62 -23.93 4.20 23.72
CA ARG G 62 -24.73 5.10 24.53
C ARG G 62 -23.85 6.19 25.16
N ARG G 63 -22.72 5.77 25.73
CA ARG G 63 -21.74 6.69 26.31
C ARG G 63 -21.26 7.69 25.26
N ARG G 64 -20.85 7.15 24.13
CA ARG G 64 -20.26 7.94 23.04
C ARG G 64 -21.26 8.97 22.54
N ALA G 65 -22.47 8.51 22.25
CA ALA G 65 -23.54 9.37 21.77
C ALA G 65 -23.82 10.48 22.77
N GLU G 66 -23.69 10.13 24.06
CA GLU G 66 -23.90 11.07 25.14
C GLU G 66 -22.83 12.16 25.18
N ALA G 67 -21.56 11.75 25.11
CA ALA G 67 -20.45 12.70 25.18
C ALA G 67 -20.49 13.70 24.01
N LEU G 68 -20.92 13.21 22.86
CA LEU G 68 -20.88 13.98 21.61
C LEU G 68 -22.16 14.79 21.36
N LYS G 69 -23.10 14.76 22.30
CA LYS G 69 -24.35 15.51 22.17
C LYS G 69 -25.09 15.15 20.89
N VAL G 70 -25.00 13.88 20.52
CA VAL G 70 -25.72 13.33 19.39
C VAL G 70 -27.23 13.53 19.62
N ASP G 71 -27.92 14.01 18.59
CA ASP G 71 -29.30 14.43 18.76
C ASP G 71 -30.29 13.28 18.92
N TYR G 72 -30.09 12.21 18.17
CA TYR G 72 -30.96 11.03 18.24
C TYR G 72 -30.13 9.73 18.34
N LEU G 73 -30.59 8.79 19.14
CA LEU G 73 -29.89 7.52 19.32
C LEU G 73 -30.88 6.36 19.39
N PHE G 74 -30.82 5.49 18.39
CA PHE G 74 -31.69 4.33 18.33
C PHE G 74 -30.83 3.08 18.37
N GLN G 75 -30.94 2.30 19.44
CA GLN G 75 -30.21 1.06 19.55
C GLN G 75 -31.22 -0.10 19.49
N GLY G 76 -30.72 -1.32 19.34
CA GLY G 76 -31.60 -2.48 19.27
C GLY G 76 -32.58 -2.43 18.11
N VAL G 77 -32.19 -1.72 17.05
CA VAL G 77 -33.04 -1.58 15.87
C VAL G 77 -33.05 -2.87 15.05
N VAL G 78 -34.22 -3.28 14.56
CA VAL G 78 -34.28 -4.42 13.65
C VAL G 78 -34.63 -4.01 12.24
N ASP G 79 -35.15 -2.80 12.08
CA ASP G 79 -35.45 -2.26 10.76
C ASP G 79 -35.03 -0.80 10.67
N LYS G 80 -33.86 -0.56 10.09
CA LYS G 80 -33.30 0.78 10.02
C LYS G 80 -34.08 1.69 9.05
N LEU G 81 -34.60 1.13 7.97
CA LEU G 81 -35.44 1.93 7.07
C LEU G 81 -36.68 2.41 7.82
N SER G 82 -37.26 1.53 8.63
CA SER G 82 -38.45 1.86 9.41
C SER G 82 -38.15 2.96 10.43
N ALA G 83 -37.09 2.78 11.19
CA ALA G 83 -36.68 3.74 12.20
C ALA G 83 -36.37 5.08 11.57
N ALA G 84 -35.81 5.06 10.36
CA ALA G 84 -35.51 6.29 9.65
C ALA G 84 -36.77 7.00 9.15
N GLU G 85 -37.69 6.23 8.59
CA GLU G 85 -38.97 6.77 8.16
C GLU G 85 -39.70 7.41 9.34
N GLU G 86 -39.77 6.69 10.45
CA GLU G 86 -40.45 7.18 11.64
C GLU G 86 -39.82 8.47 12.14
N LEU G 87 -38.49 8.49 12.18
CA LEU G 87 -37.77 9.70 12.56
C LEU G 87 -37.99 10.82 11.56
N CYS G 88 -38.13 10.46 10.28
CA CYS G 88 -38.37 11.45 9.23
C CYS G 88 -39.78 12.03 9.32
N ASN G 89 -40.76 11.19 9.67
CA ASN G 89 -42.13 11.65 9.82
C ASN G 89 -42.24 12.68 10.93
N GLU G 90 -41.69 12.35 12.09
CA GLU G 90 -41.74 13.24 13.25
C GLU G 90 -40.91 14.52 13.04
N LEU G 91 -40.00 14.50 12.07
CA LEU G 91 -39.20 15.70 11.82
C LEU G 91 -39.75 16.53 10.66
N GLY G 92 -40.75 15.99 9.98
CA GLY G 92 -41.37 16.66 8.86
C GLY G 92 -40.45 16.77 7.65
N ILE G 93 -39.65 15.74 7.41
CA ILE G 93 -38.76 15.71 6.25
C ILE G 93 -38.85 14.38 5.52
N ASN G 94 -38.33 14.33 4.30
CA ASN G 94 -38.33 13.07 3.54
C ASN G 94 -36.95 12.44 3.47
N LEU G 95 -36.91 11.16 3.12
CA LEU G 95 -35.66 10.40 3.03
C LEU G 95 -34.65 11.02 2.07
N GLU G 96 -35.14 11.79 1.10
CA GLU G 96 -34.27 12.46 0.15
C GLU G 96 -33.45 13.60 0.80
N GLN G 97 -33.88 14.04 1.97
CA GLN G 97 -33.18 15.11 2.68
C GLN G 97 -32.28 14.53 3.78
N VAL G 98 -32.05 13.23 3.72
CA VAL G 98 -31.24 12.53 4.72
C VAL G 98 -29.96 11.99 4.12
N ALA G 99 -28.87 12.06 4.88
CA ALA G 99 -27.61 11.40 4.52
C ALA G 99 -27.37 10.26 5.48
N TYR G 100 -27.21 9.05 4.97
CA TYR G 100 -26.98 7.90 5.83
C TYR G 100 -25.70 7.20 5.42
N ILE G 101 -24.90 6.81 6.41
CA ILE G 101 -23.69 6.04 6.16
C ILE G 101 -23.74 4.68 6.88
N GLY G 102 -23.45 3.60 6.16
CA GLY G 102 -23.56 2.25 6.68
C GLY G 102 -22.64 1.31 5.92
N ASP G 103 -22.51 0.06 6.35
CA ASP G 103 -21.47 -0.79 5.78
C ASP G 103 -21.89 -2.22 5.43
N ASP G 104 -23.10 -2.64 5.82
CA ASP G 104 -23.46 -4.06 5.65
C ASP G 104 -24.93 -4.28 5.30
N LEU G 105 -25.31 -5.55 5.20
CA LEU G 105 -26.64 -5.99 4.76
C LEU G 105 -27.82 -5.26 5.37
N ASN G 106 -27.85 -5.11 6.69
CA ASN G 106 -28.98 -4.47 7.35
C ASN G 106 -29.06 -2.96 7.14
N ASP G 107 -28.05 -2.38 6.50
CA ASP G 107 -28.08 -0.96 6.12
C ASP G 107 -28.60 -0.76 4.70
N ALA G 108 -28.48 -1.80 3.88
CA ALA G 108 -28.71 -1.69 2.44
C ALA G 108 -30.05 -1.08 2.07
N LYS G 109 -31.13 -1.52 2.74
CA LYS G 109 -32.45 -0.99 2.45
C LYS G 109 -32.53 0.52 2.66
N LEU G 110 -31.89 1.00 3.72
CA LEU G 110 -31.89 2.42 4.04
C LEU G 110 -31.03 3.20 3.07
N LEU G 111 -29.83 2.68 2.80
CA LEU G 111 -28.88 3.29 1.86
C LEU G 111 -29.48 3.54 0.47
N LYS G 112 -30.40 2.68 0.07
CA LYS G 112 -31.04 2.78 -1.25
C LYS G 112 -32.19 3.77 -1.31
N ARG G 113 -32.59 4.28 -0.15
CA ARG G 113 -33.75 5.17 -0.05
C ARG G 113 -33.36 6.62 0.27
N VAL G 114 -32.14 6.82 0.76
CA VAL G 114 -31.70 8.15 1.21
C VAL G 114 -31.27 9.10 0.09
N GLY G 115 -31.18 10.39 0.39
CA GLY G 115 -30.65 11.34 -0.56
C GLY G 115 -29.17 11.18 -0.82
N ILE G 116 -28.39 10.95 0.22
CA ILE G 116 -26.97 10.68 0.07
C ILE G 116 -26.59 9.44 0.86
N ALA G 117 -26.21 8.39 0.14
CA ALA G 117 -25.76 7.16 0.77
C ALA G 117 -24.25 7.13 0.83
N GLY G 118 -23.71 6.83 2.00
CA GLY G 118 -22.28 6.76 2.21
C GLY G 118 -21.85 5.37 2.63
N VAL G 119 -20.85 4.81 1.96
CA VAL G 119 -20.29 3.53 2.34
C VAL G 119 -18.77 3.63 2.33
N PRO G 120 -18.13 3.23 3.45
CA PRO G 120 -16.67 3.28 3.60
C PRO G 120 -15.91 2.31 2.69
N ALA G 121 -14.62 2.61 2.50
CA ALA G 121 -13.80 1.87 1.54
C ALA G 121 -13.56 0.41 1.96
N SER G 122 -13.80 0.12 3.24
CA SER G 122 -13.60 -1.22 3.78
C SER G 122 -14.76 -2.17 3.49
N ALA G 123 -15.91 -1.61 3.11
CA ALA G 123 -17.15 -2.36 3.16
C ALA G 123 -17.24 -3.43 2.06
N PRO G 124 -18.07 -4.46 2.30
CA PRO G 124 -18.37 -5.45 1.26
C PRO G 124 -18.84 -4.77 -0.03
N PHE G 125 -18.29 -5.26 -1.13
CA PHE G 125 -18.56 -4.74 -2.46
C PHE G 125 -20.06 -4.51 -2.76
N TYR G 126 -20.91 -5.45 -2.37
CA TYR G 126 -22.34 -5.33 -2.67
C TYR G 126 -22.96 -4.12 -1.99
N ILE G 127 -22.39 -3.71 -0.86
CA ILE G 127 -22.87 -2.54 -0.13
C ILE G 127 -22.15 -1.28 -0.60
N ARG G 128 -20.88 -1.45 -0.92
CA ARG G 128 -20.02 -0.35 -1.34
C ARG G 128 -20.59 0.36 -2.58
N ARG G 129 -21.17 -0.40 -3.49
CA ARG G 129 -21.65 0.16 -4.76
C ARG G 129 -22.92 0.98 -4.59
N LEU G 130 -23.55 0.84 -3.43
CA LEU G 130 -24.73 1.62 -3.08
C LEU G 130 -24.35 3.06 -2.74
N SER G 131 -23.09 3.27 -2.36
CA SER G 131 -22.64 4.60 -1.96
C SER G 131 -22.79 5.53 -3.14
N THR G 132 -23.36 6.71 -2.90
CA THR G 132 -23.60 7.65 -3.97
C THR G 132 -22.53 8.70 -3.98
N ILE G 133 -21.65 8.64 -2.98
CA ILE G 133 -20.48 9.50 -2.94
C ILE G 133 -19.25 8.66 -2.65
N PHE G 134 -18.13 9.03 -3.28
CA PHE G 134 -16.89 8.30 -3.03
C PHE G 134 -16.34 8.66 -1.65
N LEU G 135 -16.10 7.64 -0.84
CA LEU G 135 -15.47 7.82 0.46
C LEU G 135 -14.13 7.12 0.44
N GLU G 136 -13.06 7.88 0.66
CA GLU G 136 -11.70 7.32 0.66
C GLU G 136 -11.41 6.48 1.89
N LYS G 137 -11.87 6.95 3.05
CA LYS G 137 -11.49 6.30 4.29
C LYS G 137 -12.28 5.05 4.59
N ARG G 138 -11.64 4.15 5.32
CA ARG G 138 -12.24 2.91 5.74
C ARG G 138 -12.89 3.10 7.10
N GLY G 139 -13.69 2.13 7.53
CA GLY G 139 -14.26 2.18 8.87
C GLY G 139 -13.20 2.32 9.96
N GLY G 140 -13.45 3.18 10.94
CA GLY G 140 -12.50 3.40 12.02
C GLY G 140 -11.36 4.35 11.69
N GLU G 141 -11.34 4.86 10.47
CA GLU G 141 -10.28 5.77 10.03
C GLU G 141 -10.67 7.24 10.08
N GLY G 142 -11.90 7.53 10.49
CA GLY G 142 -12.39 8.89 10.44
C GLY G 142 -13.30 9.10 9.22
N VAL G 143 -13.94 8.01 8.80
CA VAL G 143 -14.80 8.07 7.62
C VAL G 143 -16.14 8.77 7.86
N PHE G 144 -16.60 8.81 9.11
CA PHE G 144 -17.81 9.56 9.44
C PHE G 144 -17.54 11.05 9.34
N ARG G 145 -16.35 11.46 9.76
CA ARG G 145 -15.92 12.83 9.59
C ARG G 145 -15.88 13.18 8.11
N GLU G 146 -15.21 12.33 7.33
CA GLU G 146 -15.12 12.50 5.88
C GLU G 146 -16.48 12.59 5.21
N PHE G 147 -17.41 11.74 5.67
CA PHE G 147 -18.75 11.71 5.11
C PHE G 147 -19.47 13.04 5.40
N VAL G 148 -19.35 13.51 6.63
CA VAL G 148 -20.00 14.76 7.06
C VAL G 148 -19.42 15.99 6.34
N GLU G 149 -18.10 16.09 6.33
CA GLU G 149 -17.44 17.20 5.65
C GLU G 149 -17.83 17.28 4.17
N LYS G 150 -17.92 16.13 3.50
CA LYS G 150 -18.33 16.09 2.10
C LYS G 150 -19.82 16.42 1.92
N VAL G 151 -20.66 15.79 2.72
CA VAL G 151 -22.11 16.02 2.71
C VAL G 151 -22.48 17.48 2.95
N LEU G 152 -21.79 18.11 3.89
CA LEU G 152 -22.06 19.50 4.24
C LEU G 152 -21.16 20.45 3.48
N GLY G 153 -20.29 19.89 2.65
CA GLY G 153 -19.38 20.67 1.85
C GLY G 153 -18.49 21.58 2.69
N ILE G 154 -18.01 21.06 3.82
CA ILE G 154 -17.09 21.81 4.66
C ILE G 154 -15.82 22.15 3.89
N ASN G 155 -15.44 23.42 3.90
CA ASN G 155 -14.24 23.86 3.20
C ASN G 155 -13.25 24.61 4.08
N LEU G 156 -12.24 25.19 3.47
CA LEU G 156 -11.18 25.86 4.19
C LEU G 156 -11.68 27.13 4.88
N GLU G 157 -12.59 27.83 4.22
CA GLU G 157 -13.20 29.03 4.79
C GLU G 157 -13.93 28.72 6.09
N ASP G 158 -14.63 27.60 6.12
CA ASP G 158 -15.25 27.07 7.34
C ASP G 158 -14.21 26.85 8.43
N PHE G 159 -13.09 26.23 8.03
CA PHE G 159 -12.01 25.92 8.96
C PHE G 159 -11.44 27.18 9.63
N ILE G 160 -10.96 28.12 8.82
CA ILE G 160 -10.44 29.39 9.32
C ILE G 160 -11.42 30.07 10.28
N ALA G 161 -12.70 30.02 9.94
CA ALA G 161 -13.73 30.68 10.73
C ALA G 161 -13.82 30.12 12.15
N VAL G 162 -13.78 28.79 12.27
CA VAL G 162 -13.92 28.19 13.59
C VAL G 162 -12.65 28.33 14.41
N ILE G 163 -11.51 28.52 13.75
CA ILE G 163 -10.29 28.90 14.46
C ILE G 163 -10.08 30.40 14.26
N LYS H 2 16.64 26.14 13.45
CA LYS H 2 15.97 26.84 14.55
C LYS H 2 16.41 26.30 15.90
N GLU H 3 16.65 27.20 16.85
CA GLU H 3 16.90 26.76 18.21
C GLU H 3 15.59 26.56 18.93
N ILE H 4 15.32 25.33 19.31
CA ILE H 4 14.14 24.99 20.08
C ILE H 4 14.58 24.74 21.50
N LYS H 5 13.87 25.31 22.48
CA LYS H 5 14.21 25.11 23.89
C LYS H 5 13.12 24.33 24.60
N LEU H 6 11.98 24.17 23.94
CA LEU H 6 10.88 23.41 24.51
C LEU H 6 10.10 22.68 23.41
N ILE H 7 9.83 21.41 23.66
CA ILE H 7 9.04 20.60 22.76
C ILE H 7 7.70 20.23 23.39
N LEU H 8 6.61 20.59 22.74
CA LEU H 8 5.29 20.32 23.27
C LEU H 8 4.57 19.38 22.35
N THR H 9 3.66 18.60 22.89
CA THR H 9 3.01 17.57 22.10
C THR H 9 1.62 17.27 22.58
N ASP H 10 0.71 17.07 21.63
CA ASP H 10 -0.63 16.54 21.88
C ASP H 10 -0.49 15.03 21.99
N ILE H 11 -1.50 14.36 22.54
CA ILE H 11 -1.48 12.90 22.73
C ILE H 11 -2.26 12.16 21.64
N ASP H 12 -3.59 12.34 21.65
CA ASP H 12 -4.46 11.62 20.72
C ASP H 12 -4.23 12.04 19.29
N GLY H 13 -3.81 11.09 18.46
CA GLY H 13 -3.58 11.36 17.06
C GLY H 13 -2.11 11.63 16.78
N VAL H 14 -1.32 11.67 17.85
CA VAL H 14 0.12 11.85 17.72
C VAL H 14 0.83 10.65 18.35
N TRP H 15 0.57 10.45 19.63
CA TRP H 15 1.13 9.31 20.34
C TRP H 15 0.30 8.06 20.10
N THR H 16 -0.87 8.25 19.49
CA THR H 16 -1.76 7.16 19.10
C THR H 16 -2.30 7.45 17.69
N ASP H 17 -2.97 6.48 17.08
CA ASP H 17 -3.63 6.71 15.80
C ASP H 17 -5.00 7.38 15.94
N GLY H 18 -5.26 7.96 17.11
CA GLY H 18 -6.52 8.60 17.39
C GLY H 18 -7.50 7.59 17.96
N GLY H 19 -7.02 6.37 18.11
CA GLY H 19 -7.85 5.27 18.57
C GLY H 19 -8.23 5.36 20.02
N MET H 20 -9.53 5.21 20.27
CA MET H 20 -10.03 5.10 21.63
C MET H 20 -10.75 3.77 21.81
N PHE H 21 -10.15 2.91 22.61
CA PHE H 21 -10.69 1.59 22.90
C PHE H 21 -11.62 1.67 24.10
N TYR H 22 -12.88 1.29 23.91
CA TYR H 22 -13.83 1.25 25.01
C TYR H 22 -14.18 -0.20 25.33
N ASP H 23 -14.21 -0.56 26.62
CA ASP H 23 -14.72 -1.86 27.02
C ASP H 23 -16.24 -1.85 27.11
N GLN H 24 -16.83 -2.97 27.52
CA GLN H 24 -18.27 -3.13 27.52
C GLN H 24 -18.97 -2.09 28.40
N THR H 25 -18.26 -1.63 29.44
CA THR H 25 -18.80 -0.64 30.37
C THR H 25 -18.31 0.79 30.12
N GLY H 26 -17.64 1.03 28.99
CA GLY H 26 -17.21 2.37 28.62
C GLY H 26 -15.95 2.89 29.28
N ASN H 27 -15.09 1.99 29.77
CA ASN H 27 -13.77 2.37 30.27
C ASN H 27 -12.77 2.46 29.12
N GLU H 28 -11.96 3.51 29.10
CA GLU H 28 -11.07 3.77 27.97
C GLU H 28 -9.75 3.06 28.07
N TRP H 29 -9.22 2.64 26.91
CA TRP H 29 -7.83 2.25 26.78
C TRP H 29 -7.16 3.11 25.70
N LYS H 30 -5.86 3.36 25.84
CA LYS H 30 -5.08 3.97 24.76
C LYS H 30 -3.90 3.10 24.37
N LYS H 31 -3.59 3.07 23.07
CA LYS H 31 -2.47 2.28 22.56
C LYS H 31 -1.27 3.16 22.21
N PHE H 32 -0.24 3.15 23.06
CA PHE H 32 0.97 3.89 22.77
C PHE H 32 1.96 3.08 21.94
N ASN H 33 3.05 3.72 21.57
CA ASN H 33 4.06 3.07 20.77
C ASN H 33 5.38 3.26 21.46
N THR H 34 6.02 2.14 21.82
CA THR H 34 7.28 2.17 22.54
C THR H 34 8.32 3.01 21.80
N SER H 35 8.16 3.13 20.49
CA SER H 35 9.13 3.85 19.68
C SER H 35 9.22 5.33 20.06
N ASP H 36 8.10 5.90 20.48
CA ASP H 36 8.05 7.32 20.81
C ASP H 36 8.84 7.63 22.08
N SER H 37 9.15 6.60 22.86
CA SER H 37 9.93 6.80 24.08
C SER H 37 11.27 7.47 23.76
N ALA H 38 11.87 7.09 22.63
CA ALA H 38 13.17 7.66 22.24
C ALA H 38 13.09 9.15 21.96
N GLY H 39 11.91 9.64 21.57
CA GLY H 39 11.70 11.05 21.37
C GLY H 39 12.04 11.85 22.63
N ILE H 40 11.69 11.29 23.78
CA ILE H 40 11.99 11.92 25.07
C ILE H 40 13.48 11.80 25.38
N PHE H 41 14.05 10.67 24.99
CA PHE H 41 15.46 10.42 25.21
C PHE H 41 16.33 11.47 24.51
N TRP H 42 16.00 11.75 23.25
CA TRP H 42 16.79 12.67 22.45
C TRP H 42 16.64 14.10 22.94
N ALA H 43 15.44 14.47 23.36
CA ALA H 43 15.21 15.83 23.84
C ALA H 43 16.05 16.06 25.10
N HIS H 44 15.97 15.12 26.04
CA HIS H 44 16.75 15.20 27.27
C HIS H 44 18.26 15.09 27.04
N ASN H 45 18.66 14.22 26.11
CA ASN H 45 20.07 14.13 25.71
C ASN H 45 20.59 15.49 25.28
N LYS H 46 19.79 16.18 24.46
CA LYS H 46 20.13 17.50 23.98
C LYS H 46 19.81 18.57 25.03
N GLY H 47 19.36 18.11 26.19
CA GLY H 47 19.04 18.97 27.31
C GLY H 47 17.83 19.86 27.10
N ILE H 48 16.74 19.29 26.58
CA ILE H 48 15.56 20.05 26.21
C ILE H 48 14.27 19.42 26.72
N PRO H 49 13.51 20.17 27.52
CA PRO H 49 12.28 19.67 28.17
C PRO H 49 11.18 19.31 27.18
N VAL H 50 10.34 18.35 27.55
CA VAL H 50 9.15 18.01 26.79
C VAL H 50 7.87 18.24 27.61
N GLY H 51 6.86 18.83 26.98
CA GLY H 51 5.59 19.03 27.65
C GLY H 51 4.42 18.46 26.87
N ILE H 52 3.42 18.00 27.60
CA ILE H 52 2.23 17.44 27.00
C ILE H 52 1.05 18.36 27.25
N LEU H 53 0.34 18.72 26.19
CA LEU H 53 -0.92 19.45 26.29
C LEU H 53 -2.03 18.56 25.76
N THR H 54 -3.05 18.30 26.57
CA THR H 54 -4.22 17.56 26.08
C THR H 54 -5.54 18.10 26.61
N GLY H 55 -6.54 18.15 25.73
CA GLY H 55 -7.84 18.67 26.09
C GLY H 55 -8.62 17.71 26.96
N ALA H 56 -8.15 16.47 27.04
CA ALA H 56 -8.80 15.46 27.85
C ALA H 56 -8.01 15.25 29.12
N LYS H 57 -8.56 14.46 30.03
CA LYS H 57 -7.86 14.13 31.27
C LYS H 57 -8.08 12.65 31.63
N THR H 58 -6.99 11.89 31.66
CA THR H 58 -7.07 10.46 31.90
C THR H 58 -5.91 10.00 32.78
N GLU H 59 -6.15 8.94 33.52
CA GLU H 59 -5.07 8.30 34.25
C GLU H 59 -4.13 7.61 33.25
N ILE H 60 -4.67 7.23 32.09
CA ILE H 60 -3.88 6.60 31.02
C ILE H 60 -2.70 7.47 30.65
N VAL H 61 -2.97 8.76 30.46
CA VAL H 61 -1.93 9.70 30.04
C VAL H 61 -1.08 10.15 31.21
N ARG H 62 -1.66 10.22 32.40
CA ARG H 62 -0.85 10.55 33.56
C ARG H 62 0.24 9.50 33.76
N ARG H 63 -0.14 8.23 33.63
CA ARG H 63 0.79 7.14 33.88
C ARG H 63 1.83 6.97 32.78
N ARG H 64 1.42 7.25 31.54
CA ARG H 64 2.33 7.14 30.41
C ARG H 64 3.37 8.27 30.42
N ALA H 65 2.99 9.43 30.93
CA ALA H 65 3.89 10.57 31.04
C ALA H 65 4.90 10.37 32.16
N GLU H 66 4.46 9.69 33.23
CA GLU H 66 5.33 9.39 34.35
C GLU H 66 6.38 8.38 33.87
N ALA H 67 5.90 7.31 33.26
CA ALA H 67 6.76 6.26 32.69
C ALA H 67 7.84 6.80 31.74
N LEU H 68 7.45 7.72 30.86
CA LEU H 68 8.39 8.30 29.90
C LEU H 68 9.13 9.49 30.52
N LYS H 69 8.77 9.81 31.77
CA LYS H 69 9.40 10.89 32.55
C LYS H 69 9.33 12.24 31.84
N VAL H 70 8.17 12.57 31.32
CA VAL H 70 7.93 13.86 30.70
C VAL H 70 8.12 14.97 31.74
N ASP H 71 8.59 16.14 31.29
CA ASP H 71 8.85 17.24 32.21
C ASP H 71 7.60 17.99 32.66
N TYR H 72 6.58 18.02 31.80
CA TYR H 72 5.39 18.81 32.09
C TYR H 72 4.16 18.13 31.50
N LEU H 73 3.11 17.99 32.30
CA LEU H 73 1.84 17.45 31.82
C LEU H 73 0.70 18.42 32.13
N PHE H 74 -0.04 18.79 31.09
CA PHE H 74 -1.23 19.59 31.28
C PHE H 74 -2.41 18.90 30.65
N GLN H 75 -3.34 18.45 31.49
CA GLN H 75 -4.55 17.80 31.00
C GLN H 75 -5.73 18.72 31.19
N GLY H 76 -6.88 18.33 30.62
CA GLY H 76 -8.06 19.17 30.65
C GLY H 76 -7.78 20.59 30.18
N VAL H 77 -6.88 20.71 29.20
CA VAL H 77 -6.53 22.01 28.62
C VAL H 77 -7.65 22.52 27.70
N VAL H 78 -8.11 23.74 27.93
CA VAL H 78 -9.24 24.28 27.17
C VAL H 78 -8.76 25.13 25.98
N ASP H 79 -7.59 25.74 26.13
CA ASP H 79 -7.01 26.64 25.15
C ASP H 79 -5.52 26.33 25.06
N LYS H 80 -5.14 25.51 24.08
CA LYS H 80 -3.76 25.03 24.00
C LYS H 80 -2.77 26.15 23.76
N LEU H 81 -3.16 27.13 22.96
CA LEU H 81 -2.34 28.31 22.74
C LEU H 81 -2.12 29.09 24.03
N SER H 82 -3.18 29.25 24.81
CA SER H 82 -3.06 30.00 26.06
C SER H 82 -2.16 29.26 27.04
N ALA H 83 -2.30 27.94 27.08
CA ALA H 83 -1.52 27.13 28.01
C ALA H 83 -0.05 27.11 27.65
N ALA H 84 0.24 27.14 26.35
CA ALA H 84 1.62 27.18 25.87
C ALA H 84 2.29 28.51 26.20
N GLU H 85 1.55 29.60 26.11
CA GLU H 85 2.10 30.92 26.40
C GLU H 85 2.53 31.06 27.85
N GLU H 86 1.66 30.62 28.76
CA GLU H 86 1.93 30.72 30.19
C GLU H 86 3.18 29.92 30.54
N LEU H 87 3.32 28.77 29.88
CA LEU H 87 4.49 27.93 30.08
C LEU H 87 5.74 28.65 29.62
N CYS H 88 5.70 29.20 28.42
CA CYS H 88 6.80 29.98 27.87
C CYS H 88 7.13 31.15 28.79
N ASN H 89 6.07 31.78 29.30
CA ASN H 89 6.20 32.83 30.28
C ASN H 89 6.93 32.34 31.52
N GLU H 90 6.61 31.12 31.96
CA GLU H 90 7.24 30.56 33.14
C GLU H 90 8.72 30.28 32.89
N LEU H 91 9.03 29.81 31.69
CA LEU H 91 10.38 29.42 31.33
C LEU H 91 11.20 30.59 30.78
N GLY H 92 10.51 31.62 30.32
CA GLY H 92 11.20 32.78 29.76
C GLY H 92 11.60 32.59 28.30
N ILE H 93 10.82 31.82 27.56
CA ILE H 93 11.05 31.64 26.13
C ILE H 93 9.89 32.21 25.32
N ASN H 94 10.12 32.43 24.04
CA ASN H 94 9.03 32.79 23.15
C ASN H 94 8.51 31.56 22.40
N LEU H 95 7.30 31.69 21.86
CA LEU H 95 6.67 30.65 21.06
C LEU H 95 7.52 30.25 19.84
N GLU H 96 8.22 31.21 19.25
CA GLU H 96 9.11 30.94 18.12
C GLU H 96 10.23 29.99 18.53
N GLN H 97 10.46 29.88 19.84
CA GLN H 97 11.45 28.95 20.37
C GLN H 97 10.83 27.59 20.75
N VAL H 98 9.58 27.37 20.34
CA VAL H 98 8.87 26.16 20.71
C VAL H 98 8.48 25.32 19.49
N ALA H 99 8.61 24.00 19.65
CA ALA H 99 8.20 23.06 18.62
C ALA H 99 6.99 22.31 19.16
N TYR H 100 5.90 22.31 18.39
CA TYR H 100 4.67 21.66 18.81
C TYR H 100 4.14 20.71 17.75
N ILE H 101 3.59 19.59 18.18
CA ILE H 101 2.95 18.66 17.26
C ILE H 101 1.54 18.30 17.74
N GLY H 102 0.57 18.46 16.84
CA GLY H 102 -0.83 18.27 17.16
C GLY H 102 -1.50 17.74 15.91
N ASP H 103 -2.79 17.40 15.98
CA ASP H 103 -3.41 16.76 14.83
C ASP H 103 -4.84 17.19 14.49
N ASP H 104 -5.44 18.05 15.32
CA ASP H 104 -6.85 18.37 15.12
C ASP H 104 -7.21 19.86 15.33
N LEU H 105 -8.51 20.17 15.34
CA LEU H 105 -8.98 21.55 15.35
C LEU H 105 -8.50 22.34 16.56
N ASN H 106 -8.47 21.69 17.72
CA ASN H 106 -8.07 22.38 18.95
C ASN H 106 -6.56 22.65 19.03
N ASP H 107 -5.81 22.16 18.04
CA ASP H 107 -4.37 22.43 17.95
C ASP H 107 -4.02 23.53 16.96
N ALA H 108 -4.96 23.90 16.11
CA ALA H 108 -4.68 24.79 14.98
C ALA H 108 -4.08 26.13 15.37
N LYS H 109 -4.74 26.82 16.30
CA LYS H 109 -4.24 28.11 16.81
C LYS H 109 -2.79 28.02 17.28
N LEU H 110 -2.46 26.96 18.01
CA LEU H 110 -1.10 26.81 18.50
C LEU H 110 -0.09 26.45 17.40
N LEU H 111 -0.45 25.52 16.51
CA LEU H 111 0.40 25.18 15.38
C LEU H 111 0.79 26.39 14.53
N LYS H 112 -0.12 27.36 14.40
CA LYS H 112 0.13 28.55 13.59
C LYS H 112 1.04 29.58 14.28
N ARG H 113 1.40 29.33 15.54
CA ARG H 113 2.18 30.31 16.30
C ARG H 113 3.58 29.84 16.68
N VAL H 114 3.82 28.53 16.69
CA VAL H 114 5.11 28.00 17.13
C VAL H 114 6.20 28.12 16.05
N GLY H 115 7.45 28.01 16.48
CA GLY H 115 8.58 28.05 15.56
C GLY H 115 8.59 26.86 14.61
N ILE H 116 8.30 25.69 15.14
CA ILE H 116 8.19 24.50 14.31
C ILE H 116 6.90 23.76 14.61
N ALA H 117 6.01 23.72 13.61
CA ALA H 117 4.72 23.03 13.75
C ALA H 117 4.83 21.67 13.09
N GLY H 118 4.37 20.63 13.79
CA GLY H 118 4.39 19.29 13.24
C GLY H 118 3.01 18.65 13.24
N VAL H 119 2.65 17.99 12.13
CA VAL H 119 1.37 17.28 12.05
C VAL H 119 1.57 15.92 11.40
N PRO H 120 1.08 14.85 12.05
CA PRO H 120 1.21 13.49 11.49
C PRO H 120 0.55 13.35 10.12
N ALA H 121 1.03 12.39 9.34
CA ALA H 121 0.49 12.14 8.01
C ALA H 121 -0.98 11.73 8.07
N SER H 122 -1.40 11.20 9.21
CA SER H 122 -2.75 10.66 9.33
C SER H 122 -3.80 11.75 9.53
N ALA H 123 -3.35 12.93 9.93
CA ALA H 123 -4.26 13.96 10.39
C ALA H 123 -5.10 14.58 9.26
N PRO H 124 -6.30 15.10 9.60
CA PRO H 124 -7.17 15.76 8.62
C PRO H 124 -6.39 16.78 7.81
N PHE H 125 -6.79 16.96 6.55
CA PHE H 125 -6.07 17.80 5.61
C PHE H 125 -5.81 19.25 6.07
N TYR H 126 -6.82 19.88 6.65
CA TYR H 126 -6.70 21.30 6.99
C TYR H 126 -5.70 21.49 8.13
N ILE H 127 -5.47 20.44 8.91
CA ILE H 127 -4.45 20.50 9.96
C ILE H 127 -3.09 20.16 9.36
N ARG H 128 -3.03 19.09 8.58
CA ARG H 128 -1.78 18.63 7.98
C ARG H 128 -1.05 19.74 7.22
N ARG H 129 -1.81 20.57 6.52
CA ARG H 129 -1.21 21.66 5.77
C ARG H 129 -0.60 22.75 6.66
N LEU H 130 -0.86 22.69 7.97
CA LEU H 130 -0.28 23.67 8.88
C LEU H 130 1.15 23.28 9.27
N SER H 131 1.49 22.01 9.07
CA SER H 131 2.83 21.50 9.43
C SER H 131 3.91 22.27 8.66
N THR H 132 5.01 22.59 9.34
CA THR H 132 6.09 23.32 8.70
C THR H 132 7.27 22.42 8.33
N ILE H 133 7.22 21.19 8.83
CA ILE H 133 8.18 20.17 8.41
C ILE H 133 7.43 18.91 8.01
N PHE H 134 8.00 18.14 7.09
CA PHE H 134 7.34 16.95 6.60
C PHE H 134 7.53 15.75 7.52
N LEU H 135 6.41 15.17 7.92
CA LEU H 135 6.42 13.96 8.73
C LEU H 135 5.76 12.82 7.95
N GLU H 136 6.55 11.81 7.63
CA GLU H 136 6.09 10.63 6.91
C GLU H 136 5.14 9.76 7.74
N LYS H 137 5.37 9.71 9.04
CA LYS H 137 4.63 8.77 9.87
C LYS H 137 3.28 9.30 10.32
N ARG H 138 2.36 8.36 10.52
CA ARG H 138 1.03 8.65 11.03
C ARG H 138 1.04 8.58 12.55
N GLY H 139 -0.04 9.04 13.18
CA GLY H 139 -0.18 8.92 14.62
C GLY H 139 -0.09 7.47 15.07
N GLY H 140 0.62 7.24 16.17
CA GLY H 140 0.75 5.90 16.72
C GLY H 140 1.84 5.06 16.07
N GLU H 141 2.52 5.63 15.09
CA GLU H 141 3.48 4.90 14.27
C GLU H 141 4.92 5.25 14.65
N GLY H 142 5.07 6.13 15.63
CA GLY H 142 6.36 6.59 16.08
C GLY H 142 6.65 7.97 15.54
N VAL H 143 5.59 8.76 15.31
CA VAL H 143 5.75 10.07 14.71
C VAL H 143 6.24 11.13 15.69
N PHE H 144 5.97 10.92 16.98
CA PHE H 144 6.53 11.81 17.97
C PHE H 144 8.05 11.70 17.96
N ARG H 145 8.54 10.47 17.87
CA ARG H 145 9.98 10.23 17.73
C ARG H 145 10.53 10.87 16.48
N GLU H 146 9.81 10.73 15.36
CA GLU H 146 10.22 11.33 14.09
C GLU H 146 10.29 12.86 14.17
N PHE H 147 9.28 13.47 14.78
CA PHE H 147 9.26 14.92 14.96
C PHE H 147 10.47 15.39 15.76
N VAL H 148 10.71 14.74 16.90
CA VAL H 148 11.83 15.12 17.77
C VAL H 148 13.16 15.01 17.04
N GLU H 149 13.36 13.89 16.35
CA GLU H 149 14.60 13.67 15.63
C GLU H 149 14.82 14.74 14.54
N LYS H 150 13.80 15.05 13.76
CA LYS H 150 13.96 16.07 12.72
C LYS H 150 14.20 17.46 13.33
N VAL H 151 13.45 17.78 14.39
CA VAL H 151 13.52 19.07 15.04
C VAL H 151 14.88 19.34 15.70
N LEU H 152 15.47 18.30 16.28
CA LEU H 152 16.75 18.43 16.94
C LEU H 152 17.92 18.13 16.01
N GLY H 153 17.62 17.77 14.77
CA GLY H 153 18.67 17.48 13.80
C GLY H 153 19.50 16.27 14.16
N ILE H 154 18.92 15.37 14.95
CA ILE H 154 19.57 14.13 15.32
C ILE H 154 20.05 13.36 14.09
N ASN H 155 21.32 12.97 14.08
CA ASN H 155 21.87 12.23 12.94
C ASN H 155 22.54 10.94 13.38
N LEU H 156 23.14 10.23 12.43
CA LEU H 156 23.83 8.97 12.71
C LEU H 156 25.00 9.16 13.69
N GLU H 157 25.61 10.35 13.68
CA GLU H 157 26.68 10.69 14.61
C GLU H 157 26.20 10.61 16.06
N ASP H 158 24.98 11.09 16.30
CA ASP H 158 24.38 11.05 17.63
C ASP H 158 24.15 9.60 18.03
N PHE H 159 23.63 8.82 17.09
CA PHE H 159 23.32 7.43 17.34
C PHE H 159 24.56 6.66 17.78
N ILE H 160 25.63 6.80 17.01
CA ILE H 160 26.90 6.11 17.29
C ILE H 160 27.48 6.50 18.65
N ALA H 161 27.36 7.78 19.00
CA ALA H 161 27.86 8.30 20.27
C ALA H 161 27.06 7.80 21.48
N VAL H 162 25.74 7.70 21.34
CA VAL H 162 24.94 7.18 22.46
C VAL H 162 25.09 5.67 22.68
N ILE H 163 25.28 4.91 21.60
CA ILE H 163 25.45 3.45 21.75
C ILE H 163 26.93 3.06 21.76
MG MG I . -11.60 3.17 -21.50
MG MG J . 4.96 20.23 -12.75
MG MG K . 5.87 -15.00 -18.85
MG MG L . 22.21 2.35 -10.26
MG MG M . -5.47 -20.96 13.63
MG MG N . 11.80 -3.17 21.42
MG MG O . -22.07 -1.89 10.66
MG MG P . -5.21 15.09 19.20
#